data_6DJQ
#
_entry.id   6DJQ
#
_cell.length_a   69.060
_cell.length_b   121.220
_cell.length_c   104.560
_cell.angle_alpha   90.00
_cell.angle_beta   90.60
_cell.angle_gamma   90.00
#
_symmetry.space_group_name_H-M   'P 1 21 1'
#
loop_
_entity.id
_entity.type
_entity.pdbx_description
1 polymer 'Vps1 GTPase-BSE'
2 non-polymer "GUANOSINE-5'-DIPHOSPHATE"
3 non-polymer 'TETRAFLUOROALUMINATE ION'
4 non-polymer 'MAGNESIUM ION'
5 non-polymer 'SODIUM ION'
6 water water
#
_entity_poly.entity_id   1
_entity_poly.type   'polypeptide(L)'
_entity_poly.pdbx_seq_one_letter_code
;GPMTADAPAGTLAQPGGISDPNLIKLVNKLQDVFTTVGVNNPIDLPQIVVVGSQSSGKSSVLENIVGRDFLPRGQGIVTR
RPLVLQLINRQSSGNANGFDERLADSTDKAANLDEWGEFLHLPGQKFYDFNKIRDEINRETEAKVGRNAGISPAPINLRI
YSPHVLNLTLVDLPGLTRVPVGDQPRDIERQIRDMILKYIQKPNAIILAVTAANVDLANSDGLKLAREVDPEGQRTIGVL
TKVDLMDEGTDVVDILAGRIIPLRLGYVPVVNRGQRDIDNKKPITAALEAEKAFFENHKAYRNKSAYCGTPYLARKLNLI
LMMHIKQTLPDIKQRISSSLQKYQQELEALGPSLLGAGAGAESDYTVRRRKECQQMVESLQRAAEIVSQVQ
;
_entity_poly.pdbx_strand_id   A,B,C,D
#
# COMPACT_ATOMS: atom_id res chain seq x y z
N ALA A 13 11.55 21.05 8.84
CA ALA A 13 11.28 21.40 7.45
C ALA A 13 12.48 22.11 6.82
N GLN A 14 13.21 21.39 5.97
CA GLN A 14 14.48 21.87 5.45
C GLN A 14 14.30 22.52 4.09
N PRO A 15 14.73 23.77 3.91
CA PRO A 15 14.55 24.45 2.62
C PRO A 15 15.51 23.94 1.55
N GLY A 16 15.05 24.03 0.30
CA GLY A 16 15.88 23.67 -0.82
C GLY A 16 15.90 22.19 -1.12
N GLY A 17 14.83 21.49 -0.81
CA GLY A 17 14.75 20.05 -0.99
C GLY A 17 13.33 19.63 -1.23
N ILE A 18 12.99 18.44 -0.75
CA ILE A 18 11.66 17.90 -0.98
C ILE A 18 10.64 18.47 -0.01
N SER A 19 11.08 19.07 1.09
CA SER A 19 10.19 19.77 2.01
C SER A 19 10.29 21.26 1.84
N ASP A 20 10.64 21.69 0.63
CA ASP A 20 10.81 23.10 0.32
C ASP A 20 9.49 23.84 0.52
N PRO A 21 9.47 24.91 1.31
CA PRO A 21 8.21 25.66 1.47
C PRO A 21 7.65 26.15 0.15
N ASN A 22 8.52 26.60 -0.77
CA ASN A 22 8.06 27.05 -2.07
C ASN A 22 7.34 25.94 -2.83
N LEU A 23 7.90 24.73 -2.82
CA LEU A 23 7.28 23.61 -3.53
C LEU A 23 5.93 23.25 -2.93
N ILE A 24 5.85 23.20 -1.59
CA ILE A 24 4.59 22.87 -0.94
C ILE A 24 3.53 23.92 -1.26
N LYS A 25 3.91 25.21 -1.19
CA LYS A 25 2.99 26.28 -1.56
C LYS A 25 2.52 26.11 -3.00
N LEU A 26 3.43 25.78 -3.91
CA LEU A 26 3.07 25.58 -5.31
C LEU A 26 2.03 24.47 -5.45
N VAL A 27 2.29 23.33 -4.82
CA VAL A 27 1.37 22.20 -4.96
C VAL A 27 0.00 22.55 -4.39
N ASN A 28 -0.03 23.19 -3.22
CA ASN A 28 -1.32 23.57 -2.63
C ASN A 28 -2.08 24.56 -3.50
N LYS A 29 -1.38 25.56 -4.03
CA LYS A 29 -2.02 26.52 -4.92
C LYS A 29 -2.62 25.83 -6.14
N LEU A 30 -1.83 24.99 -6.81
CA LEU A 30 -2.32 24.31 -8.01
C LEU A 30 -3.48 23.38 -7.68
N GLN A 31 -3.42 22.71 -6.51
CA GLN A 31 -4.50 21.82 -6.11
C GLN A 31 -5.80 22.59 -5.93
N ASP A 32 -5.73 23.73 -5.24
CA ASP A 32 -6.92 24.56 -5.08
C ASP A 32 -7.43 25.06 -6.42
N VAL A 33 -6.50 25.47 -7.30
CA VAL A 33 -6.88 25.92 -8.64
C VAL A 33 -7.72 24.85 -9.34
N PHE A 34 -7.20 23.63 -9.39
CA PHE A 34 -7.93 22.55 -10.06
C PHE A 34 -9.26 22.27 -9.37
N THR A 35 -9.28 22.32 -8.04
CA THR A 35 -10.49 22.08 -7.28
C THR A 35 -11.46 23.27 -7.34
N THR A 36 -11.11 24.31 -8.08
CA THR A 36 -12.00 25.47 -8.26
C THR A 36 -12.45 25.63 -9.72
N VAL A 37 -12.21 24.65 -10.57
CA VAL A 37 -12.59 24.74 -11.98
C VAL A 37 -13.06 23.38 -12.49
N GLY A 38 -13.32 22.45 -11.59
CA GLY A 38 -13.78 21.13 -11.97
C GLY A 38 -12.80 20.43 -12.91
N VAL A 39 -11.55 20.34 -12.49
CA VAL A 39 -10.50 19.70 -13.28
C VAL A 39 -9.78 18.72 -12.36
N ASN A 40 -9.72 17.45 -12.78
CA ASN A 40 -9.03 16.45 -11.98
C ASN A 40 -7.55 16.76 -11.88
N ASN A 41 -6.95 16.37 -10.78
CA ASN A 41 -5.56 16.71 -10.49
C ASN A 41 -4.63 15.74 -11.22
N PRO A 42 -3.70 16.21 -12.04
CA PRO A 42 -2.78 15.30 -12.74
C PRO A 42 -1.45 15.09 -12.03
N ILE A 43 -1.19 15.80 -10.95
CA ILE A 43 0.09 15.69 -10.23
C ILE A 43 0.18 14.32 -9.58
N ASP A 44 0.95 13.42 -10.21
CA ASP A 44 1.20 12.08 -9.71
C ASP A 44 2.70 11.99 -9.40
N LEU A 45 3.10 12.45 -8.21
CA LEU A 45 4.50 12.47 -7.88
C LEU A 45 5.01 11.05 -7.63
N PRO A 46 6.23 10.74 -8.04
CA PRO A 46 6.77 9.40 -7.82
C PRO A 46 7.16 9.19 -6.37
N GLN A 47 7.22 7.92 -5.98
CA GLN A 47 7.75 7.54 -4.68
C GLN A 47 9.25 7.34 -4.77
N ILE A 48 9.94 7.64 -3.68
CA ILE A 48 11.39 7.56 -3.61
C ILE A 48 11.77 6.29 -2.87
N VAL A 49 12.54 5.41 -3.51
CA VAL A 49 12.88 4.11 -2.95
C VAL A 49 14.39 3.97 -2.90
N VAL A 50 14.93 3.55 -1.74
CA VAL A 50 16.35 3.30 -1.58
C VAL A 50 16.60 1.81 -1.80
N VAL A 51 17.62 1.50 -2.61
CA VAL A 51 17.97 0.12 -2.89
C VAL A 51 19.49 -0.02 -2.90
N GLY A 52 19.99 -1.11 -2.33
CA GLY A 52 21.43 -1.33 -2.27
C GLY A 52 21.73 -2.54 -1.41
N SER A 53 23.03 -2.79 -1.25
CA SER A 53 23.50 -3.92 -0.48
C SER A 53 23.23 -3.71 1.02
N GLN A 54 23.39 -4.77 1.79
CA GLN A 54 23.16 -4.69 3.23
C GLN A 54 24.11 -3.71 3.88
N SER A 55 23.58 -2.94 4.82
CA SER A 55 24.34 -1.96 5.60
C SER A 55 25.02 -0.92 4.71
N SER A 56 24.52 -0.72 3.49
CA SER A 56 25.12 0.29 2.62
C SER A 56 24.76 1.71 3.04
N GLY A 57 23.81 1.89 3.96
CA GLY A 57 23.44 3.20 4.44
C GLY A 57 22.18 3.76 3.82
N LYS A 58 21.19 2.90 3.57
CA LYS A 58 19.95 3.34 2.95
C LYS A 58 19.06 4.10 3.93
N SER A 59 18.84 3.54 5.12
CA SER A 59 17.99 4.20 6.11
C SER A 59 18.56 5.56 6.49
N SER A 60 19.88 5.66 6.60
CA SER A 60 20.52 6.94 6.89
C SER A 60 20.16 7.97 5.84
N VAL A 61 20.29 7.59 4.57
CA VAL A 61 19.98 8.53 3.47
C VAL A 61 18.52 8.94 3.51
N LEU A 62 17.62 7.97 3.72
CA LEU A 62 16.19 8.29 3.69
C LEU A 62 15.82 9.24 4.83
N GLU A 63 16.31 8.97 6.04
CA GLU A 63 16.01 9.86 7.16
C GLU A 63 16.67 11.23 6.98
N ASN A 64 17.85 11.28 6.34
CA ASN A 64 18.45 12.56 6.04
C ASN A 64 17.58 13.36 5.08
N ILE A 65 16.94 12.67 4.14
CA ILE A 65 15.99 13.32 3.25
C ILE A 65 14.80 13.86 4.04
N VAL A 66 14.30 13.06 4.98
CA VAL A 66 13.15 13.50 5.78
C VAL A 66 13.54 14.66 6.69
N GLY A 67 14.71 14.59 7.31
CA GLY A 67 15.24 15.66 8.14
C GLY A 67 15.18 15.40 9.62
N ARG A 68 14.51 14.34 10.06
CA ARG A 68 14.45 13.96 11.46
C ARG A 68 14.74 12.48 11.60
N ASP A 69 15.39 12.11 12.70
CA ASP A 69 15.70 10.71 12.95
C ASP A 69 14.44 9.93 13.30
N PHE A 70 14.22 8.82 12.59
CA PHE A 70 13.08 7.95 12.92
C PHE A 70 13.25 6.53 12.38
N LEU A 71 14.34 6.25 11.66
CA LEU A 71 14.55 4.90 11.13
C LEU A 71 15.60 4.15 11.96
N PRO A 72 15.38 2.89 12.29
CA PRO A 72 16.43 2.10 12.95
C PRO A 72 17.63 1.90 12.03
N ARG A 73 18.82 2.20 12.55
CA ARG A 73 20.06 2.07 11.79
C ARG A 73 21.07 1.29 12.60
N GLY A 74 22.02 0.67 11.89
CA GLY A 74 23.08 -0.07 12.55
C GLY A 74 23.68 -1.11 11.65
N GLN A 75 24.76 -1.72 12.14
CA GLN A 75 25.46 -2.74 11.38
C GLN A 75 24.62 -4.00 11.29
N GLY A 76 25.10 -4.97 10.52
CA GLY A 76 24.31 -6.14 10.33
C GLY A 76 23.00 -5.77 9.68
N ILE A 77 22.05 -6.70 9.77
CA ILE A 77 20.72 -6.48 9.21
C ILE A 77 19.87 -5.79 10.26
N VAL A 78 19.45 -4.57 9.96
CA VAL A 78 18.58 -3.79 10.84
C VAL A 78 17.18 -3.69 10.25
N THR A 79 17.06 -3.11 9.05
CA THR A 79 15.79 -3.09 8.35
C THR A 79 15.51 -4.49 7.79
N ARG A 80 14.44 -5.12 8.26
CA ARG A 80 14.07 -6.47 7.82
C ARG A 80 12.65 -6.54 7.29
N ARG A 81 11.96 -5.41 7.18
CA ARG A 81 10.64 -5.33 6.61
C ARG A 81 10.55 -4.03 5.83
N PRO A 82 9.85 -4.01 4.70
CA PRO A 82 9.66 -2.75 3.99
C PRO A 82 8.95 -1.74 4.89
N LEU A 83 9.47 -0.52 4.91
CA LEU A 83 8.80 0.59 5.59
C LEU A 83 8.32 1.54 4.52
N VAL A 84 7.01 1.61 4.34
CA VAL A 84 6.37 2.50 3.39
C VAL A 84 5.97 3.74 4.16
N LEU A 85 6.78 4.79 4.07
CA LEU A 85 6.47 6.06 4.72
C LEU A 85 5.60 6.90 3.81
N GLN A 86 4.47 7.37 4.34
CA GLN A 86 3.51 8.18 3.60
C GLN A 86 3.52 9.57 4.21
N LEU A 87 4.18 10.51 3.53
CA LEU A 87 4.13 11.91 3.91
C LEU A 87 2.77 12.50 3.59
N ILE A 88 2.21 13.25 4.53
CA ILE A 88 0.87 13.81 4.39
C ILE A 88 0.93 15.29 4.74
N ASN A 89 0.49 16.14 3.82
CA ASN A 89 0.44 17.57 4.07
C ASN A 89 -0.78 17.88 4.93
N ARG A 90 -0.59 18.70 5.96
CA ARG A 90 -1.64 18.97 6.93
C ARG A 90 -1.55 20.43 7.35
N GLN A 91 -2.51 21.24 6.89
CA GLN A 91 -2.62 22.61 7.36
C GLN A 91 -2.74 22.63 8.88
N SER A 92 -2.07 23.60 9.51
CA SER A 92 -1.99 23.63 10.97
C SER A 92 -3.37 23.86 11.59
N ALA A 110 12.76 18.39 19.38
CA ALA A 110 12.03 19.06 18.31
C ALA A 110 10.60 18.52 18.22
N ALA A 111 10.08 18.04 19.35
CA ALA A 111 8.73 17.49 19.39
C ALA A 111 7.72 18.60 19.15
N ASN A 112 7.25 18.70 17.91
CA ASN A 112 6.28 19.72 17.52
C ASN A 112 4.87 19.20 17.76
N LEU A 113 3.88 20.06 17.54
CA LEU A 113 2.48 19.72 17.73
C LEU A 113 1.70 19.63 16.43
N ASP A 114 2.07 20.42 15.42
CA ASP A 114 1.47 20.33 14.11
C ASP A 114 1.98 19.14 13.31
N GLU A 115 2.95 18.41 13.85
CA GLU A 115 3.60 17.31 13.15
C GLU A 115 3.52 16.05 13.99
N TRP A 116 3.24 14.92 13.35
CA TRP A 116 3.23 13.65 14.08
C TRP A 116 3.19 12.50 13.09
N GLY A 117 3.40 11.30 13.62
CA GLY A 117 3.33 10.09 12.83
C GLY A 117 2.30 9.14 13.43
N GLU A 118 1.67 8.36 12.56
CA GLU A 118 0.68 7.38 13.00
C GLU A 118 0.82 6.13 12.14
N PHE A 119 0.81 4.98 12.79
CA PHE A 119 0.93 3.70 12.12
C PHE A 119 -0.46 3.13 11.82
N LEU A 120 -0.54 2.39 10.71
CA LEU A 120 -1.80 1.78 10.33
C LEU A 120 -2.17 0.63 11.26
N HIS A 121 -1.17 -0.13 11.72
CA HIS A 121 -1.46 -1.24 12.62
C HIS A 121 -1.78 -0.75 14.03
N LEU A 122 -1.56 0.53 14.32
CA LEU A 122 -1.96 1.16 15.58
C LEU A 122 -2.86 2.35 15.24
N PRO A 123 -4.10 2.09 14.82
CA PRO A 123 -4.98 3.20 14.41
C PRO A 123 -5.38 4.06 15.61
N GLY A 124 -5.46 5.37 15.37
CA GLY A 124 -5.87 6.33 16.37
C GLY A 124 -4.73 6.90 17.19
N GLN A 125 -3.65 6.15 17.35
CA GLN A 125 -2.52 6.60 18.16
C GLN A 125 -1.66 7.58 17.36
N LYS A 126 -1.27 8.67 18.00
CA LYS A 126 -0.44 9.70 17.36
C LYS A 126 0.93 9.74 18.03
N PHE A 127 1.97 9.84 17.21
CA PHE A 127 3.36 9.85 17.66
C PHE A 127 3.96 11.22 17.38
N TYR A 128 4.02 12.07 18.41
CA TYR A 128 4.68 13.36 18.27
C TYR A 128 6.19 13.26 18.47
N ASP A 129 6.66 12.23 19.19
CA ASP A 129 8.09 12.02 19.41
C ASP A 129 8.60 11.04 18.35
N PHE A 130 9.48 11.51 17.47
CA PHE A 130 9.99 10.65 16.40
C PHE A 130 10.91 9.57 16.93
N ASN A 131 11.57 9.81 18.06
CA ASN A 131 12.32 8.73 18.71
C ASN A 131 11.39 7.58 19.07
N LYS A 132 10.17 7.90 19.52
CA LYS A 132 9.19 6.85 19.78
C LYS A 132 8.75 6.17 18.49
N ILE A 133 8.77 6.89 17.36
CA ILE A 133 8.48 6.27 16.08
C ILE A 133 9.55 5.23 15.74
N ARG A 134 10.82 5.58 15.92
CA ARG A 134 11.88 4.59 15.71
C ARG A 134 11.69 3.39 16.62
N ASP A 135 11.42 3.64 17.91
CA ASP A 135 11.22 2.54 18.85
C ASP A 135 10.06 1.65 18.41
N GLU A 136 8.99 2.24 17.89
CA GLU A 136 7.84 1.45 17.47
C GLU A 136 8.14 0.66 16.20
N ILE A 137 8.93 1.25 15.28
CA ILE A 137 9.37 0.50 14.11
C ILE A 137 10.15 -0.74 14.54
N ASN A 138 11.09 -0.55 15.47
CA ASN A 138 11.87 -1.68 15.96
C ASN A 138 10.96 -2.72 16.61
N ARG A 139 10.05 -2.28 17.47
CA ARG A 139 9.19 -3.23 18.19
C ARG A 139 8.31 -4.01 17.21
N GLU A 140 7.72 -3.30 16.25
CA GLU A 140 6.84 -3.95 15.28
C GLU A 140 7.63 -4.93 14.42
N THR A 141 8.84 -4.56 14.01
CA THR A 141 9.67 -5.48 13.24
C THR A 141 9.99 -6.73 14.04
N GLU A 142 10.48 -6.56 15.27
CA GLU A 142 10.84 -7.72 16.09
C GLU A 142 9.64 -8.59 16.38
N ALA A 143 8.47 -7.99 16.54
CA ALA A 143 7.28 -8.77 16.87
C ALA A 143 6.82 -9.67 15.74
N LYS A 144 7.27 -9.42 14.50
CA LYS A 144 6.82 -10.20 13.37
C LYS A 144 7.93 -11.00 12.68
N VAL A 145 9.19 -10.64 12.88
CA VAL A 145 10.29 -11.39 12.28
C VAL A 145 11.32 -11.71 13.34
N GLY A 146 10.89 -11.80 14.60
CA GLY A 146 11.77 -12.15 15.69
C GLY A 146 12.97 -11.22 15.80
N ARG A 147 13.98 -11.75 16.48
CA ARG A 147 15.23 -11.03 16.74
C ARG A 147 16.41 -11.88 16.31
N ASN A 148 16.29 -12.56 15.17
CA ASN A 148 17.34 -13.44 14.66
C ASN A 148 17.49 -13.28 13.16
N ALA A 149 17.51 -12.04 12.67
CA ALA A 149 17.80 -11.70 11.28
C ALA A 149 16.69 -12.11 10.32
N GLY A 150 15.56 -12.59 10.82
CA GLY A 150 14.46 -12.93 9.95
C GLY A 150 13.98 -11.74 9.14
N ILE A 151 13.28 -12.04 8.05
CA ILE A 151 12.83 -11.03 7.09
C ILE A 151 11.39 -11.34 6.71
N SER A 152 10.67 -10.29 6.30
CA SER A 152 9.28 -10.41 5.84
C SER A 152 8.99 -9.33 4.81
N PRO A 153 8.18 -9.63 3.78
CA PRO A 153 7.78 -8.58 2.84
C PRO A 153 6.61 -7.75 3.31
N ALA A 154 5.96 -8.14 4.40
CA ALA A 154 4.82 -7.40 4.93
C ALA A 154 5.28 -6.01 5.36
N PRO A 155 4.79 -4.94 4.76
CA PRO A 155 5.34 -3.62 5.05
C PRO A 155 4.80 -3.06 6.35
N ILE A 156 5.59 -2.17 6.94
CA ILE A 156 5.14 -1.32 8.03
C ILE A 156 4.68 -0.01 7.42
N ASN A 157 3.39 0.29 7.54
CA ASN A 157 2.80 1.47 6.91
C ASN A 157 2.76 2.60 7.92
N LEU A 158 3.38 3.73 7.58
CA LEU A 158 3.52 4.88 8.45
C LEU A 158 3.05 6.12 7.72
N ARG A 159 2.25 6.94 8.40
CA ARG A 159 1.79 8.23 7.89
C ARG A 159 2.41 9.33 8.73
N ILE A 160 3.05 10.31 8.10
CA ILE A 160 3.57 11.46 8.82
C ILE A 160 2.82 12.69 8.35
N TYR A 161 2.10 13.33 9.26
CA TYR A 161 1.36 14.55 9.00
C TYR A 161 2.22 15.73 9.43
N SER A 162 2.30 16.75 8.57
CA SER A 162 3.01 17.98 8.89
C SER A 162 2.59 19.05 7.91
N PRO A 163 2.48 20.32 8.33
CA PRO A 163 2.19 21.39 7.37
C PRO A 163 3.36 21.72 6.47
N HIS A 164 4.52 21.10 6.66
CA HIS A 164 5.73 21.46 5.93
C HIS A 164 6.24 20.33 5.04
N VAL A 165 5.38 19.38 4.67
CA VAL A 165 5.77 18.27 3.81
C VAL A 165 4.82 18.21 2.62
N LEU A 166 5.16 17.33 1.68
CA LEU A 166 4.33 17.06 0.52
C LEU A 166 3.56 15.77 0.70
N ASN A 167 2.62 15.53 -0.22
CA ASN A 167 1.94 14.24 -0.31
C ASN A 167 2.83 13.32 -1.15
N LEU A 168 3.84 12.77 -0.47
CA LEU A 168 4.91 12.02 -1.13
C LEU A 168 5.04 10.68 -0.42
N THR A 169 5.64 9.71 -1.11
CA THR A 169 5.82 8.37 -0.58
C THR A 169 7.28 7.97 -0.64
N LEU A 170 7.86 7.67 0.51
CA LEU A 170 9.21 7.16 0.61
C LEU A 170 9.15 5.69 1.02
N VAL A 171 10.20 4.94 0.67
CA VAL A 171 10.23 3.50 0.95
C VAL A 171 11.62 3.11 1.39
N ASP A 172 11.75 2.60 2.61
CA ASP A 172 12.98 2.00 3.08
C ASP A 172 12.85 0.49 2.95
N LEU A 173 13.93 -0.16 2.56
CA LEU A 173 13.93 -1.59 2.29
C LEU A 173 15.15 -2.23 2.93
N PRO A 174 15.09 -3.53 3.22
CA PRO A 174 16.31 -4.24 3.63
C PRO A 174 17.33 -4.27 2.51
N GLY A 175 18.59 -4.44 2.90
CA GLY A 175 19.68 -4.51 1.94
C GLY A 175 19.89 -5.94 1.46
N LEU A 176 20.20 -6.07 0.18
CA LEU A 176 20.41 -7.38 -0.43
C LEU A 176 21.67 -8.04 0.13
N THR A 177 21.60 -9.35 0.35
CA THR A 177 22.71 -10.12 0.90
C THR A 177 23.02 -11.30 -0.02
N ARG A 178 24.07 -12.04 0.32
CA ARG A 178 24.54 -13.17 -0.48
C ARG A 178 24.57 -14.49 0.28
N VAL A 179 24.92 -14.48 1.55
CA VAL A 179 25.00 -15.67 2.37
C VAL A 179 23.97 -15.54 3.49
N PRO A 180 23.14 -16.55 3.73
CA PRO A 180 22.11 -16.42 4.77
C PRO A 180 22.67 -16.50 6.17
N VAL A 181 21.98 -15.84 7.09
CA VAL A 181 22.36 -15.82 8.50
C VAL A 181 21.12 -16.05 9.35
N GLY A 182 21.31 -16.72 10.48
CA GLY A 182 20.20 -16.95 11.40
C GLY A 182 19.06 -17.71 10.75
N ASP A 183 17.84 -17.21 10.95
CA ASP A 183 16.66 -17.89 10.44
C ASP A 183 16.50 -17.77 8.92
N GLN A 184 17.40 -17.07 8.24
CA GLN A 184 17.21 -16.82 6.82
C GLN A 184 17.27 -18.13 6.02
N PRO A 185 16.41 -18.30 5.03
CA PRO A 185 16.45 -19.50 4.19
C PRO A 185 17.61 -19.44 3.21
N ARG A 186 17.74 -20.51 2.43
CA ARG A 186 18.82 -20.59 1.44
C ARG A 186 18.62 -19.58 0.32
N ASP A 187 17.37 -19.30 -0.05
CA ASP A 187 17.05 -18.38 -1.14
C ASP A 187 16.75 -16.98 -0.63
N ILE A 188 17.52 -16.51 0.36
CA ILE A 188 17.27 -15.19 0.93
C ILE A 188 17.48 -14.10 -0.11
N GLU A 189 18.49 -14.27 -0.96
CA GLU A 189 18.76 -13.27 -1.98
C GLU A 189 17.57 -13.09 -2.90
N ARG A 190 16.95 -14.19 -3.34
CA ARG A 190 15.79 -14.09 -4.21
C ARG A 190 14.65 -13.36 -3.52
N GLN A 191 14.44 -13.65 -2.23
CA GLN A 191 13.33 -13.01 -1.51
C GLN A 191 13.55 -11.52 -1.39
N ILE A 192 14.75 -11.10 -0.99
CA ILE A 192 15.03 -9.68 -0.86
C ILE A 192 14.95 -8.99 -2.22
N ARG A 193 15.46 -9.65 -3.26
CA ARG A 193 15.42 -9.07 -4.60
C ARG A 193 13.99 -8.86 -5.08
N ASP A 194 13.12 -9.85 -4.88
CA ASP A 194 11.73 -9.69 -5.29
C ASP A 194 11.04 -8.60 -4.47
N MET A 195 11.29 -8.58 -3.15
CA MET A 195 10.74 -7.54 -2.29
C MET A 195 11.10 -6.15 -2.81
N ILE A 196 12.32 -5.96 -3.29
CA ILE A 196 12.73 -4.65 -3.79
C ILE A 196 12.12 -4.39 -5.17
N LEU A 197 12.18 -5.38 -6.06
CA LEU A 197 11.67 -5.19 -7.41
C LEU A 197 10.21 -4.78 -7.40
N LYS A 198 9.40 -5.33 -6.49
CA LYS A 198 7.99 -4.93 -6.47
C LYS A 198 7.86 -3.43 -6.26
N TYR A 199 8.82 -2.80 -5.58
CA TYR A 199 8.73 -1.38 -5.30
C TYR A 199 9.42 -0.50 -6.33
N ILE A 200 10.44 -1.00 -7.03
CA ILE A 200 11.13 -0.18 -8.03
C ILE A 200 10.72 -0.52 -9.45
N GLN A 201 9.87 -1.53 -9.65
CA GLN A 201 9.48 -1.94 -10.99
C GLN A 201 8.52 -0.95 -11.65
N LYS A 202 7.77 -0.18 -10.87
CA LYS A 202 6.84 0.75 -11.45
C LYS A 202 7.60 1.88 -12.15
N PRO A 203 7.09 2.41 -13.28
CA PRO A 203 7.81 3.50 -13.95
C PRO A 203 7.81 4.80 -13.16
N ASN A 204 6.88 4.98 -12.24
CA ASN A 204 6.78 6.21 -11.45
C ASN A 204 7.43 6.03 -10.07
N ALA A 205 8.73 5.74 -10.09
CA ALA A 205 9.49 5.55 -8.86
C ALA A 205 10.92 6.01 -9.08
N ILE A 206 11.39 6.89 -8.21
CA ILE A 206 12.77 7.37 -8.24
C ILE A 206 13.62 6.42 -7.41
N ILE A 207 14.63 5.84 -8.05
CA ILE A 207 15.47 4.81 -7.43
C ILE A 207 16.74 5.47 -6.91
N LEU A 208 16.89 5.52 -5.59
CA LEU A 208 18.15 5.91 -4.96
C LEU A 208 19.00 4.65 -4.83
N ALA A 209 19.91 4.45 -5.77
CA ALA A 209 20.82 3.30 -5.73
C ALA A 209 21.98 3.67 -4.81
N VAL A 210 21.97 3.10 -3.60
CA VAL A 210 22.93 3.45 -2.57
C VAL A 210 24.07 2.45 -2.62
N THR A 211 25.28 2.97 -2.86
CA THR A 211 26.50 2.17 -2.90
C THR A 211 27.49 2.75 -1.89
N ALA A 212 28.16 1.87 -1.15
CA ALA A 212 29.27 2.31 -0.33
C ALA A 212 30.44 2.73 -1.21
N ALA A 213 31.09 3.83 -0.84
CA ALA A 213 32.21 4.33 -1.62
C ALA A 213 33.50 3.56 -1.36
N ASN A 214 33.58 2.85 -0.23
CA ASN A 214 34.72 1.99 0.06
C ASN A 214 34.63 0.64 -0.61
N VAL A 215 33.77 0.51 -1.62
CA VAL A 215 33.64 -0.69 -2.42
C VAL A 215 33.70 -0.28 -3.89
N ASP A 216 34.37 -1.10 -4.71
CA ASP A 216 34.42 -0.83 -6.13
C ASP A 216 33.00 -0.72 -6.69
N LEU A 217 32.79 0.25 -7.56
CA LEU A 217 31.43 0.51 -8.05
C LEU A 217 30.86 -0.69 -8.80
N ALA A 218 31.72 -1.48 -9.46
CA ALA A 218 31.26 -2.63 -10.22
C ALA A 218 30.64 -3.71 -9.34
N ASN A 219 30.79 -3.62 -8.02
CA ASN A 219 30.19 -4.57 -7.09
C ASN A 219 28.83 -4.10 -6.57
N SER A 220 28.34 -2.95 -7.03
CA SER A 220 27.14 -2.35 -6.48
C SER A 220 25.91 -3.19 -6.82
N ASP A 221 25.24 -3.71 -5.79
CA ASP A 221 23.95 -4.36 -5.98
C ASP A 221 22.88 -3.36 -6.34
N GLY A 222 22.93 -2.17 -5.74
CA GLY A 222 21.94 -1.14 -6.04
C GLY A 222 21.92 -0.77 -7.51
N LEU A 223 23.10 -0.52 -8.08
CA LEU A 223 23.17 -0.20 -9.51
C LEU A 223 22.73 -1.38 -10.36
N LYS A 224 23.12 -2.60 -9.97
CA LYS A 224 22.69 -3.78 -10.69
C LYS A 224 21.17 -3.84 -10.80
N LEU A 225 20.48 -3.74 -9.67
CA LEU A 225 19.03 -3.84 -9.67
C LEU A 225 18.40 -2.68 -10.43
N ALA A 226 18.88 -1.46 -10.19
CA ALA A 226 18.34 -0.30 -10.88
C ALA A 226 18.45 -0.46 -12.39
N ARG A 227 19.64 -0.84 -12.88
CA ARG A 227 19.80 -1.09 -14.30
C ARG A 227 18.93 -2.23 -14.78
N GLU A 228 18.65 -3.20 -13.92
CA GLU A 228 17.76 -4.29 -14.31
C GLU A 228 16.36 -3.76 -14.60
N VAL A 229 15.89 -2.79 -13.81
CA VAL A 229 14.55 -2.26 -14.02
C VAL A 229 14.58 -0.98 -14.84
N ASP A 230 15.62 -0.17 -14.69
CA ASP A 230 15.75 1.13 -15.36
C ASP A 230 17.03 1.20 -16.18
N PRO A 231 17.08 0.51 -17.31
CA PRO A 231 18.32 0.52 -18.12
C PRO A 231 18.69 1.90 -18.65
N GLU A 232 17.70 2.71 -19.02
CA GLU A 232 17.96 4.05 -19.57
C GLU A 232 18.31 5.08 -18.50
N GLY A 233 18.27 4.72 -17.22
CA GLY A 233 18.69 5.65 -16.19
C GLY A 233 17.88 6.93 -16.15
N GLN A 234 16.60 6.87 -16.52
CA GLN A 234 15.74 8.05 -16.49
C GLN A 234 15.22 8.37 -15.10
N ARG A 235 15.44 7.49 -14.12
CA ARG A 235 14.94 7.71 -12.77
C ARG A 235 15.81 7.05 -11.72
N THR A 236 17.12 6.95 -11.96
CA THR A 236 18.06 6.35 -11.03
C THR A 236 19.09 7.41 -10.62
N ILE A 237 19.24 7.61 -9.32
CA ILE A 237 20.25 8.48 -8.75
C ILE A 237 21.21 7.61 -7.94
N GLY A 238 22.50 7.68 -8.27
CA GLY A 238 23.49 6.98 -7.48
C GLY A 238 23.88 7.81 -6.27
N VAL A 239 23.91 7.17 -5.10
CA VAL A 239 24.28 7.82 -3.86
C VAL A 239 25.44 7.06 -3.27
N LEU A 240 26.58 7.71 -3.14
CA LEU A 240 27.81 7.09 -2.66
C LEU A 240 28.00 7.46 -1.19
N THR A 241 27.83 6.48 -0.31
CA THR A 241 27.95 6.71 1.12
C THR A 241 29.34 6.29 1.60
N LYS A 242 29.60 6.57 2.87
CA LYS A 242 30.83 6.14 3.53
C LYS A 242 32.07 6.67 2.82
N VAL A 243 31.98 7.86 2.22
CA VAL A 243 33.15 8.44 1.58
C VAL A 243 34.22 8.81 2.60
N ASP A 244 33.85 9.02 3.86
CA ASP A 244 34.82 9.33 4.89
C ASP A 244 35.54 8.09 5.40
N LEU A 245 35.23 6.91 4.88
CA LEU A 245 35.86 5.66 5.28
C LEU A 245 36.70 5.06 4.18
N MET A 246 36.99 5.84 3.14
CA MET A 246 37.72 5.32 1.99
C MET A 246 39.21 5.22 2.30
N ASP A 247 39.87 4.29 1.63
CA ASP A 247 41.31 4.16 1.77
C ASP A 247 41.98 5.50 1.52
N GLU A 248 42.96 5.84 2.35
CA GLU A 248 43.64 7.12 2.22
C GLU A 248 44.27 7.23 0.83
N GLY A 249 44.07 8.38 0.19
CA GLY A 249 44.58 8.61 -1.13
C GLY A 249 43.61 8.31 -2.26
N THR A 250 42.45 7.73 -1.94
CA THR A 250 41.44 7.40 -2.93
C THR A 250 40.24 8.33 -2.82
N ASP A 251 39.52 8.45 -3.92
CA ASP A 251 38.35 9.31 -3.96
C ASP A 251 37.39 8.79 -5.01
N VAL A 252 36.21 9.41 -5.06
CA VAL A 252 35.17 9.01 -6.00
C VAL A 252 35.02 10.05 -7.12
N VAL A 253 36.08 10.84 -7.38
CA VAL A 253 35.98 11.92 -8.36
C VAL A 253 35.74 11.36 -9.75
N ASP A 254 36.35 10.23 -10.08
CA ASP A 254 36.18 9.66 -11.42
C ASP A 254 34.74 9.23 -11.65
N ILE A 255 34.06 8.76 -10.60
CA ILE A 255 32.67 8.33 -10.73
C ILE A 255 31.76 9.54 -10.95
N LEU A 256 31.98 10.59 -10.15
CA LEU A 256 31.16 11.80 -10.27
C LEU A 256 31.23 12.37 -11.68
N ALA A 257 32.41 12.32 -12.30
CA ALA A 257 32.58 12.82 -13.66
C ALA A 257 31.95 11.92 -14.71
N GLY A 258 31.41 10.77 -14.33
CA GLY A 258 30.79 9.88 -15.28
C GLY A 258 31.78 9.07 -16.08
N ARG A 259 32.91 8.71 -15.47
CA ARG A 259 33.98 8.01 -16.18
C ARG A 259 33.98 6.51 -15.95
N ILE A 260 33.19 6.00 -15.02
CA ILE A 260 33.20 4.57 -14.72
C ILE A 260 31.88 3.94 -15.15
N ILE A 261 30.79 4.30 -14.47
CA ILE A 261 29.46 3.81 -14.81
C ILE A 261 28.54 5.02 -14.85
N PRO A 262 28.31 5.61 -16.02
CA PRO A 262 27.55 6.87 -16.07
C PRO A 262 26.09 6.70 -15.69
N LEU A 263 25.56 7.75 -15.07
CA LEU A 263 24.14 7.85 -14.75
C LEU A 263 23.61 9.17 -15.30
N ARG A 264 22.52 9.09 -16.07
CA ARG A 264 21.89 10.30 -16.59
C ARG A 264 21.73 11.33 -15.49
N LEU A 265 21.15 10.93 -14.38
CA LEU A 265 20.92 11.83 -13.25
C LEU A 265 22.14 11.94 -12.33
N GLY A 266 23.23 11.25 -12.63
CA GLY A 266 24.49 11.46 -11.95
C GLY A 266 24.59 10.81 -10.59
N TYR A 267 25.67 11.15 -9.89
CA TYR A 267 25.99 10.62 -8.57
C TYR A 267 26.06 11.73 -7.54
N VAL A 268 25.79 11.37 -6.29
CA VAL A 268 25.86 12.27 -5.16
C VAL A 268 26.62 11.58 -4.04
N PRO A 269 27.75 12.11 -3.58
CA PRO A 269 28.42 11.52 -2.40
C PRO A 269 27.79 12.02 -1.11
N VAL A 270 27.88 11.18 -0.08
CA VAL A 270 27.25 11.46 1.20
C VAL A 270 28.13 10.98 2.34
N VAL A 271 27.98 11.62 3.49
CA VAL A 271 28.66 11.24 4.73
C VAL A 271 27.60 11.18 5.83
N ASN A 272 27.14 9.98 6.17
CA ASN A 272 26.18 9.80 7.25
C ASN A 272 26.92 9.51 8.56
N ARG A 273 26.15 9.32 9.63
CA ARG A 273 26.73 9.04 10.94
C ARG A 273 27.28 7.62 11.00
N GLY A 274 28.52 7.49 11.47
CA GLY A 274 29.12 6.20 11.67
C GLY A 274 28.49 5.43 12.82
N GLN A 275 29.05 4.26 13.10
CA GLN A 275 28.51 3.41 14.15
C GLN A 275 28.74 4.03 15.52
N ARG A 276 29.90 4.66 15.73
CA ARG A 276 30.12 5.37 16.98
C ARG A 276 29.07 6.46 17.18
N ASP A 277 28.76 7.20 16.11
CA ASP A 277 27.75 8.24 16.20
C ASP A 277 26.37 7.65 16.49
N ILE A 278 26.05 6.51 15.87
CA ILE A 278 24.76 5.87 16.14
C ILE A 278 24.67 5.48 17.60
N ASP A 279 25.73 4.87 18.13
CA ASP A 279 25.72 4.44 19.52
C ASP A 279 25.60 5.64 20.46
N ASN A 280 26.23 6.76 20.11
CA ASN A 280 26.17 7.97 20.91
C ASN A 280 24.94 8.82 20.64
N LYS A 281 24.03 8.35 19.78
CA LYS A 281 22.80 9.08 19.47
C LYS A 281 23.12 10.51 19.04
N LYS A 282 24.09 10.64 18.16
CA LYS A 282 24.48 11.94 17.63
C LYS A 282 23.29 12.54 16.86
N PRO A 283 22.91 13.79 17.13
CA PRO A 283 21.79 14.37 16.39
C PRO A 283 22.10 14.57 14.91
N ILE A 284 21.03 14.72 14.12
CA ILE A 284 21.17 14.81 12.68
C ILE A 284 21.85 16.11 12.26
N THR A 285 21.57 17.20 12.98
CA THR A 285 22.12 18.51 12.60
C THR A 285 23.64 18.52 12.72
N ALA A 286 24.19 17.98 13.81
CA ALA A 286 25.63 17.90 13.96
C ALA A 286 26.24 17.04 12.85
N ALA A 287 25.58 15.95 12.50
CA ALA A 287 26.07 15.08 11.43
C ALA A 287 26.11 15.81 10.09
N LEU A 288 25.07 16.60 9.80
CA LEU A 288 25.02 17.34 8.55
C LEU A 288 26.11 18.42 8.50
N GLU A 289 26.32 19.12 9.62
CA GLU A 289 27.43 20.07 9.69
C GLU A 289 28.76 19.36 9.49
N ALA A 290 28.91 18.16 10.05
CA ALA A 290 30.14 17.39 9.90
C ALA A 290 30.38 16.98 8.46
N GLU A 291 29.31 16.56 7.76
CA GLU A 291 29.42 16.27 6.34
C GLU A 291 29.85 17.51 5.56
N LYS A 292 29.22 18.64 5.86
CA LYS A 292 29.59 19.90 5.21
C LYS A 292 31.07 20.20 5.39
N ALA A 293 31.57 20.07 6.62
CA ALA A 293 32.98 20.34 6.87
C ALA A 293 33.87 19.35 6.12
N PHE A 294 33.51 18.06 6.16
CA PHE A 294 34.27 17.05 5.45
C PHE A 294 34.45 17.43 3.99
N PHE A 295 33.35 17.80 3.33
CA PHE A 295 33.44 18.10 1.90
C PHE A 295 34.06 19.47 1.63
N GLU A 296 34.05 20.37 2.61
CA GLU A 296 34.73 21.64 2.47
C GLU A 296 36.22 21.56 2.76
N ASN A 297 36.72 20.44 3.30
CA ASN A 297 38.12 20.33 3.68
C ASN A 297 38.95 19.41 2.81
N HIS A 298 38.38 18.37 2.22
N HIS A 298 38.36 18.37 2.23
CA HIS A 298 39.14 17.44 1.40
CA HIS A 298 39.13 17.46 1.39
C HIS A 298 39.45 18.05 0.04
C HIS A 298 39.45 18.11 0.06
N LYS A 299 40.70 17.93 -0.40
CA LYS A 299 41.14 18.57 -1.63
C LYS A 299 40.35 18.10 -2.84
N ALA A 300 39.81 16.89 -2.81
CA ALA A 300 39.18 16.33 -4.01
C ALA A 300 37.75 16.81 -4.22
N TYR A 301 37.11 17.37 -3.19
CA TYR A 301 35.71 17.74 -3.27
C TYR A 301 35.46 19.23 -3.09
N ARG A 302 36.48 20.01 -2.73
CA ARG A 302 36.31 21.46 -2.59
C ARG A 302 35.79 22.07 -3.87
N ASN A 303 36.50 21.87 -4.98
CA ASN A 303 36.17 22.52 -6.25
C ASN A 303 34.75 22.19 -6.73
N LYS A 304 34.11 21.17 -6.16
CA LYS A 304 32.75 20.80 -6.52
C LYS A 304 31.90 20.60 -5.28
N SER A 305 32.19 21.33 -4.20
CA SER A 305 31.49 21.13 -2.94
C SER A 305 29.99 21.37 -3.08
N ALA A 306 29.57 22.25 -3.99
CA ALA A 306 28.15 22.50 -4.19
C ALA A 306 27.43 21.26 -4.67
N TYR A 307 28.14 20.32 -5.28
CA TYR A 307 27.58 19.07 -5.78
C TYR A 307 27.78 17.90 -4.82
N CYS A 308 28.06 18.16 -3.55
CA CYS A 308 28.32 17.12 -2.57
C CYS A 308 27.42 17.27 -1.36
N GLY A 309 27.09 16.14 -0.74
CA GLY A 309 26.37 16.12 0.50
C GLY A 309 24.90 15.80 0.32
N THR A 310 24.22 15.63 1.46
CA THR A 310 22.78 15.43 1.43
C THR A 310 22.04 16.58 0.77
N PRO A 311 22.41 17.84 1.00
CA PRO A 311 21.67 18.94 0.34
C PRO A 311 21.58 18.82 -1.17
N TYR A 312 22.63 18.35 -1.84
CA TYR A 312 22.57 18.28 -3.30
C TYR A 312 21.67 17.14 -3.75
N LEU A 313 21.67 16.03 -3.02
CA LEU A 313 20.70 14.97 -3.31
C LEU A 313 19.27 15.48 -3.15
N ALA A 314 19.03 16.24 -2.08
CA ALA A 314 17.70 16.82 -1.88
C ALA A 314 17.34 17.77 -3.01
N ARG A 315 18.32 18.55 -3.49
CA ARG A 315 18.07 19.46 -4.61
C ARG A 315 17.77 18.70 -5.89
N LYS A 316 18.49 17.61 -6.15
CA LYS A 316 18.18 16.79 -7.32
C LYS A 316 16.75 16.28 -7.24
N LEU A 317 16.36 15.75 -6.09
CA LEU A 317 15.00 15.24 -5.93
C LEU A 317 13.98 16.37 -6.09
N ASN A 318 14.30 17.56 -5.56
CA ASN A 318 13.41 18.70 -5.70
C ASN A 318 13.22 19.07 -7.16
N LEU A 319 14.32 19.10 -7.92
CA LEU A 319 14.22 19.41 -9.34
C LEU A 319 13.40 18.37 -10.08
N ILE A 320 13.56 17.09 -9.71
CA ILE A 320 12.79 16.03 -10.35
C ILE A 320 11.30 16.20 -10.07
N LEU A 321 10.95 16.52 -8.83
CA LEU A 321 9.55 16.73 -8.47
C LEU A 321 8.97 17.95 -9.19
N MET A 322 9.75 19.02 -9.26
CA MET A 322 9.29 20.20 -9.99
C MET A 322 9.09 19.87 -11.46
N MET A 323 9.96 19.02 -12.02
CA MET A 323 9.78 18.57 -13.39
C MET A 323 8.45 17.83 -13.55
N HIS A 324 8.18 16.91 -12.62
CA HIS A 324 6.94 16.13 -12.71
C HIS A 324 5.71 17.01 -12.57
N ILE A 325 5.81 18.09 -11.78
CA ILE A 325 4.69 19.01 -11.64
C ILE A 325 4.51 19.84 -12.92
N LYS A 326 5.59 20.45 -13.40
CA LYS A 326 5.50 21.32 -14.58
C LYS A 326 5.22 20.56 -15.86
N GLN A 327 5.45 19.24 -15.88
CA GLN A 327 5.13 18.46 -17.07
C GLN A 327 3.63 18.32 -17.28
N THR A 328 2.82 18.66 -16.28
CA THR A 328 1.37 18.56 -16.36
C THR A 328 0.72 19.89 -16.71
N LEU A 329 1.51 20.90 -17.06
CA LEU A 329 0.96 22.21 -17.37
C LEU A 329 0.48 22.32 -18.83
N PRO A 330 0.98 21.48 -19.79
CA PRO A 330 0.49 21.63 -21.16
C PRO A 330 -0.94 21.14 -21.33
N ASP A 331 -1.20 19.91 -20.86
CA ASP A 331 -2.53 19.35 -20.99
C ASP A 331 -3.55 20.11 -20.15
N ILE A 332 -3.14 20.62 -18.98
CA ILE A 332 -4.05 21.42 -18.17
C ILE A 332 -4.41 22.71 -18.89
N LYS A 333 -3.41 23.37 -19.50
CA LYS A 333 -3.70 24.57 -20.27
C LYS A 333 -4.67 24.26 -21.41
N GLN A 334 -4.46 23.15 -22.11
CA GLN A 334 -5.36 22.76 -23.20
C GLN A 334 -6.78 22.53 -22.69
N ARG A 335 -6.91 21.83 -21.56
CA ARG A 335 -8.22 21.55 -21.01
C ARG A 335 -8.92 22.84 -20.59
N ILE A 336 -8.20 23.75 -19.95
CA ILE A 336 -8.79 25.02 -19.54
C ILE A 336 -9.22 25.82 -20.75
N SER A 337 -8.41 25.82 -21.81
CA SER A 337 -8.77 26.55 -23.03
C SER A 337 -10.06 25.99 -23.61
N SER A 338 -10.16 24.66 -23.70
CA SER A 338 -11.37 24.05 -24.25
C SER A 338 -12.59 24.39 -23.38
N SER A 339 -12.45 24.27 -22.06
CA SER A 339 -13.57 24.58 -21.17
C SER A 339 -14.00 26.03 -21.30
N LEU A 340 -13.03 26.95 -21.41
CA LEU A 340 -13.36 28.36 -21.57
C LEU A 340 -14.08 28.61 -22.88
N GLN A 341 -13.62 28.00 -23.98
CA GLN A 341 -14.30 28.15 -25.25
C GLN A 341 -15.73 27.66 -25.15
N LYS A 342 -15.94 26.50 -24.50
CA LYS A 342 -17.28 25.95 -24.35
C LYS A 342 -18.17 26.88 -23.55
N TYR A 343 -17.68 27.33 -22.39
CA TYR A 343 -18.48 28.19 -21.53
C TYR A 343 -18.80 29.53 -22.19
N GLN A 344 -17.85 30.10 -22.91
CA GLN A 344 -18.09 31.37 -23.59
C GLN A 344 -19.07 31.20 -24.74
N GLN A 345 -19.03 30.05 -25.43
CA GLN A 345 -20.03 29.77 -26.45
C GLN A 345 -21.41 29.54 -25.83
N GLU A 346 -21.45 29.06 -24.58
CA GLU A 346 -22.72 28.82 -23.92
C GLU A 346 -23.41 30.14 -23.55
N LEU A 347 -22.64 31.12 -23.10
CA LEU A 347 -23.21 32.40 -22.68
C LEU A 347 -23.40 33.31 -23.90
N ARG A 368 -29.54 32.77 -11.64
CA ARG A 368 -28.51 32.12 -10.83
C ARG A 368 -27.45 31.47 -11.70
N ARG A 369 -27.88 30.87 -12.82
CA ARG A 369 -26.94 30.23 -13.73
C ARG A 369 -25.93 31.23 -14.28
N ARG A 370 -26.39 32.41 -14.67
CA ARG A 370 -25.48 33.41 -15.24
C ARG A 370 -24.41 33.83 -14.25
N LYS A 371 -24.79 34.04 -12.98
CA LYS A 371 -23.83 34.49 -11.98
C LYS A 371 -22.78 33.43 -11.71
N GLU A 372 -23.22 32.20 -11.43
CA GLU A 372 -22.29 31.09 -11.23
C GLU A 372 -21.37 30.94 -12.44
N CYS A 373 -21.92 31.04 -13.64
CA CYS A 373 -21.13 30.84 -14.85
C CYS A 373 -20.08 31.95 -15.02
N GLN A 374 -20.45 33.20 -14.77
CA GLN A 374 -19.48 34.29 -14.89
C GLN A 374 -18.39 34.16 -13.83
N GLN A 375 -18.77 33.77 -12.60
CA GLN A 375 -17.77 33.51 -11.57
C GLN A 375 -16.81 32.43 -12.02
N MET A 376 -17.34 31.37 -12.65
CA MET A 376 -16.50 30.30 -13.16
C MET A 376 -15.60 30.79 -14.29
N VAL A 377 -16.09 31.70 -15.12
CA VAL A 377 -15.26 32.27 -16.19
C VAL A 377 -14.08 33.02 -15.58
N GLU A 378 -14.36 33.88 -14.61
CA GLU A 378 -13.29 34.62 -13.92
C GLU A 378 -12.31 33.63 -13.29
N SER A 379 -12.83 32.56 -12.69
CA SER A 379 -11.97 31.56 -12.05
C SER A 379 -11.10 30.85 -13.08
N LEU A 380 -11.65 30.53 -14.25
CA LEU A 380 -10.87 29.88 -15.29
C LEU A 380 -9.75 30.79 -15.78
N GLN A 381 -10.04 32.08 -15.91
CA GLN A 381 -8.99 33.02 -16.34
C GLN A 381 -7.91 33.15 -15.27
N ARG A 382 -8.31 33.21 -13.99
CA ARG A 382 -7.34 33.22 -12.91
C ARG A 382 -6.50 31.95 -12.92
N ALA A 383 -7.13 30.81 -13.23
CA ALA A 383 -6.42 29.54 -13.27
C ALA A 383 -5.39 29.53 -14.39
N ALA A 384 -5.76 30.03 -15.57
CA ALA A 384 -4.78 30.14 -16.65
C ALA A 384 -3.62 31.03 -16.23
N GLU A 385 -3.93 32.19 -15.64
CA GLU A 385 -2.88 33.09 -15.19
C GLU A 385 -1.93 32.40 -14.22
N ILE A 386 -2.48 31.69 -13.23
CA ILE A 386 -1.63 31.05 -12.24
C ILE A 386 -0.82 29.92 -12.85
N VAL A 387 -1.44 29.15 -13.76
CA VAL A 387 -0.71 28.12 -14.48
C VAL A 387 0.45 28.73 -15.26
N SER A 388 0.32 30.01 -15.64
CA SER A 388 1.42 30.66 -16.36
C SER A 388 2.57 31.01 -15.42
N GLN A 389 2.26 31.54 -14.23
CA GLN A 389 3.32 31.98 -13.32
C GLN A 389 4.01 30.79 -12.67
N LEU B 12 61.75 -14.93 0.56
CA LEU B 12 60.84 -15.86 -0.10
C LEU B 12 60.97 -17.27 0.48
N ALA B 13 62.10 -17.54 1.13
CA ALA B 13 62.29 -18.78 1.89
C ALA B 13 61.86 -18.59 3.35
N GLN B 14 60.64 -18.08 3.51
CA GLN B 14 60.16 -17.64 4.83
C GLN B 14 59.75 -18.84 5.67
N PRO B 15 60.28 -18.98 6.88
CA PRO B 15 59.91 -20.13 7.72
C PRO B 15 58.51 -19.96 8.28
N GLY B 16 57.85 -21.10 8.51
CA GLY B 16 56.54 -21.09 9.12
C GLY B 16 55.39 -20.86 8.16
N GLY B 17 55.54 -21.25 6.91
CA GLY B 17 54.51 -21.05 5.90
C GLY B 17 54.58 -22.14 4.86
N ILE B 18 54.24 -21.80 3.62
CA ILE B 18 54.25 -22.79 2.54
C ILE B 18 55.63 -23.03 1.97
N SER B 19 56.59 -22.15 2.26
CA SER B 19 57.98 -22.31 1.83
C SER B 19 58.90 -22.70 2.99
N ASP B 20 58.35 -23.36 4.01
CA ASP B 20 59.14 -23.72 5.17
C ASP B 20 60.29 -24.65 4.75
N PRO B 21 61.54 -24.32 5.10
CA PRO B 21 62.66 -25.20 4.68
C PRO B 21 62.52 -26.63 5.17
N ASN B 22 62.07 -26.83 6.42
CA ASN B 22 61.90 -28.19 6.93
C ASN B 22 60.93 -28.98 6.04
N LEU B 23 59.85 -28.33 5.60
CA LEU B 23 58.86 -29.00 4.76
C LEU B 23 59.47 -29.42 3.42
N ILE B 24 60.26 -28.53 2.81
CA ILE B 24 60.91 -28.86 1.55
C ILE B 24 61.86 -30.03 1.74
N LYS B 25 62.64 -30.00 2.83
CA LYS B 25 63.52 -31.12 3.14
C LYS B 25 62.73 -32.42 3.27
N LEU B 26 61.57 -32.36 3.93
CA LEU B 26 60.73 -33.54 4.11
C LEU B 26 60.27 -34.08 2.75
N VAL B 27 59.81 -33.21 1.86
CA VAL B 27 59.34 -33.66 0.55
C VAL B 27 60.47 -34.31 -0.23
N ASN B 28 61.64 -33.68 -0.21
CA ASN B 28 62.79 -34.24 -0.90
C ASN B 28 63.16 -35.60 -0.33
N LYS B 29 63.12 -35.73 0.99
CA LYS B 29 63.34 -37.03 1.62
C LYS B 29 62.36 -38.06 1.10
N LEU B 30 61.07 -37.73 1.07
CA LEU B 30 60.06 -38.71 0.70
C LEU B 30 60.25 -39.21 -0.73
N GLN B 31 60.57 -38.32 -1.67
CA GLN B 31 60.78 -38.81 -3.03
C GLN B 31 61.96 -39.78 -3.10
N ASP B 32 63.09 -39.40 -2.49
CA ASP B 32 64.28 -40.24 -2.48
C ASP B 32 64.01 -41.56 -1.77
N ASP B 44 50.61 -35.33 -4.43
CA ASP B 44 49.75 -34.45 -5.21
C ASP B 44 49.17 -33.36 -4.33
N LEU B 45 49.93 -32.28 -4.15
CA LEU B 45 49.52 -31.20 -3.27
C LEU B 45 48.37 -30.41 -3.90
N PRO B 46 47.46 -29.90 -3.09
CA PRO B 46 46.35 -29.11 -3.64
C PRO B 46 46.83 -27.75 -4.10
N GLN B 47 46.05 -27.16 -5.01
CA GLN B 47 46.29 -25.78 -5.42
C GLN B 47 45.47 -24.81 -4.56
N ILE B 48 46.03 -23.62 -4.34
CA ILE B 48 45.40 -22.59 -3.52
C ILE B 48 44.81 -21.55 -4.46
N VAL B 49 43.51 -21.30 -4.34
CA VAL B 49 42.78 -20.39 -5.21
C VAL B 49 42.12 -19.32 -4.35
N VAL B 50 42.25 -18.06 -4.75
CA VAL B 50 41.58 -16.94 -4.07
C VAL B 50 40.27 -16.63 -4.77
N VAL B 51 39.21 -16.42 -3.99
CA VAL B 51 37.90 -16.08 -4.53
C VAL B 51 37.27 -15.00 -3.66
N GLY B 52 36.64 -14.03 -4.30
CA GLY B 52 36.03 -12.93 -3.59
C GLY B 52 35.57 -11.86 -4.56
N SER B 53 35.07 -10.77 -3.98
CA SER B 53 34.59 -9.65 -4.78
C SER B 53 35.76 -8.91 -5.41
N GLN B 54 35.42 -8.02 -6.36
CA GLN B 54 36.43 -7.20 -7.01
C GLN B 54 37.11 -6.28 -6.01
N SER B 55 38.42 -6.13 -6.16
CA SER B 55 39.23 -5.24 -5.31
C SER B 55 39.17 -5.62 -3.84
N SER B 56 38.82 -6.87 -3.53
CA SER B 56 38.77 -7.32 -2.14
C SER B 56 40.16 -7.60 -1.56
N GLY B 57 41.20 -7.61 -2.39
CA GLY B 57 42.55 -7.84 -1.92
C GLY B 57 43.07 -9.25 -2.12
N LYS B 58 42.67 -9.92 -3.21
CA LYS B 58 43.07 -11.31 -3.41
C LYS B 58 44.54 -11.41 -3.83
N SER B 59 44.94 -10.60 -4.81
CA SER B 59 46.32 -10.65 -5.28
C SER B 59 47.30 -10.30 -4.16
N SER B 60 46.95 -9.32 -3.32
CA SER B 60 47.79 -8.96 -2.19
C SER B 60 48.01 -10.16 -1.28
N VAL B 61 46.92 -10.85 -0.93
CA VAL B 61 47.01 -12.01 -0.04
C VAL B 61 47.89 -13.09 -0.67
N LEU B 62 47.69 -13.35 -1.96
CA LEU B 62 48.42 -14.42 -2.61
C LEU B 62 49.92 -14.11 -2.67
N GLU B 63 50.28 -12.88 -3.03
CA GLU B 63 51.68 -12.53 -3.10
C GLU B 63 52.32 -12.53 -1.72
N ASN B 64 51.58 -12.10 -0.69
CA ASN B 64 52.14 -12.18 0.66
C ASN B 64 52.37 -13.63 1.06
N ILE B 65 51.50 -14.54 0.63
CA ILE B 65 51.72 -15.95 0.91
C ILE B 65 53.00 -16.41 0.24
N VAL B 66 53.21 -16.00 -1.01
CA VAL B 66 54.44 -16.38 -1.71
C VAL B 66 55.65 -15.69 -1.09
N GLY B 67 55.52 -14.41 -0.74
CA GLY B 67 56.57 -13.68 -0.05
C GLY B 67 57.29 -12.63 -0.87
N ARG B 68 57.05 -12.54 -2.18
CA ARG B 68 57.70 -11.56 -3.01
C ARG B 68 56.67 -10.82 -3.88
N ASP B 69 56.94 -9.54 -4.11
CA ASP B 69 56.05 -8.74 -4.96
C ASP B 69 56.24 -9.11 -6.43
N PHE B 70 55.15 -9.46 -7.09
CA PHE B 70 55.19 -9.76 -8.52
C PHE B 70 53.81 -9.71 -9.15
N LEU B 71 52.78 -9.44 -8.36
CA LEU B 71 51.41 -9.41 -8.89
C LEU B 71 50.94 -7.99 -9.10
N PRO B 72 50.30 -7.69 -10.23
CA PRO B 72 49.71 -6.36 -10.39
C PRO B 72 48.59 -6.15 -9.38
N ARG B 73 48.66 -5.03 -8.67
CA ARG B 73 47.69 -4.68 -7.65
C ARG B 73 47.20 -3.25 -7.87
N GLY B 74 45.99 -2.99 -7.40
CA GLY B 74 45.42 -1.65 -7.46
C GLY B 74 43.92 -1.69 -7.44
N GLN B 75 43.34 -0.51 -7.25
CA GLN B 75 41.89 -0.41 -7.20
C GLN B 75 41.29 -0.61 -8.60
N GLY B 76 39.97 -0.65 -8.64
CA GLY B 76 39.34 -0.97 -9.90
C GLY B 76 39.77 -2.36 -10.30
N ILE B 77 39.55 -2.69 -11.56
CA ILE B 77 39.88 -4.01 -12.08
C ILE B 77 41.33 -3.98 -12.55
N VAL B 78 42.18 -4.76 -11.88
CA VAL B 78 43.57 -4.94 -12.25
C VAL B 78 43.82 -6.34 -12.81
N THR B 79 43.53 -7.36 -12.01
CA THR B 79 43.60 -8.74 -12.49
C THR B 79 42.40 -9.00 -13.39
N ARG B 80 42.67 -9.29 -14.67
CA ARG B 80 41.61 -9.53 -15.63
C ARG B 80 41.75 -10.86 -16.36
N ARG B 81 42.74 -11.67 -15.99
CA ARG B 81 42.91 -12.99 -16.56
C ARG B 81 43.45 -13.90 -15.47
N PRO B 82 43.05 -15.17 -15.45
CA PRO B 82 43.62 -16.09 -14.45
C PRO B 82 45.13 -16.18 -14.60
N LEU B 83 45.82 -16.12 -13.46
CA LEU B 83 47.25 -16.35 -13.37
C LEU B 83 47.49 -17.66 -12.64
N VAL B 84 47.98 -18.66 -13.37
CA VAL B 84 48.31 -19.97 -12.79
C VAL B 84 49.81 -19.97 -12.52
N LEU B 85 50.19 -19.70 -11.27
CA LEU B 85 51.58 -19.72 -10.85
C LEU B 85 51.95 -21.12 -10.39
N GLN B 86 53.02 -21.67 -10.94
CA GLN B 86 53.49 -23.01 -10.57
C GLN B 86 54.87 -22.90 -9.92
N LEU B 87 54.91 -23.02 -8.60
CA LEU B 87 56.18 -23.12 -7.90
C LEU B 87 56.81 -24.48 -8.16
N ILE B 88 58.10 -24.48 -8.50
CA ILE B 88 58.85 -25.68 -8.84
C ILE B 88 60.17 -25.67 -8.07
N ASN B 89 60.44 -26.76 -7.36
CA ASN B 89 61.67 -26.88 -6.60
C ASN B 89 62.84 -27.23 -7.52
N ARG B 90 63.93 -26.46 -7.40
CA ARG B 90 65.11 -26.69 -8.23
C ARG B 90 66.34 -26.26 -7.43
N GLN B 91 67.36 -27.12 -7.40
CA GLN B 91 68.61 -26.83 -6.73
C GLN B 91 69.69 -26.51 -7.76
N SER B 92 70.54 -25.53 -7.43
CA SER B 92 71.61 -25.11 -8.33
C SER B 92 72.92 -25.81 -7.96
N TRP B 116 63.96 -17.78 -10.69
CA TRP B 116 63.62 -17.07 -11.93
C TRP B 116 62.23 -17.47 -12.41
N GLY B 117 61.71 -16.75 -13.41
CA GLY B 117 60.37 -16.99 -13.91
C GLY B 117 60.33 -17.32 -15.39
N GLU B 118 59.32 -18.09 -15.78
CA GLU B 118 59.11 -18.46 -17.18
C GLU B 118 57.63 -18.39 -17.52
N PHE B 119 57.30 -17.66 -18.58
CA PHE B 119 55.95 -17.54 -19.08
C PHE B 119 55.71 -18.48 -20.26
N LEU B 120 54.46 -18.93 -20.39
CA LEU B 120 54.11 -19.81 -21.50
C LEU B 120 54.14 -19.07 -22.83
N HIS B 121 53.68 -17.81 -22.86
CA HIS B 121 53.66 -17.03 -24.09
C HIS B 121 55.03 -16.46 -24.45
N LEU B 122 56.00 -16.46 -23.54
CA LEU B 122 57.36 -16.02 -23.81
C LEU B 122 58.33 -17.15 -23.46
N PRO B 123 58.43 -18.18 -24.31
CA PRO B 123 59.31 -19.31 -24.00
C PRO B 123 60.78 -18.92 -24.05
N GLY B 124 61.55 -19.48 -23.12
CA GLY B 124 62.98 -19.27 -23.08
C GLY B 124 63.43 -18.10 -22.23
N GLN B 125 62.60 -17.08 -22.06
CA GLN B 125 62.99 -15.91 -21.29
C GLN B 125 62.88 -16.21 -19.79
N LYS B 126 63.90 -15.79 -19.04
CA LYS B 126 63.95 -15.96 -17.60
C LYS B 126 63.86 -14.59 -16.93
N PHE B 127 63.05 -14.49 -15.88
CA PHE B 127 62.81 -13.24 -15.17
C PHE B 127 63.37 -13.36 -13.76
N TYR B 128 64.57 -12.82 -13.54
CA TYR B 128 65.13 -12.76 -12.19
C TYR B 128 64.64 -11.54 -11.44
N ASP B 129 64.25 -10.48 -12.14
CA ASP B 129 63.72 -9.27 -11.52
C ASP B 129 62.20 -9.38 -11.51
N PHE B 130 61.62 -9.49 -10.30
CA PHE B 130 60.18 -9.75 -10.19
C PHE B 130 59.34 -8.55 -10.61
N ASN B 131 59.89 -7.33 -10.51
CA ASN B 131 59.18 -6.17 -11.04
C ASN B 131 58.90 -6.34 -12.52
N LYS B 132 59.86 -6.94 -13.24
CA LYS B 132 59.63 -7.25 -14.65
C LYS B 132 58.56 -8.33 -14.81
N ILE B 133 58.42 -9.24 -13.84
CA ILE B 133 57.35 -10.22 -13.88
C ILE B 133 56.00 -9.53 -13.77
N ARG B 134 55.88 -8.60 -12.83
CA ARG B 134 54.66 -7.81 -12.70
C ARG B 134 54.34 -7.06 -13.99
N ASP B 135 55.34 -6.38 -14.55
CA ASP B 135 55.14 -5.64 -15.79
C ASP B 135 54.70 -6.57 -16.92
N GLU B 136 55.27 -7.78 -16.98
CA GLU B 136 54.93 -8.71 -18.05
C GLU B 136 53.52 -9.25 -17.89
N ILE B 137 53.09 -9.49 -16.64
CA ILE B 137 51.70 -9.88 -16.42
C ILE B 137 50.76 -8.79 -16.93
N ASN B 138 51.05 -7.54 -16.59
CA ASN B 138 50.22 -6.44 -17.07
C ASN B 138 50.21 -6.40 -18.60
N ARG B 139 51.38 -6.54 -19.21
CA ARG B 139 51.48 -6.46 -20.66
C ARG B 139 50.71 -7.59 -21.34
N GLU B 140 50.86 -8.82 -20.85
CA GLU B 140 50.17 -9.95 -21.45
C GLU B 140 48.67 -9.83 -21.28
N THR B 141 48.21 -9.37 -20.11
CA THR B 141 46.78 -9.15 -19.92
C THR B 141 46.26 -8.14 -20.94
N GLU B 142 46.94 -6.99 -21.04
CA GLU B 142 46.51 -5.96 -21.98
C GLU B 142 46.55 -6.47 -23.42
N ALA B 143 47.48 -7.37 -23.74
CA ALA B 143 47.61 -7.85 -25.10
C ALA B 143 46.41 -8.67 -25.56
N LYS B 144 45.60 -9.19 -24.64
CA LYS B 144 44.44 -9.97 -24.98
C LYS B 144 43.10 -9.36 -24.58
N VAL B 145 43.08 -8.44 -23.62
CA VAL B 145 41.82 -7.85 -23.19
C VAL B 145 41.90 -6.33 -23.23
N GLY B 146 42.76 -5.80 -24.10
CA GLY B 146 42.84 -4.36 -24.24
C GLY B 146 43.15 -3.68 -22.91
N ARG B 147 42.81 -2.40 -22.85
CA ARG B 147 43.02 -1.58 -21.67
C ARG B 147 41.74 -0.86 -21.28
N ASN B 148 40.61 -1.57 -21.37
CA ASN B 148 39.31 -1.00 -21.02
C ASN B 148 38.48 -2.02 -20.24
N ALA B 149 39.12 -2.64 -19.25
CA ALA B 149 38.47 -3.52 -18.27
C ALA B 149 38.00 -4.85 -18.85
N GLY B 150 38.31 -5.16 -20.10
CA GLY B 150 37.95 -6.44 -20.64
C GLY B 150 38.54 -7.59 -19.85
N ILE B 151 37.91 -8.75 -19.97
CA ILE B 151 38.28 -9.93 -19.21
C ILE B 151 38.26 -11.15 -20.13
N SER B 152 39.06 -12.15 -19.78
CA SER B 152 39.12 -13.40 -20.52
C SER B 152 39.48 -14.51 -19.54
N PRO B 153 38.93 -15.72 -19.71
CA PRO B 153 39.35 -16.84 -18.86
C PRO B 153 40.65 -17.50 -19.29
N ALA B 154 41.21 -17.12 -20.44
CA ALA B 154 42.47 -17.70 -20.90
C ALA B 154 43.58 -17.36 -19.91
N PRO B 155 44.20 -18.36 -19.27
CA PRO B 155 45.15 -18.06 -18.20
C PRO B 155 46.53 -17.64 -18.70
N ILE B 156 47.20 -16.87 -17.86
CA ILE B 156 48.62 -16.56 -18.00
C ILE B 156 49.39 -17.55 -17.14
N ASN B 157 50.21 -18.38 -17.76
CA ASN B 157 50.93 -19.44 -17.05
C ASN B 157 52.34 -18.98 -16.71
N LEU B 158 52.67 -19.03 -15.42
CA LEU B 158 53.97 -18.59 -14.92
C LEU B 158 54.56 -19.67 -14.03
N ARG B 159 55.84 -19.98 -14.25
CA ARG B 159 56.59 -20.90 -13.40
C ARG B 159 57.70 -20.13 -12.72
N ILE B 160 57.80 -20.26 -11.39
CA ILE B 160 58.88 -19.64 -10.64
C ILE B 160 59.73 -20.75 -10.04
N TYR B 161 61.00 -20.80 -10.44
CA TYR B 161 61.96 -21.77 -9.95
C TYR B 161 62.78 -21.17 -8.82
N SER B 162 62.93 -21.94 -7.73
CA SER B 162 63.71 -21.54 -6.57
C SER B 162 63.99 -22.80 -5.75
N PRO B 163 65.16 -22.92 -5.14
CA PRO B 163 65.42 -24.09 -4.29
C PRO B 163 64.67 -24.07 -2.96
N HIS B 164 63.91 -23.01 -2.68
CA HIS B 164 63.24 -22.84 -1.40
C HIS B 164 61.72 -22.88 -1.52
N VAL B 165 61.20 -23.49 -2.59
CA VAL B 165 59.77 -23.57 -2.83
C VAL B 165 59.36 -25.03 -3.00
N LEU B 166 58.06 -25.25 -3.05
CA LEU B 166 57.49 -26.57 -3.30
C LEU B 166 56.98 -26.66 -4.74
N ASN B 167 56.63 -27.88 -5.14
CA ASN B 167 55.96 -28.12 -6.42
C ASN B 167 54.46 -27.89 -6.20
N LEU B 168 54.08 -26.62 -6.22
CA LEU B 168 52.73 -26.21 -5.82
C LEU B 168 52.12 -25.34 -6.90
N THR B 169 50.80 -25.23 -6.88
CA THR B 169 50.06 -24.44 -7.87
C THR B 169 49.17 -23.44 -7.15
N LEU B 170 49.42 -22.15 -7.38
CA LEU B 170 48.55 -21.09 -6.91
C LEU B 170 47.83 -20.49 -8.10
N VAL B 171 46.67 -19.89 -7.85
CA VAL B 171 45.84 -19.33 -8.92
C VAL B 171 45.30 -17.99 -8.43
N ASP B 172 45.64 -16.93 -9.14
CA ASP B 172 45.03 -15.62 -8.93
C ASP B 172 43.95 -15.41 -9.99
N LEU B 173 42.84 -14.80 -9.58
CA LEU B 173 41.68 -14.68 -10.44
C LEU B 173 41.11 -13.27 -10.38
N PRO B 174 40.36 -12.86 -11.41
CA PRO B 174 39.60 -11.61 -11.30
C PRO B 174 38.52 -11.74 -10.23
N GLY B 175 38.08 -10.59 -9.72
CA GLY B 175 37.04 -10.56 -8.71
C GLY B 175 35.65 -10.49 -9.33
N LEU B 176 34.70 -11.14 -8.67
CA LEU B 176 33.33 -11.15 -9.16
C LEU B 176 32.75 -9.74 -9.12
N THR B 177 31.97 -9.40 -10.13
CA THR B 177 31.35 -8.09 -10.26
C THR B 177 29.85 -8.23 -10.44
N ARG B 178 29.17 -7.08 -10.47
CA ARG B 178 27.72 -7.03 -10.60
C ARG B 178 27.25 -6.22 -11.80
N VAL B 179 27.95 -5.15 -12.13
CA VAL B 179 27.60 -4.28 -13.26
C VAL B 179 28.74 -4.29 -14.26
N PRO B 180 28.47 -4.40 -15.56
CA PRO B 180 29.57 -4.42 -16.52
C PRO B 180 30.21 -3.05 -16.65
N VAL B 181 31.49 -3.06 -17.01
CA VAL B 181 32.28 -1.84 -17.16
C VAL B 181 33.07 -1.93 -18.45
N GLY B 182 33.23 -0.80 -19.13
CA GLY B 182 34.01 -0.78 -20.35
C GLY B 182 33.47 -1.75 -21.37
N ASP B 183 34.37 -2.54 -21.97
CA ASP B 183 34.02 -3.49 -23.01
C ASP B 183 33.28 -4.72 -22.48
N GLN B 184 33.06 -4.80 -21.16
CA GLN B 184 32.49 -6.00 -20.58
C GLN B 184 31.06 -6.22 -21.08
N PRO B 185 30.67 -7.44 -21.37
CA PRO B 185 29.30 -7.73 -21.83
C PRO B 185 28.32 -7.67 -20.67
N ARG B 186 27.04 -7.92 -20.99
CA ARG B 186 26.01 -7.89 -19.97
C ARG B 186 26.19 -9.01 -18.96
N ASP B 187 26.68 -10.17 -19.42
CA ASP B 187 26.84 -11.34 -18.56
C ASP B 187 28.27 -11.45 -18.03
N ILE B 188 28.89 -10.33 -17.66
CA ILE B 188 30.25 -10.40 -17.14
C ILE B 188 30.26 -11.17 -15.83
N GLU B 189 29.22 -10.99 -15.02
CA GLU B 189 29.16 -11.69 -13.74
C GLU B 189 29.16 -13.20 -13.93
N ARG B 190 28.34 -13.69 -14.87
CA ARG B 190 28.30 -15.13 -15.12
C ARG B 190 29.63 -15.64 -15.64
N GLN B 191 30.28 -14.88 -16.52
CA GLN B 191 31.56 -15.31 -17.07
C GLN B 191 32.62 -15.39 -15.99
N ILE B 192 32.69 -14.38 -15.12
CA ILE B 192 33.64 -14.41 -14.01
C ILE B 192 33.32 -15.57 -13.08
N ARG B 193 32.03 -15.81 -12.82
CA ARG B 193 31.63 -16.89 -11.94
C ARG B 193 32.08 -18.23 -12.49
N ASP B 194 31.88 -18.45 -13.79
CA ASP B 194 32.31 -19.70 -14.41
C ASP B 194 33.83 -19.82 -14.39
N MET B 195 34.52 -18.71 -14.69
CA MET B 195 35.99 -18.70 -14.64
C MET B 195 36.48 -19.15 -13.27
N ILE B 196 35.80 -18.73 -12.20
CA ILE B 196 36.22 -19.10 -10.85
C ILE B 196 35.84 -20.56 -10.57
N LEU B 197 34.61 -20.94 -10.92
CA LEU B 197 34.14 -22.30 -10.65
C LEU B 197 35.05 -23.34 -11.28
N LYS B 198 35.56 -23.07 -12.48
CA LYS B 198 36.45 -24.02 -13.12
C LYS B 198 37.66 -24.34 -12.25
N TYR B 199 38.08 -23.39 -11.41
CA TYR B 199 39.25 -23.57 -10.57
C TYR B 199 38.93 -24.04 -9.16
N ILE B 200 37.75 -23.72 -8.62
CA ILE B 200 37.46 -24.10 -7.23
C ILE B 200 36.54 -25.31 -7.13
N GLN B 201 36.05 -25.84 -8.25
CA GLN B 201 35.18 -27.01 -8.19
C GLN B 201 35.95 -28.28 -7.85
N LYS B 202 37.25 -28.29 -8.10
CA LYS B 202 38.06 -29.48 -7.84
C LYS B 202 38.13 -29.77 -6.35
N PRO B 203 38.13 -31.04 -5.94
CA PRO B 203 38.23 -31.34 -4.50
C PRO B 203 39.61 -31.03 -3.93
N ASN B 204 40.63 -30.98 -4.77
CA ASN B 204 41.99 -30.71 -4.31
C ASN B 204 42.34 -29.24 -4.49
N ALA B 205 41.57 -28.39 -3.83
CA ALA B 205 41.80 -26.95 -3.92
C ALA B 205 41.43 -26.30 -2.60
N ILE B 206 42.38 -25.56 -2.05
CA ILE B 206 42.17 -24.77 -0.85
C ILE B 206 41.66 -23.40 -1.28
N ILE B 207 40.48 -23.04 -0.80
CA ILE B 207 39.79 -21.82 -1.22
C ILE B 207 40.07 -20.74 -0.18
N LEU B 208 40.83 -19.73 -0.58
CA LEU B 208 40.98 -18.51 0.22
C LEU B 208 39.82 -17.60 -0.14
N ALA B 209 38.78 -17.62 0.69
CA ALA B 209 37.61 -16.76 0.50
C ALA B 209 37.95 -15.40 1.07
N VAL B 210 38.24 -14.44 0.19
CA VAL B 210 38.73 -13.12 0.60
C VAL B 210 37.53 -12.19 0.68
N THR B 211 37.28 -11.66 1.87
CA THR B 211 36.19 -10.73 2.10
C THR B 211 36.80 -9.47 2.71
N ALA B 212 36.40 -8.30 2.19
CA ALA B 212 36.81 -7.06 2.83
C ALA B 212 36.07 -6.92 4.15
N ALA B 213 36.81 -6.50 5.19
CA ALA B 213 36.22 -6.39 6.52
C ALA B 213 35.33 -5.15 6.66
N ASN B 214 35.49 -4.16 5.78
CA ASN B 214 34.63 -2.98 5.78
C ASN B 214 33.31 -3.22 5.04
N VAL B 215 32.95 -4.48 4.81
CA VAL B 215 31.66 -4.85 4.24
C VAL B 215 31.04 -5.93 5.13
N ASP B 216 29.74 -5.84 5.33
CA ASP B 216 29.06 -6.86 6.12
C ASP B 216 29.29 -8.25 5.52
N LEU B 217 29.55 -9.23 6.38
CA LEU B 217 29.94 -10.55 5.92
C LEU B 217 28.85 -11.20 5.09
N ALA B 218 27.58 -10.88 5.35
CA ALA B 218 26.48 -11.49 4.60
C ALA B 218 26.47 -11.08 3.14
N ASN B 219 27.28 -10.09 2.75
CA ASN B 219 27.40 -9.69 1.35
C ASN B 219 28.56 -10.37 0.65
N SER B 220 29.29 -11.25 1.34
CA SER B 220 30.53 -11.81 0.83
C SER B 220 30.27 -12.74 -0.36
N ASP B 221 30.83 -12.37 -1.52
CA ASP B 221 30.79 -13.26 -2.67
C ASP B 221 31.69 -14.48 -2.46
N GLY B 222 32.84 -14.28 -1.83
CA GLY B 222 33.75 -15.38 -1.60
C GLY B 222 33.10 -16.50 -0.79
N LEU B 223 32.45 -16.14 0.32
CA LEU B 223 31.80 -17.15 1.15
C LEU B 223 30.64 -17.82 0.41
N LYS B 224 29.84 -17.04 -0.32
CA LYS B 224 28.75 -17.62 -1.10
C LYS B 224 29.29 -18.69 -2.06
N LEU B 225 30.30 -18.34 -2.86
CA LEU B 225 30.83 -19.27 -3.85
C LEU B 225 31.50 -20.47 -3.18
N ALA B 226 32.30 -20.22 -2.13
CA ALA B 226 32.97 -21.32 -1.43
C ALA B 226 31.95 -22.30 -0.87
N ARG B 227 30.91 -21.80 -0.20
CA ARG B 227 29.85 -22.66 0.29
C ARG B 227 29.12 -23.34 -0.85
N GLU B 228 29.07 -22.72 -2.02
CA GLU B 228 28.45 -23.36 -3.17
C GLU B 228 29.23 -24.59 -3.60
N VAL B 229 30.56 -24.54 -3.55
CA VAL B 229 31.37 -25.69 -3.93
C VAL B 229 31.79 -26.53 -2.73
N ASP B 230 32.06 -25.90 -1.60
CA ASP B 230 32.50 -26.60 -0.38
C ASP B 230 31.55 -26.25 0.76
N PRO B 231 30.33 -26.78 0.73
CA PRO B 231 29.37 -26.44 1.80
C PRO B 231 29.83 -26.88 3.18
N GLU B 232 30.50 -28.03 3.28
CA GLU B 232 31.00 -28.50 4.58
C GLU B 232 32.23 -27.72 5.04
N GLY B 233 32.77 -26.83 4.22
CA GLY B 233 33.87 -25.97 4.62
C GLY B 233 35.10 -26.70 5.09
N GLN B 234 35.34 -27.91 4.58
CA GLN B 234 36.52 -28.66 4.96
C GLN B 234 37.79 -28.22 4.22
N ARG B 235 37.67 -27.26 3.28
CA ARG B 235 38.84 -26.76 2.58
C ARG B 235 38.71 -25.28 2.24
N THR B 236 37.98 -24.52 3.04
CA THR B 236 37.77 -23.09 2.83
C THR B 236 38.31 -22.32 4.03
N ILE B 237 39.19 -21.35 3.76
CA ILE B 237 39.73 -20.46 4.77
C ILE B 237 39.24 -19.05 4.47
N GLY B 238 38.59 -18.42 5.46
CA GLY B 238 38.15 -17.05 5.29
C GLY B 238 39.28 -16.08 5.60
N VAL B 239 39.46 -15.09 4.73
CA VAL B 239 40.51 -14.09 4.87
C VAL B 239 39.84 -12.73 4.87
N LEU B 240 39.97 -12.00 5.97
CA LEU B 240 39.33 -10.70 6.14
C LEU B 240 40.35 -9.59 5.89
N THR B 241 40.19 -8.89 4.77
CA THR B 241 41.09 -7.83 4.36
C THR B 241 40.54 -6.46 4.74
N LYS B 242 41.37 -5.43 4.54
CA LYS B 242 40.98 -4.04 4.78
C LYS B 242 40.51 -3.82 6.21
N VAL B 243 41.08 -4.56 7.16
CA VAL B 243 40.72 -4.36 8.55
C VAL B 243 41.15 -2.98 9.04
N ASP B 244 42.13 -2.35 8.38
CA ASP B 244 42.56 -1.01 8.74
C ASP B 244 41.65 0.09 8.20
N LEU B 245 40.59 -0.26 7.47
CA LEU B 245 39.66 0.73 6.93
C LEU B 245 38.27 0.62 7.54
N MET B 246 38.11 -0.11 8.64
CA MET B 246 36.79 -0.32 9.21
C MET B 246 36.34 0.91 9.99
N ASP B 247 35.02 1.12 10.00
CA ASP B 247 34.43 2.22 10.76
C ASP B 247 34.85 2.12 12.22
N GLU B 248 35.16 3.28 12.82
CA GLU B 248 35.57 3.31 14.21
C GLU B 248 34.47 2.73 15.10
N GLY B 249 34.86 1.87 16.02
CA GLY B 249 33.92 1.21 16.91
C GLY B 249 33.47 -0.15 16.43
N THR B 250 33.82 -0.54 15.20
CA THR B 250 33.48 -1.85 14.66
C THR B 250 34.73 -2.70 14.53
N ASP B 251 34.55 -4.01 14.60
CA ASP B 251 35.66 -4.94 14.50
C ASP B 251 35.13 -6.28 14.02
N VAL B 252 36.06 -7.20 13.78
CA VAL B 252 35.73 -8.53 13.29
C VAL B 252 35.87 -9.56 14.40
N VAL B 253 35.77 -9.13 15.66
CA VAL B 253 35.96 -10.05 16.78
C VAL B 253 34.87 -11.11 16.78
N ASP B 254 33.64 -10.72 16.45
CA ASP B 254 32.55 -11.70 16.41
C ASP B 254 32.74 -12.71 15.28
N ILE B 255 33.30 -12.29 14.15
CA ILE B 255 33.49 -13.23 13.03
C ILE B 255 34.58 -14.23 13.36
N LEU B 256 35.72 -13.75 13.87
CA LEU B 256 36.82 -14.66 14.22
C LEU B 256 36.38 -15.67 15.26
N ALA B 257 35.51 -15.26 16.19
CA ALA B 257 35.00 -16.17 17.21
C ALA B 257 33.99 -17.15 16.64
N GLY B 258 33.60 -17.01 15.38
CA GLY B 258 32.67 -17.95 14.77
C GLY B 258 31.22 -17.73 15.11
N ARG B 259 30.80 -16.48 15.32
CA ARG B 259 29.44 -16.18 15.74
C ARG B 259 28.52 -15.74 14.60
N ILE B 260 29.04 -15.50 13.40
CA ILE B 260 28.21 -14.98 12.31
C ILE B 260 28.05 -16.05 11.23
N ILE B 261 29.13 -16.37 10.54
CA ILE B 261 29.14 -17.40 9.52
C ILE B 261 30.30 -18.33 9.81
N PRO B 262 30.08 -19.44 10.52
CA PRO B 262 31.20 -20.28 10.94
C PRO B 262 31.88 -20.96 9.76
N LEU B 263 33.20 -21.11 9.88
CA LEU B 263 34.00 -21.88 8.94
C LEU B 263 34.79 -22.88 9.73
N ARG B 264 34.73 -24.15 9.33
CA ARG B 264 35.46 -25.20 10.02
C ARG B 264 36.90 -24.77 10.29
N LEU B 265 37.59 -24.28 9.27
CA LEU B 265 38.96 -23.83 9.38
C LEU B 265 39.09 -22.38 9.85
N GLY B 266 37.98 -21.69 10.09
CA GLY B 266 38.02 -20.38 10.72
C GLY B 266 38.38 -19.24 9.79
N TYR B 267 38.57 -18.08 10.40
CA TYR B 267 38.88 -16.84 9.70
C TYR B 267 40.25 -16.31 10.15
N VAL B 268 40.88 -15.53 9.27
CA VAL B 268 42.16 -14.90 9.55
C VAL B 268 42.06 -13.43 9.13
N PRO B 269 42.26 -12.48 10.03
CA PRO B 269 42.32 -11.08 9.61
C PRO B 269 43.70 -10.71 9.10
N VAL B 270 43.72 -9.79 8.13
CA VAL B 270 44.95 -9.37 7.48
C VAL B 270 44.88 -7.88 7.18
N VAL B 271 46.05 -7.26 7.06
CA VAL B 271 46.17 -5.86 6.69
C VAL B 271 47.18 -5.78 5.55
N ASN B 272 46.69 -5.63 4.33
CA ASN B 272 47.55 -5.52 3.17
C ASN B 272 47.85 -4.04 2.90
N ARG B 273 48.66 -3.78 1.87
CA ARG B 273 49.05 -2.43 1.53
C ARG B 273 47.90 -1.68 0.86
N GLY B 274 47.61 -0.49 1.34
CA GLY B 274 46.62 0.36 0.72
C GLY B 274 47.11 0.91 -0.61
N GLN B 275 46.28 1.75 -1.22
CA GLN B 275 46.63 2.32 -2.51
C GLN B 275 47.78 3.31 -2.38
N ARG B 276 47.79 4.08 -1.28
CA ARG B 276 48.91 4.99 -1.03
C ARG B 276 50.22 4.22 -0.92
N ASP B 277 50.20 3.07 -0.24
CA ASP B 277 51.40 2.25 -0.15
C ASP B 277 51.81 1.72 -1.52
N ILE B 278 50.83 1.33 -2.34
CA ILE B 278 51.12 0.84 -3.68
C ILE B 278 51.82 1.92 -4.51
N ASP B 279 51.32 3.16 -4.43
CA ASP B 279 51.91 4.23 -5.23
C ASP B 279 53.36 4.48 -4.86
N ASN B 280 53.69 4.38 -3.58
CA ASN B 280 55.07 4.60 -3.13
C ASN B 280 55.94 3.36 -3.27
N LYS B 281 55.42 2.26 -3.81
CA LYS B 281 56.20 1.04 -3.98
C LYS B 281 56.83 0.62 -2.66
N LYS B 282 56.01 0.63 -1.61
CA LYS B 282 56.43 0.25 -0.28
C LYS B 282 56.90 -1.21 -0.27
N PRO B 283 58.06 -1.52 0.29
CA PRO B 283 58.52 -2.91 0.30
C PRO B 283 57.64 -3.81 1.16
N ILE B 284 57.77 -5.11 0.91
CA ILE B 284 56.93 -6.08 1.60
C ILE B 284 57.28 -6.17 3.07
N THR B 285 58.56 -6.00 3.42
CA THR B 285 58.96 -6.14 4.80
C THR B 285 58.33 -5.05 5.66
N ALA B 286 58.35 -3.81 5.18
CA ALA B 286 57.73 -2.72 5.91
C ALA B 286 56.22 -2.93 6.03
N ALA B 287 55.57 -3.41 4.96
CA ALA B 287 54.13 -3.64 5.01
C ALA B 287 53.77 -4.74 6.01
N LEU B 288 54.54 -5.83 6.03
CA LEU B 288 54.25 -6.91 6.98
C LEU B 288 54.52 -6.47 8.40
N GLU B 289 55.59 -5.70 8.62
CA GLU B 289 55.83 -5.12 9.94
C GLU B 289 54.68 -4.21 10.35
N ALA B 290 54.12 -3.46 9.39
CA ALA B 290 52.99 -2.58 9.68
C ALA B 290 51.76 -3.39 10.08
N GLU B 291 51.51 -4.50 9.40
CA GLU B 291 50.40 -5.38 9.78
C GLU B 291 50.61 -5.92 11.20
N LYS B 292 51.83 -6.39 11.48
CA LYS B 292 52.13 -6.89 12.81
C LYS B 292 51.87 -5.83 13.87
N ALA B 293 52.35 -4.60 13.63
CA ALA B 293 52.14 -3.52 14.60
C ALA B 293 50.66 -3.20 14.75
N PHE B 294 49.93 -3.12 13.64
CA PHE B 294 48.50 -2.86 13.68
C PHE B 294 47.81 -3.83 14.61
N PHE B 295 48.09 -5.13 14.45
CA PHE B 295 47.43 -6.13 15.27
C PHE B 295 48.00 -6.19 16.69
N GLU B 296 49.23 -5.70 16.89
CA GLU B 296 49.83 -5.64 18.22
C GLU B 296 49.36 -4.43 19.02
N ASN B 297 48.72 -3.45 18.39
CA ASN B 297 48.30 -2.23 19.07
C ASN B 297 46.79 -2.10 19.19
N HIS B 298 46.02 -2.51 18.19
CA HIS B 298 44.57 -2.36 18.25
C HIS B 298 44.02 -3.05 19.49
N LYS B 299 43.13 -2.36 20.20
CA LYS B 299 42.67 -2.83 21.50
C LYS B 299 41.94 -4.18 21.38
N ALA B 300 41.32 -4.45 20.23
CA ALA B 300 40.49 -5.64 20.09
C ALA B 300 41.26 -6.90 19.72
N TYR B 301 42.50 -6.78 19.23
CA TYR B 301 43.24 -7.93 18.72
C TYR B 301 44.53 -8.23 19.47
N ARG B 302 44.95 -7.39 20.41
CA ARG B 302 46.20 -7.64 21.13
C ARG B 302 46.22 -9.04 21.74
N ASN B 303 45.21 -9.33 22.58
CA ASN B 303 45.21 -10.58 23.33
C ASN B 303 45.26 -11.82 22.44
N LYS B 304 45.05 -11.67 21.13
CA LYS B 304 45.09 -12.80 20.20
C LYS B 304 45.93 -12.48 18.98
N SER B 305 46.97 -11.65 19.14
CA SER B 305 47.76 -11.22 18.00
C SER B 305 48.38 -12.40 17.26
N ALA B 306 48.66 -13.50 17.96
CA ALA B 306 49.25 -14.66 17.32
C ALA B 306 48.35 -15.29 16.26
N TYR B 307 47.04 -15.07 16.35
CA TYR B 307 46.10 -15.64 15.38
C TYR B 307 45.68 -14.65 14.30
N CYS B 308 46.46 -13.60 14.08
CA CYS B 308 46.10 -12.58 13.10
C CYS B 308 47.28 -12.33 12.15
N GLY B 309 46.93 -11.95 10.92
CA GLY B 309 47.91 -11.52 9.95
C GLY B 309 48.23 -12.59 8.91
N THR B 310 49.03 -12.17 7.92
CA THR B 310 49.51 -13.11 6.91
C THR B 310 50.31 -14.26 7.50
N PRO B 311 51.17 -14.08 8.50
CA PRO B 311 51.90 -15.23 9.05
C PRO B 311 50.98 -16.35 9.52
N TYR B 312 49.84 -16.00 10.10
CA TYR B 312 48.95 -17.03 10.62
C TYR B 312 48.24 -17.77 9.48
N LEU B 313 47.87 -17.04 8.42
CA LEU B 313 47.33 -17.70 7.23
C LEU B 313 48.36 -18.64 6.62
N ALA B 314 49.61 -18.20 6.54
CA ALA B 314 50.68 -19.07 6.05
C ALA B 314 50.83 -20.31 6.92
N ARG B 315 50.70 -20.15 8.24
CA ARG B 315 50.79 -21.29 9.13
C ARG B 315 49.64 -22.26 8.90
N LYS B 316 48.42 -21.74 8.71
CA LYS B 316 47.28 -22.59 8.40
C LYS B 316 47.52 -23.39 7.12
N LEU B 317 47.98 -22.72 6.07
CA LEU B 317 48.22 -23.40 4.80
C LEU B 317 49.33 -24.44 4.97
N ASN B 318 50.36 -24.12 5.75
CA ASN B 318 51.44 -25.07 6.00
C ASN B 318 50.92 -26.32 6.68
N LEU B 319 50.06 -26.16 7.69
CA LEU B 319 49.49 -27.32 8.36
C LEU B 319 48.61 -28.14 7.42
N ILE B 320 47.84 -27.48 6.56
CA ILE B 320 47.00 -28.22 5.61
C ILE B 320 47.88 -29.02 4.64
N LEU B 321 48.96 -28.40 4.16
CA LEU B 321 49.86 -29.10 3.25
C LEU B 321 50.54 -30.27 3.95
N MET B 322 50.96 -30.08 5.19
CA MET B 322 51.58 -31.18 5.93
C MET B 322 50.58 -32.31 6.18
N MET B 323 49.31 -31.98 6.43
CA MET B 323 48.29 -33.01 6.53
C MET B 323 48.18 -33.79 5.24
N HIS B 324 48.14 -33.09 4.10
CA HIS B 324 48.03 -33.79 2.82
C HIS B 324 49.27 -34.63 2.55
N ILE B 325 50.45 -34.21 3.05
CA ILE B 325 51.66 -35.00 2.87
C ILE B 325 51.60 -36.26 3.72
N LYS B 326 51.28 -36.10 5.00
CA LYS B 326 51.23 -37.25 5.90
C LYS B 326 50.09 -38.20 5.53
N GLN B 327 49.12 -37.73 4.75
CA GLN B 327 48.05 -38.61 4.29
C GLN B 327 48.54 -39.60 3.23
N THR B 328 49.74 -39.39 2.69
CA THR B 328 50.31 -40.28 1.67
C THR B 328 51.26 -41.31 2.27
N LEU B 329 51.30 -41.41 3.60
CA LEU B 329 52.22 -42.30 4.30
C LEU B 329 51.69 -43.73 4.45
N PRO B 330 50.36 -43.98 4.38
CA PRO B 330 49.90 -45.37 4.58
C PRO B 330 50.24 -46.29 3.41
N ASP B 331 49.87 -45.86 2.20
CA ASP B 331 50.10 -46.66 1.01
C ASP B 331 51.59 -46.84 0.72
N ILE B 332 52.40 -45.83 1.02
CA ILE B 332 53.85 -45.98 0.82
C ILE B 332 54.39 -47.05 1.75
N LYS B 333 53.97 -47.03 3.02
CA LYS B 333 54.40 -48.05 3.96
C LYS B 333 53.97 -49.44 3.49
N GLN B 334 52.72 -49.57 3.04
CA GLN B 334 52.25 -50.87 2.57
C GLN B 334 53.05 -51.36 1.37
N ARG B 335 53.30 -50.47 0.39
CA ARG B 335 54.04 -50.86 -0.79
C ARG B 335 55.46 -51.29 -0.45
N ILE B 336 56.13 -50.52 0.43
CA ILE B 336 57.48 -50.86 0.83
C ILE B 336 57.50 -52.20 1.55
N SER B 337 56.52 -52.45 2.42
CA SER B 337 56.46 -53.71 3.14
C SER B 337 56.31 -54.88 2.18
N SER B 338 55.41 -54.76 1.20
CA SER B 338 55.22 -55.83 0.24
C SER B 338 56.49 -56.09 -0.58
N SER B 339 57.13 -55.02 -1.07
CA SER B 339 58.34 -55.18 -1.84
C SER B 339 59.43 -55.84 -1.01
N LEU B 340 59.54 -55.46 0.26
CA LEU B 340 60.53 -56.08 1.14
C LEU B 340 60.26 -57.57 1.32
N GLN B 341 58.99 -57.94 1.53
CA GLN B 341 58.67 -59.36 1.67
C GLN B 341 59.08 -60.13 0.43
N LYS B 342 58.76 -59.60 -0.76
CA LYS B 342 59.10 -60.30 -1.99
C LYS B 342 60.60 -60.47 -2.14
N TYR B 343 61.35 -59.37 -1.97
CA TYR B 343 62.80 -59.45 -2.15
C TYR B 343 63.45 -60.34 -1.10
N GLN B 344 62.95 -60.32 0.14
CA GLN B 344 63.55 -61.16 1.17
C GLN B 344 63.28 -62.63 0.90
N GLN B 345 62.07 -62.98 0.45
CA GLN B 345 61.81 -64.34 0.02
C GLN B 345 62.80 -64.76 -1.06
N GLU B 346 62.95 -63.94 -2.11
CA GLU B 346 63.85 -64.29 -3.19
C GLU B 346 65.29 -64.48 -2.66
N LEU B 347 65.76 -63.56 -1.83
CA LEU B 347 67.13 -63.65 -1.32
C LEU B 347 67.30 -64.91 -0.48
N GLU B 348 66.28 -65.28 0.30
CA GLU B 348 66.35 -66.53 1.05
C GLU B 348 66.47 -67.72 0.11
N ALA B 349 65.81 -67.66 -1.04
CA ALA B 349 65.92 -68.75 -2.01
C ALA B 349 67.36 -68.92 -2.50
N LEU B 350 68.07 -67.82 -2.69
CA LEU B 350 69.44 -67.87 -3.18
C LEU B 350 70.45 -67.63 -2.06
N ASP B 364 75.89 -67.66 -12.56
CA ASP B 364 76.26 -66.30 -12.93
C ASP B 364 75.07 -65.37 -12.82
N TYR B 365 73.90 -65.85 -13.26
CA TYR B 365 72.66 -65.12 -13.05
C TYR B 365 72.35 -65.04 -11.56
N THR B 366 72.56 -66.13 -10.82
CA THR B 366 72.29 -66.13 -9.40
C THR B 366 73.12 -65.06 -8.69
N VAL B 367 74.36 -64.86 -9.13
CA VAL B 367 75.24 -63.89 -8.47
C VAL B 367 74.71 -62.47 -8.67
N ARG B 368 74.50 -62.07 -9.92
CA ARG B 368 74.05 -60.72 -10.23
C ARG B 368 72.56 -60.52 -9.97
N ARG B 369 71.87 -61.55 -9.50
CA ARG B 369 70.52 -61.38 -8.96
C ARG B 369 70.52 -61.28 -7.44
N ARG B 370 71.40 -62.04 -6.77
CA ARG B 370 71.58 -61.89 -5.33
C ARG B 370 72.09 -60.49 -4.99
N LYS B 371 73.00 -59.97 -5.81
CA LYS B 371 73.46 -58.59 -5.60
C LYS B 371 72.30 -57.62 -5.72
N GLU B 372 71.49 -57.75 -6.78
CA GLU B 372 70.34 -56.87 -6.96
C GLU B 372 69.40 -56.95 -5.76
N CYS B 373 69.11 -58.16 -5.28
CA CYS B 373 68.17 -58.33 -4.18
C CYS B 373 68.72 -57.74 -2.88
N GLN B 374 70.01 -57.94 -2.60
CA GLN B 374 70.57 -57.35 -1.39
C GLN B 374 70.55 -55.83 -1.46
N GLN B 375 70.89 -55.26 -2.62
CA GLN B 375 70.82 -53.82 -2.78
C GLN B 375 69.40 -53.30 -2.60
N MET B 376 68.42 -54.01 -3.16
CA MET B 376 67.03 -53.59 -3.02
C MET B 376 66.55 -53.70 -1.58
N VAL B 377 67.00 -54.73 -0.86
CA VAL B 377 66.64 -54.88 0.55
C VAL B 377 67.21 -53.71 1.35
N GLU B 378 68.49 -53.40 1.15
CA GLU B 378 69.09 -52.27 1.84
C GLU B 378 68.36 -50.97 1.52
N SER B 379 68.01 -50.77 0.25
CA SER B 379 67.33 -49.54 -0.15
C SER B 379 65.94 -49.45 0.47
N LEU B 380 65.19 -50.55 0.47
CA LEU B 380 63.85 -50.54 1.06
C LEU B 380 63.93 -50.29 2.56
N GLN B 381 64.93 -50.87 3.23
CA GLN B 381 65.07 -50.63 4.66
C GLN B 381 65.44 -49.18 4.94
N ARG B 382 66.33 -48.60 4.13
CA ARG B 382 66.67 -47.19 4.29
C ARG B 382 65.44 -46.31 4.07
N ALA B 383 64.61 -46.64 3.08
CA ALA B 383 63.42 -45.83 2.82
C ALA B 383 62.41 -45.95 3.97
N ALA B 384 62.16 -47.18 4.42
CA ALA B 384 61.25 -47.38 5.53
C ALA B 384 61.75 -46.68 6.79
N GLU B 385 63.06 -46.51 6.92
CA GLU B 385 63.57 -45.77 8.08
C GLU B 385 63.44 -44.26 7.87
N ILE B 386 63.65 -43.78 6.65
CA ILE B 386 63.41 -42.36 6.36
C ILE B 386 61.99 -41.99 6.75
N VAL B 387 61.02 -42.84 6.41
CA VAL B 387 59.63 -42.57 6.77
C VAL B 387 59.52 -42.31 8.27
N SER B 388 60.13 -43.17 9.08
CA SER B 388 60.14 -42.98 10.53
C SER B 388 61.09 -41.85 10.94
N GLN C 14 -60.38 8.92 10.68
CA GLN C 14 -59.90 7.55 10.86
C GLN C 14 -59.53 7.28 12.32
N PRO C 15 -60.11 6.24 12.92
CA PRO C 15 -59.82 5.95 14.32
C PRO C 15 -58.45 5.33 14.51
N GLY C 16 -57.88 5.58 15.69
CA GLY C 16 -56.61 4.98 16.06
C GLY C 16 -55.38 5.69 15.55
N GLY C 17 -55.44 6.99 15.35
CA GLY C 17 -54.33 7.76 14.82
C GLY C 17 -54.40 9.20 15.31
N ILE C 18 -53.98 10.12 14.44
CA ILE C 18 -53.97 11.55 14.78
C ILE C 18 -55.34 12.18 14.67
N SER C 19 -56.29 11.51 14.00
CA SER C 19 -57.67 11.94 13.91
C SER C 19 -58.59 11.09 14.76
N ASP C 20 -58.08 10.52 15.84
CA ASP C 20 -58.86 9.62 16.69
C ASP C 20 -60.07 10.38 17.25
N PRO C 21 -61.29 9.89 17.03
CA PRO C 21 -62.45 10.62 17.57
C PRO C 21 -62.43 10.82 19.08
N ASN C 22 -62.02 9.80 19.84
CA ASN C 22 -61.92 9.95 21.28
C ASN C 22 -60.96 11.08 21.64
N LEU C 23 -59.84 11.18 20.91
CA LEU C 23 -58.85 12.22 21.19
C LEU C 23 -59.44 13.60 20.96
N ILE C 24 -60.16 13.80 19.86
CA ILE C 24 -60.79 15.08 19.59
C ILE C 24 -61.82 15.41 20.66
N LYS C 25 -62.62 14.41 21.07
CA LYS C 25 -63.58 14.65 22.15
C LYS C 25 -62.86 15.12 23.41
N LEU C 26 -61.73 14.49 23.74
CA LEU C 26 -60.96 14.90 24.91
C LEU C 26 -60.50 16.34 24.78
N VAL C 27 -59.95 16.70 23.63
CA VAL C 27 -59.44 18.06 23.44
C VAL C 27 -60.58 19.08 23.56
N ASN C 28 -61.73 18.78 22.97
CA ASN C 28 -62.87 19.70 23.04
C ASN C 28 -63.34 19.88 24.48
N LYS C 29 -63.45 18.80 25.24
CA LYS C 29 -63.81 18.90 26.65
C LYS C 29 -62.80 19.77 27.40
N LEU C 30 -61.51 19.52 27.18
CA LEU C 30 -60.47 20.27 27.88
C LEU C 30 -60.51 21.75 27.50
N GLN C 31 -60.78 22.06 26.23
CA GLN C 31 -60.90 23.45 25.82
C GLN C 31 -62.05 24.13 26.54
N ASP C 32 -63.21 23.46 26.62
CA ASP C 32 -64.33 24.04 27.36
C ASP C 32 -63.96 24.26 28.81
N VAL C 33 -63.26 23.30 29.42
CA VAL C 33 -62.80 23.46 30.80
C VAL C 33 -61.95 24.72 30.94
N PHE C 34 -60.93 24.86 30.09
CA PHE C 34 -60.07 26.02 30.15
C PHE C 34 -60.88 27.31 30.02
N THR C 35 -61.84 27.33 29.08
CA THR C 35 -62.69 28.49 28.94
C THR C 35 -63.40 28.82 30.24
N THR C 36 -63.96 27.81 30.91
CA THR C 36 -64.67 28.06 32.16
C THR C 36 -63.73 28.68 33.20
N VAL C 37 -62.48 28.22 33.25
CA VAL C 37 -61.50 28.80 34.16
C VAL C 37 -60.92 30.10 33.64
N GLY C 38 -61.29 30.52 32.43
CA GLY C 38 -60.80 31.76 31.87
C GLY C 38 -59.28 31.77 31.76
N VAL C 39 -58.73 30.84 31.00
CA VAL C 39 -57.28 30.70 30.85
C VAL C 39 -56.97 30.32 29.42
N ASN C 40 -55.81 30.79 28.94
CA ASN C 40 -55.35 30.44 27.60
C ASN C 40 -55.14 28.94 27.47
N ASN C 41 -55.27 28.45 26.25
CA ASN C 41 -55.12 27.03 25.98
C ASN C 41 -53.66 26.62 26.09
N PRO C 42 -53.25 25.88 27.13
CA PRO C 42 -51.83 25.52 27.26
C PRO C 42 -51.48 24.22 26.56
N ILE C 43 -52.06 24.01 25.37
CA ILE C 43 -51.89 22.78 24.61
C ILE C 43 -51.07 23.13 23.38
N ASP C 44 -49.78 22.85 23.41
CA ASP C 44 -48.88 23.12 22.29
C ASP C 44 -48.35 21.77 21.81
N LEU C 45 -49.12 21.11 20.95
CA LEU C 45 -48.75 19.79 20.46
C LEU C 45 -47.59 19.90 19.47
N PRO C 46 -46.71 18.91 19.41
CA PRO C 46 -45.57 18.99 18.49
C PRO C 46 -46.03 18.82 17.05
N GLN C 47 -45.21 19.34 16.15
CA GLN C 47 -45.41 19.13 14.72
C GLN C 47 -44.68 17.87 14.28
N ILE C 48 -45.24 17.20 13.28
CA ILE C 48 -44.70 15.93 12.80
C ILE C 48 -43.92 16.20 11.52
N VAL C 49 -42.63 15.86 11.53
CA VAL C 49 -41.75 16.15 10.40
C VAL C 49 -41.12 14.85 9.93
N VAL C 50 -41.17 14.60 8.63
CA VAL C 50 -40.55 13.43 8.02
C VAL C 50 -39.17 13.81 7.52
N VAL C 51 -38.18 12.97 7.79
CA VAL C 51 -36.81 13.22 7.36
C VAL C 51 -36.18 11.90 6.89
N GLY C 52 -35.42 11.97 5.80
CA GLY C 52 -34.79 10.78 5.25
C GLY C 52 -34.14 11.08 3.93
N SER C 53 -33.60 10.03 3.32
CA SER C 53 -32.94 10.16 2.03
C SER C 53 -33.98 10.41 0.94
N GLN C 54 -33.48 10.79 -0.24
CA GLN C 54 -34.36 11.01 -1.37
C GLN C 54 -35.07 9.71 -1.75
N SER C 55 -36.35 9.83 -2.10
CA SER C 55 -37.19 8.70 -2.49
C SER C 55 -37.33 7.64 -1.40
N SER C 56 -37.12 8.02 -0.14
CA SER C 56 -37.28 7.06 0.96
C SER C 56 -38.73 6.80 1.32
N GLY C 57 -39.67 7.57 0.79
CA GLY C 57 -41.08 7.35 1.08
C GLY C 57 -41.63 8.27 2.14
N LYS C 58 -41.18 9.53 2.18
CA LYS C 58 -41.60 10.45 3.22
C LYS C 58 -43.03 10.93 2.98
N SER C 59 -43.33 11.38 1.77
CA SER C 59 -44.67 11.86 1.46
C SER C 59 -45.71 10.77 1.64
N SER C 60 -45.38 9.53 1.25
CA SER C 60 -46.30 8.42 1.44
C SER C 60 -46.64 8.24 2.91
N VAL C 61 -45.61 8.22 3.77
CA VAL C 61 -45.85 8.04 5.20
C VAL C 61 -46.72 9.17 5.73
N LEU C 62 -46.41 10.41 5.34
CA LEU C 62 -47.15 11.55 5.88
C LEU C 62 -48.62 11.49 5.46
N GLU C 63 -48.88 11.21 4.18
CA GLU C 63 -50.26 11.14 3.71
C GLU C 63 -51.00 9.98 4.33
N ASN C 64 -50.33 8.86 4.57
CA ASN C 64 -50.95 7.75 5.29
C ASN C 64 -51.29 8.16 6.72
N ILE C 65 -50.46 8.98 7.34
CA ILE C 65 -50.78 9.50 8.67
C ILE C 65 -52.03 10.37 8.60
N VAL C 66 -52.12 11.23 7.59
CA VAL C 66 -53.30 12.07 7.46
C VAL C 66 -54.53 11.22 7.10
N GLY C 67 -54.35 10.25 6.21
CA GLY C 67 -55.38 9.29 5.87
C GLY C 67 -56.04 9.50 4.53
N ARG C 68 -55.78 10.61 3.85
CA ARG C 68 -56.34 10.88 2.53
C ARG C 68 -55.22 11.28 1.59
N ASP C 69 -55.35 10.87 0.33
CA ASP C 69 -54.33 11.15 -0.67
C ASP C 69 -54.37 12.62 -1.08
N PHE C 70 -53.21 13.28 -1.01
CA PHE C 70 -53.10 14.66 -1.46
C PHE C 70 -51.64 15.06 -1.75
N LEU C 71 -50.69 14.16 -1.52
CA LEU C 71 -49.28 14.51 -1.73
C LEU C 71 -48.75 13.91 -3.02
N PRO C 72 -48.01 14.69 -3.81
CA PRO C 72 -47.35 14.11 -4.99
C PRO C 72 -46.29 13.10 -4.57
N ARG C 73 -46.34 11.92 -5.19
CA ARG C 73 -45.39 10.86 -4.88
C ARG C 73 -44.77 10.38 -6.18
N GLY C 74 -43.56 9.84 -6.07
CA GLY C 74 -42.91 9.25 -7.21
C GLY C 74 -41.41 9.22 -7.04
N GLN C 75 -40.77 8.47 -7.92
CA GLN C 75 -39.33 8.30 -7.91
C GLN C 75 -38.66 9.59 -8.41
N GLY C 76 -37.33 9.62 -8.29
CA GLY C 76 -36.64 10.86 -8.56
C GLY C 76 -37.07 11.94 -7.56
N ILE C 77 -36.79 13.19 -7.92
CA ILE C 77 -37.11 14.32 -7.07
C ILE C 77 -38.55 14.76 -7.37
N VAL C 78 -39.44 14.60 -6.38
CA VAL C 78 -40.82 15.05 -6.47
C VAL C 78 -41.07 16.22 -5.53
N THR C 79 -40.89 16.01 -4.22
CA THR C 79 -40.98 17.09 -3.26
C THR C 79 -39.73 17.97 -3.36
N ARG C 80 -39.92 19.21 -3.77
CA ARG C 80 -38.84 20.16 -3.92
C ARG C 80 -39.05 21.45 -3.12
N ARG C 81 -40.13 21.53 -2.34
CA ARG C 81 -40.38 22.64 -1.45
C ARG C 81 -41.06 22.09 -0.21
N PRO C 82 -40.74 22.64 0.97
CA PRO C 82 -41.44 22.18 2.18
C PRO C 82 -42.94 22.39 2.05
N LEU C 83 -43.71 21.40 2.48
CA LEU C 83 -45.16 21.52 2.60
C LEU C 83 -45.47 21.55 4.08
N VAL C 84 -45.89 22.72 4.58
CA VAL C 84 -46.29 22.88 5.97
C VAL C 84 -47.81 22.80 6.01
N LEU C 85 -48.34 21.63 6.34
CA LEU C 85 -49.77 21.42 6.44
C LEU C 85 -50.21 21.70 7.87
N GLN C 86 -51.21 22.55 8.03
CA GLN C 86 -51.76 22.84 9.35
C GLN C 86 -53.20 22.33 9.41
N LEU C 87 -53.38 21.20 10.07
CA LEU C 87 -54.72 20.71 10.34
C LEU C 87 -55.38 21.60 11.39
N ILE C 88 -56.61 22.01 11.10
CA ILE C 88 -57.36 22.95 11.94
C ILE C 88 -58.75 22.36 12.14
N ASN C 89 -59.17 22.25 13.40
CA ASN C 89 -60.47 21.68 13.71
C ASN C 89 -61.57 22.71 13.43
N ARG C 90 -62.61 22.27 12.72
CA ARG C 90 -63.71 23.16 12.35
C ARG C 90 -65.04 22.38 12.32
N ASP C 114 -67.51 20.01 4.54
CA ASP C 114 -67.05 19.82 5.91
C ASP C 114 -65.52 19.70 5.97
N GLU C 115 -64.93 19.06 4.96
CA GLU C 115 -63.49 18.85 4.89
C GLU C 115 -62.99 19.50 3.60
N TRP C 116 -62.17 20.54 3.72
CA TRP C 116 -61.60 21.17 2.54
C TRP C 116 -60.24 21.77 2.86
N GLY C 117 -59.52 22.16 1.82
CA GLY C 117 -58.19 22.73 1.96
C GLY C 117 -58.10 24.10 1.34
N GLU C 118 -57.21 24.92 1.89
CA GLU C 118 -56.96 26.26 1.40
C GLU C 118 -55.46 26.53 1.41
N PHE C 119 -54.95 27.03 0.30
CA PHE C 119 -53.54 27.37 0.18
C PHE C 119 -53.34 28.84 0.53
N LEU C 120 -52.19 29.13 1.14
CA LEU C 120 -51.91 30.50 1.54
C LEU C 120 -51.66 31.40 0.34
N HIS C 121 -51.01 30.90 -0.69
CA HIS C 121 -50.71 31.69 -1.89
C HIS C 121 -51.90 31.88 -2.82
N LEU C 122 -53.00 31.14 -2.61
CA LEU C 122 -54.22 31.32 -3.40
C LEU C 122 -55.37 31.65 -2.44
N PRO C 123 -55.45 32.89 -1.96
CA PRO C 123 -56.46 33.24 -0.97
C PRO C 123 -57.86 33.19 -1.55
N GLY C 124 -58.81 32.71 -0.74
CA GLY C 124 -60.21 32.67 -1.10
C GLY C 124 -60.65 31.37 -1.76
N GLN C 125 -59.75 30.68 -2.44
CA GLN C 125 -60.11 29.44 -3.12
C GLN C 125 -60.14 28.28 -2.13
N LYS C 126 -61.19 27.47 -2.22
CA LYS C 126 -61.34 26.29 -1.38
C LYS C 126 -61.24 25.03 -2.23
N PHE C 127 -60.49 24.05 -1.73
CA PHE C 127 -60.25 22.79 -2.43
C PHE C 127 -60.93 21.67 -1.64
N TYR C 128 -62.12 21.27 -2.10
CA TYR C 128 -62.80 20.12 -1.53
C TYR C 128 -62.31 18.81 -2.11
N ASP C 129 -61.78 18.83 -3.33
CA ASP C 129 -61.24 17.64 -3.99
C ASP C 129 -59.73 17.58 -3.72
N PHE C 130 -59.31 16.54 -3.00
CA PHE C 130 -57.90 16.45 -2.59
C PHE C 130 -57.00 16.13 -3.78
N ASN C 131 -57.52 15.48 -4.81
CA ASN C 131 -56.75 15.30 -6.03
C ASN C 131 -56.34 16.65 -6.61
N LYS C 132 -57.24 17.63 -6.54
CA LYS C 132 -56.89 18.98 -6.96
C LYS C 132 -55.86 19.61 -6.04
N ILE C 133 -55.85 19.23 -4.76
CA ILE C 133 -54.82 19.70 -3.86
C ILE C 133 -53.45 19.20 -4.30
N ARG C 134 -53.37 17.91 -4.62
CA ARG C 134 -52.12 17.36 -5.15
C ARG C 134 -51.70 18.08 -6.43
N ASP C 135 -52.65 18.26 -7.34
CA ASP C 135 -52.34 18.93 -8.61
C ASP C 135 -51.82 20.33 -8.36
N GLU C 136 -52.40 21.05 -7.41
CA GLU C 136 -51.99 22.43 -7.16
C GLU C 136 -50.63 22.48 -6.46
N ILE C 137 -50.35 21.52 -5.57
CA ILE C 137 -49.02 21.45 -4.98
C ILE C 137 -47.98 21.28 -6.09
N ASN C 138 -48.22 20.34 -7.00
CA ASN C 138 -47.31 20.16 -8.12
C ASN C 138 -47.17 21.43 -8.94
N ARG C 139 -48.30 22.09 -9.24
CA ARG C 139 -48.29 23.27 -10.08
C ARG C 139 -47.49 24.40 -9.45
N GLU C 140 -47.70 24.66 -8.16
CA GLU C 140 -46.98 25.74 -7.48
C GLU C 140 -45.49 25.42 -7.37
N THR C 141 -45.16 24.16 -7.06
CA THR C 141 -43.75 23.78 -7.01
C THR C 141 -43.07 24.06 -8.34
N GLU C 142 -43.66 23.59 -9.44
CA GLU C 142 -43.08 23.85 -10.75
C GLU C 142 -43.06 25.35 -11.06
N ALA C 143 -44.06 26.09 -10.60
CA ALA C 143 -44.14 27.52 -10.86
C ALA C 143 -43.04 28.29 -10.15
N LYS C 144 -42.44 27.71 -9.11
CA LYS C 144 -41.40 28.43 -8.38
C LYS C 144 -39.99 27.87 -8.53
N VAL C 145 -39.84 26.60 -8.92
CA VAL C 145 -38.50 26.01 -9.08
C VAL C 145 -38.39 25.29 -10.42
N GLY C 146 -39.12 25.76 -11.43
CA GLY C 146 -39.06 25.17 -12.75
C GLY C 146 -39.44 23.70 -12.73
N ARG C 147 -39.05 23.00 -13.79
CA ARG C 147 -39.35 21.59 -13.96
C ARG C 147 -38.11 20.78 -14.30
N ASN C 148 -36.98 21.11 -13.66
CA ASN C 148 -35.74 20.39 -13.90
C ASN C 148 -34.99 20.18 -12.59
N ALA C 149 -35.70 19.70 -11.57
CA ALA C 149 -35.15 19.29 -10.29
C ALA C 149 -34.70 20.45 -9.42
N GLY C 150 -34.98 21.70 -9.79
CA GLY C 150 -34.64 22.81 -8.93
C GLY C 150 -35.28 22.68 -7.57
N ILE C 151 -34.71 23.37 -6.58
CA ILE C 151 -35.14 23.22 -5.19
C ILE C 151 -35.25 24.59 -4.55
N SER C 152 -36.11 24.68 -3.53
CA SER C 152 -36.29 25.91 -2.78
C SER C 152 -36.70 25.59 -1.35
N PRO C 153 -36.21 26.34 -0.36
CA PRO C 153 -36.70 26.16 1.01
C PRO C 153 -37.99 26.91 1.30
N ALA C 154 -38.47 27.73 0.37
CA ALA C 154 -39.69 28.48 0.56
C ALA C 154 -40.86 27.52 0.73
N PRO C 155 -41.56 27.52 1.86
CA PRO C 155 -42.55 26.49 2.11
C PRO C 155 -43.86 26.73 1.37
N ILE C 156 -44.58 25.63 1.13
CA ILE C 156 -45.96 25.66 0.66
C ILE C 156 -46.86 25.56 1.88
N ASN C 157 -47.66 26.60 2.14
CA ASN C 157 -48.52 26.65 3.31
C ASN C 157 -49.93 26.23 2.92
N LEU C 158 -50.42 25.16 3.56
CA LEU C 158 -51.73 24.60 3.29
C LEU C 158 -52.45 24.39 4.61
N ARG C 159 -53.71 24.82 4.69
CA ARG C 159 -54.55 24.58 5.87
C ARG C 159 -55.71 23.71 5.47
N ILE C 160 -55.95 22.64 6.23
CA ILE C 160 -57.07 21.73 5.97
C ILE C 160 -58.06 21.83 7.12
N TYR C 161 -59.28 22.27 6.81
CA TYR C 161 -60.35 22.36 7.79
C TYR C 161 -61.21 21.11 7.73
N SER C 162 -61.48 20.54 8.90
CA SER C 162 -62.35 19.37 9.06
C SER C 162 -62.71 19.28 10.53
N PRO C 163 -63.93 18.88 10.88
CA PRO C 163 -64.27 18.70 12.30
C PRO C 163 -63.66 17.46 12.94
N HIS C 164 -62.92 16.64 12.18
CA HIS C 164 -62.42 15.37 12.67
C HIS C 164 -60.90 15.33 12.75
N VAL C 165 -60.25 16.48 12.82
CA VAL C 165 -58.80 16.56 12.89
C VAL C 165 -58.40 17.35 14.14
N LEU C 166 -57.10 17.40 14.39
CA LEU C 166 -56.55 18.17 15.50
C LEU C 166 -55.97 19.49 14.99
N ASN C 167 -55.64 20.37 15.93
CA ASN C 167 -54.91 21.60 15.61
C ASN C 167 -53.43 21.26 15.60
N LEU C 168 -53.00 20.69 14.46
CA LEU C 168 -51.67 20.09 14.36
C LEU C 168 -50.94 20.63 13.14
N THR C 169 -49.62 20.46 13.16
CA THR C 169 -48.77 20.91 12.05
C THR C 169 -47.93 19.71 11.60
N LEU C 170 -48.11 19.31 10.35
CA LEU C 170 -47.29 18.29 9.72
C LEU C 170 -46.39 18.97 8.70
N VAL C 171 -45.24 18.35 8.41
CA VAL C 171 -44.27 18.96 7.52
C VAL C 171 -43.70 17.89 6.60
N ASP C 172 -43.91 18.04 5.30
CA ASP C 172 -43.26 17.20 4.29
C ASP C 172 -42.08 17.96 3.71
N LEU C 173 -40.98 17.26 3.47
CA LEU C 173 -39.75 17.88 3.04
C LEU C 173 -39.12 17.08 1.90
N PRO C 174 -38.27 17.71 1.10
CA PRO C 174 -37.47 16.94 0.15
C PRO C 174 -36.47 16.06 0.89
N GLY C 175 -36.03 15.01 0.19
CA GLY C 175 -35.05 14.09 0.73
C GLY C 175 -33.63 14.54 0.44
N LEU C 176 -32.74 14.30 1.41
CA LEU C 176 -31.35 14.69 1.26
C LEU C 176 -30.71 13.90 0.12
N THR C 177 -29.84 14.56 -0.65
CA THR C 177 -29.17 13.95 -1.79
C THR C 177 -27.66 14.13 -1.65
N ARG C 178 -26.93 13.56 -2.60
CA ARG C 178 -25.46 13.64 -2.60
C ARG C 178 -24.90 14.27 -3.86
N VAL C 179 -25.46 13.99 -5.04
CA VAL C 179 -24.98 14.54 -6.30
C VAL C 179 -26.09 15.36 -6.93
N PRO C 180 -25.80 16.56 -7.43
CA PRO C 180 -26.88 17.40 -7.99
C PRO C 180 -27.37 16.94 -9.36
N VAL C 181 -28.62 17.28 -9.65
CA VAL C 181 -29.26 16.95 -10.92
C VAL C 181 -29.99 18.18 -11.45
N GLY C 182 -29.99 18.32 -12.78
CA GLY C 182 -30.70 19.42 -13.41
C GLY C 182 -30.18 20.75 -12.93
N ASP C 183 -31.12 21.65 -12.62
CA ASP C 183 -30.79 23.00 -12.18
C ASP C 183 -30.21 23.05 -10.77
N GLN C 184 -30.08 21.91 -10.10
CA GLN C 184 -29.64 21.93 -8.71
C GLN C 184 -28.24 22.51 -8.63
N PRO C 185 -27.94 23.30 -7.61
CA PRO C 185 -26.58 23.87 -7.48
C PRO C 185 -25.56 22.83 -7.05
N ARG C 186 -24.29 23.25 -6.96
CA ARG C 186 -23.24 22.31 -6.56
C ARG C 186 -23.37 21.92 -5.09
N ASP C 187 -23.84 22.83 -4.25
CA ASP C 187 -23.99 22.61 -2.82
C ASP C 187 -25.41 22.19 -2.45
N ILE C 188 -25.99 21.28 -3.25
CA ILE C 188 -27.38 20.89 -3.03
C ILE C 188 -27.54 20.20 -1.68
N GLU C 189 -26.56 19.38 -1.28
CA GLU C 189 -26.66 18.68 0.00
C GLU C 189 -26.75 19.67 1.15
N ARG C 190 -25.91 20.70 1.13
CA ARG C 190 -25.94 21.70 2.20
C ARG C 190 -27.28 22.42 2.25
N GLN C 191 -27.83 22.77 1.08
CA GLN C 191 -29.09 23.49 1.04
C GLN C 191 -30.22 22.63 1.59
N ILE C 192 -30.31 21.38 1.15
CA ILE C 192 -31.36 20.49 1.66
C ILE C 192 -31.18 20.25 3.15
N ARG C 193 -29.93 20.08 3.60
CA ARG C 193 -29.69 19.82 5.02
C ARG C 193 -30.14 21.00 5.87
N ASP C 194 -29.81 22.23 5.44
CA ASP C 194 -30.26 23.40 6.20
C ASP C 194 -31.78 23.53 6.16
N MET C 195 -32.39 23.28 4.99
CA MET C 195 -33.84 23.28 4.87
C MET C 195 -34.48 22.34 5.89
N ILE C 196 -33.89 21.17 6.09
CA ILE C 196 -34.45 20.19 7.01
C ILE C 196 -34.17 20.59 8.47
N LEU C 197 -32.94 21.00 8.76
CA LEU C 197 -32.59 21.36 10.12
C LEU C 197 -33.48 22.48 10.64
N LYS C 198 -33.83 23.44 9.77
CA LYS C 198 -34.69 24.53 10.23
C LYS C 198 -36.01 24.01 10.80
N TYR C 199 -36.50 22.87 10.31
CA TYR C 199 -37.77 22.33 10.77
C TYR C 199 -37.64 21.30 11.88
N ILE C 200 -36.53 20.56 11.96
CA ILE C 200 -36.40 19.52 12.98
C ILE C 200 -35.55 19.96 14.17
N GLN C 201 -34.95 21.15 14.11
CA GLN C 201 -34.12 21.62 15.21
C GLN C 201 -34.94 22.06 16.41
N LYS C 202 -36.20 22.43 16.21
CA LYS C 202 -37.02 22.88 17.33
C LYS C 202 -37.30 21.72 18.28
N PRO C 203 -37.34 21.98 19.59
CA PRO C 203 -37.59 20.88 20.54
C PRO C 203 -39.00 20.33 20.47
N ASN C 204 -39.96 21.08 19.93
CA ASN C 204 -41.35 20.64 19.85
C ASN C 204 -41.65 20.08 18.45
N ALA C 205 -40.91 19.02 18.10
CA ALA C 205 -41.07 18.38 16.79
C ALA C 205 -40.81 16.90 16.91
N ILE C 206 -41.75 16.10 16.43
CA ILE C 206 -41.59 14.64 16.34
C ILE C 206 -40.96 14.31 15.00
N ILE C 207 -39.81 13.65 15.04
CA ILE C 207 -39.01 13.35 13.86
C ILE C 207 -39.31 11.92 13.43
N LEU C 208 -39.98 11.76 12.30
CA LEU C 208 -40.15 10.46 11.65
C LEU C 208 -38.96 10.24 10.73
N ALA C 209 -37.99 9.46 11.20
CA ALA C 209 -36.81 9.12 10.40
C ALA C 209 -37.18 7.97 9.48
N VAL C 210 -37.41 8.28 8.20
CA VAL C 210 -37.88 7.31 7.23
C VAL C 210 -36.68 6.76 6.46
N THR C 211 -36.46 5.45 6.56
CA THR C 211 -35.37 4.78 5.87
C THR C 211 -35.92 3.66 5.00
N ALA C 212 -35.40 3.55 3.79
CA ALA C 212 -35.74 2.42 2.93
C ALA C 212 -35.15 1.14 3.51
N ALA C 213 -35.96 0.07 3.50
CA ALA C 213 -35.52 -1.21 4.06
C ALA C 213 -34.58 -1.98 3.14
N ASN C 214 -34.57 -1.66 1.84
CA ASN C 214 -33.64 -2.27 0.90
C ASN C 214 -32.27 -1.61 0.92
N VAL C 215 -31.99 -0.80 1.94
CA VAL C 215 -30.69 -0.17 2.13
C VAL C 215 -30.23 -0.44 3.55
N ASP C 216 -28.93 -0.71 3.71
CA ASP C 216 -28.39 -0.95 5.04
C ASP C 216 -28.68 0.23 5.96
N LEU C 217 -29.01 -0.08 7.21
CA LEU C 217 -29.43 0.95 8.16
C LEU C 217 -28.31 1.96 8.40
N ALA C 218 -27.06 1.54 8.30
CA ALA C 218 -25.94 2.45 8.53
C ALA C 218 -25.82 3.52 7.45
N ASN C 219 -26.56 3.40 6.35
CA ASN C 219 -26.57 4.42 5.31
C ASN C 219 -27.69 5.43 5.50
N SER C 220 -28.48 5.30 6.57
CA SER C 220 -29.67 6.11 6.75
C SER C 220 -29.31 7.57 7.01
N ASP C 221 -29.72 8.46 6.12
CA ASP C 221 -29.59 9.89 6.36
C ASP C 221 -30.53 10.35 7.47
N GLY C 222 -31.74 9.80 7.50
CA GLY C 222 -32.71 10.20 8.50
C GLY C 222 -32.20 9.97 9.91
N LEU C 223 -31.63 8.79 10.16
CA LEU C 223 -31.10 8.49 11.49
C LEU C 223 -29.93 9.42 11.82
N LYS C 224 -29.06 9.68 10.85
CA LYS C 224 -27.96 10.61 11.07
C LYS C 224 -28.47 11.96 11.56
N LEU C 225 -29.43 12.54 10.83
CA LEU C 225 -29.92 13.87 11.19
C LEU C 225 -30.63 13.84 12.53
N ALA C 226 -31.48 12.84 12.76
CA ALA C 226 -32.19 12.75 14.03
C ALA C 226 -31.23 12.67 15.21
N ARG C 227 -30.22 11.80 15.11
CA ARG C 227 -29.22 11.73 16.17
C ARG C 227 -28.45 13.03 16.31
N GLU C 228 -28.28 13.76 15.21
CA GLU C 228 -27.60 15.06 15.29
C GLU C 228 -28.41 16.06 16.11
N VAL C 229 -29.74 16.05 15.96
CA VAL C 229 -30.57 17.01 16.68
C VAL C 229 -31.08 16.44 17.99
N ASP C 230 -31.41 15.15 18.02
CA ASP C 230 -31.96 14.48 19.20
C ASP C 230 -31.07 13.28 19.51
N PRO C 231 -29.87 13.53 20.05
CA PRO C 231 -28.96 12.41 20.31
C PRO C 231 -29.53 11.39 21.29
N GLU C 232 -30.26 11.85 22.29
CA GLU C 232 -30.88 10.94 23.25
C GLU C 232 -32.11 10.25 22.68
N GLY C 233 -32.53 10.60 21.46
CA GLY C 233 -33.64 9.93 20.81
C GLY C 233 -34.94 10.01 21.56
N GLN C 234 -35.17 11.08 22.30
CA GLN C 234 -36.40 11.27 23.06
C GLN C 234 -37.58 11.73 22.19
N ARG C 235 -37.33 12.01 20.90
CA ARG C 235 -38.39 12.50 20.02
C ARG C 235 -38.22 11.99 18.60
N THR C 236 -37.63 10.81 18.43
CA THR C 236 -37.38 10.22 17.13
C THR C 236 -38.08 8.88 17.01
N ILE C 237 -38.88 8.70 15.95
CA ILE C 237 -39.48 7.42 15.61
C ILE C 237 -38.90 6.96 14.28
N GLY C 238 -38.33 5.76 14.26
CA GLY C 238 -37.80 5.20 13.04
C GLY C 238 -38.90 4.50 12.24
N VAL C 239 -38.94 4.76 10.93
CA VAL C 239 -39.93 4.17 10.05
C VAL C 239 -39.19 3.45 8.92
N LEU C 240 -39.38 2.14 8.82
CA LEU C 240 -38.70 1.31 7.83
C LEU C 240 -39.67 1.04 6.67
N THR C 241 -39.39 1.65 5.53
CA THR C 241 -40.23 1.53 4.34
C THR C 241 -39.67 0.47 3.40
N LYS C 242 -40.44 0.16 2.35
CA LYS C 242 -40.02 -0.74 1.28
C LYS C 242 -39.62 -2.12 1.79
N VAL C 243 -40.27 -2.58 2.87
CA VAL C 243 -39.97 -3.92 3.37
C VAL C 243 -40.39 -5.00 2.37
N ASP C 244 -41.32 -4.68 1.48
CA ASP C 244 -41.71 -5.63 0.44
C ASP C 244 -40.72 -5.66 -0.71
N LEU C 245 -39.65 -4.86 -0.65
CA LEU C 245 -38.65 -4.78 -1.70
C LEU C 245 -37.29 -5.31 -1.26
N MET C 246 -37.23 -6.03 -0.14
CA MET C 246 -35.95 -6.53 0.36
C MET C 246 -35.52 -7.78 -0.39
N ASP C 247 -34.20 -7.97 -0.47
CA ASP C 247 -33.63 -9.16 -1.08
C ASP C 247 -34.20 -10.41 -0.41
N GLU C 248 -34.50 -11.42 -1.23
CA GLU C 248 -35.07 -12.66 -0.71
C GLU C 248 -34.15 -13.27 0.32
N GLY C 249 -34.71 -13.67 1.46
CA GLY C 249 -33.96 -14.25 2.55
C GLY C 249 -33.51 -13.27 3.61
N THR C 250 -33.71 -11.97 3.41
CA THR C 250 -33.35 -10.95 4.38
C THR C 250 -34.61 -10.34 4.98
N ASP C 251 -34.47 -9.81 6.19
CA ASP C 251 -35.59 -9.21 6.90
C ASP C 251 -35.08 -8.16 7.87
N VAL C 252 -36.01 -7.42 8.48
CA VAL C 252 -35.67 -6.35 9.40
C VAL C 252 -35.96 -6.76 10.84
N VAL C 253 -35.93 -8.08 11.10
CA VAL C 253 -36.29 -8.55 12.44
C VAL C 253 -35.30 -8.02 13.48
N ASP C 254 -34.01 -7.96 13.13
CA ASP C 254 -33.04 -7.45 14.09
C ASP C 254 -33.24 -5.96 14.37
N ILE C 255 -33.67 -5.19 13.37
CA ILE C 255 -33.86 -3.76 13.59
C ILE C 255 -35.06 -3.52 14.49
N LEU C 256 -36.17 -4.19 14.22
CA LEU C 256 -37.36 -4.03 15.07
C LEU C 256 -37.05 -4.41 16.51
N ALA C 257 -36.24 -5.45 16.72
CA ALA C 257 -35.89 -5.89 18.06
C ALA C 257 -34.88 -4.98 18.74
N GLY C 258 -34.33 -3.99 18.05
CA GLY C 258 -33.39 -3.09 18.66
C GLY C 258 -31.99 -3.63 18.81
N ARG C 259 -31.53 -4.48 17.89
CA ARG C 259 -30.25 -5.15 18.03
C ARG C 259 -29.11 -4.46 17.27
N ILE C 260 -29.41 -3.48 16.42
CA ILE C 260 -28.38 -2.84 15.61
C ILE C 260 -28.19 -1.39 16.05
N ILE C 261 -29.20 -0.56 15.84
CA ILE C 261 -29.16 0.84 16.25
C ILE C 261 -30.43 1.15 17.05
N PRO C 262 -30.39 1.08 18.37
CA PRO C 262 -31.62 1.24 19.15
C PRO C 262 -32.17 2.66 19.13
N LEU C 263 -33.50 2.76 19.15
CA LEU C 263 -34.21 4.02 19.27
C LEU C 263 -35.20 3.92 20.42
N ARG C 264 -35.20 4.94 21.30
CA ARG C 264 -36.12 4.94 22.43
C ARG C 264 -37.53 4.56 22.00
N LEU C 265 -38.06 5.25 21.00
CA LEU C 265 -39.42 5.00 20.53
C LEU C 265 -39.50 3.87 19.52
N GLY C 266 -38.38 3.25 19.17
CA GLY C 266 -38.42 2.04 18.37
C GLY C 266 -38.63 2.32 16.90
N TYR C 267 -38.84 1.22 16.16
CA TYR C 267 -39.04 1.28 14.73
C TYR C 267 -40.42 0.72 14.37
N VAL C 268 -40.93 1.19 13.24
CA VAL C 268 -42.20 0.73 12.70
C VAL C 268 -41.97 0.43 11.22
N PRO C 269 -42.12 -0.81 10.77
CA PRO C 269 -42.03 -1.09 9.34
C PRO C 269 -43.34 -0.77 8.62
N VAL C 270 -43.22 -0.39 7.36
CA VAL C 270 -44.37 -0.02 6.55
C VAL C 270 -44.14 -0.47 5.12
N VAL C 271 -45.25 -0.70 4.41
CA VAL C 271 -45.23 -1.08 3.00
C VAL C 271 -46.18 -0.12 2.27
N ASN C 272 -45.62 0.87 1.59
CA ASN C 272 -46.41 1.84 0.86
C ASN C 272 -46.60 1.40 -0.59
N ARG C 273 -47.30 2.24 -1.35
CA ARG C 273 -47.59 1.92 -2.75
C ARG C 273 -46.35 2.08 -3.60
N GLY C 274 -46.05 1.07 -4.41
CA GLY C 274 -44.95 1.14 -5.33
C GLY C 274 -45.24 2.10 -6.47
N GLN C 275 -44.28 2.17 -7.40
CA GLN C 275 -44.42 3.07 -8.54
C GLN C 275 -45.50 2.57 -9.49
N ARG C 276 -45.59 1.26 -9.69
CA ARG C 276 -46.66 0.70 -10.51
C ARG C 276 -48.03 1.07 -9.94
N ASP C 277 -48.18 0.99 -8.62
CA ASP C 277 -49.44 1.36 -7.98
C ASP C 277 -49.75 2.85 -8.17
N ILE C 278 -48.74 3.70 -8.05
CA ILE C 278 -48.97 5.14 -8.25
C ILE C 278 -49.42 5.39 -9.69
N ASP C 279 -48.73 4.78 -10.65
CA ASP C 279 -49.11 4.95 -12.05
C ASP C 279 -50.51 4.41 -12.31
N ASN C 280 -50.87 3.32 -11.63
CA ASN C 280 -52.21 2.74 -11.73
C ASN C 280 -53.20 3.43 -10.81
N LYS C 281 -52.79 4.49 -10.11
CA LYS C 281 -53.66 5.27 -9.23
C LYS C 281 -54.37 4.38 -8.21
N LYS C 282 -53.60 3.51 -7.58
CA LYS C 282 -54.15 2.64 -6.55
C LYS C 282 -54.67 3.47 -5.38
N PRO C 283 -55.89 3.24 -4.92
CA PRO C 283 -56.40 4.03 -3.78
C PRO C 283 -55.67 3.69 -2.49
N ILE C 284 -55.81 4.59 -1.51
CA ILE C 284 -55.11 4.43 -0.24
C ILE C 284 -55.67 3.25 0.56
N THR C 285 -56.98 3.01 0.46
CA THR C 285 -57.59 1.93 1.23
C THR C 285 -57.06 0.57 0.77
N ALA C 286 -56.95 0.37 -0.55
CA ALA C 286 -56.40 -0.86 -1.08
C ALA C 286 -54.95 -1.03 -0.63
N ALA C 287 -54.19 0.06 -0.61
CA ALA C 287 -52.80 -0.02 -0.15
C ALA C 287 -52.72 -0.43 1.31
N LEU C 288 -53.58 0.13 2.15
CA LEU C 288 -53.55 -0.22 3.57
C LEU C 288 -53.93 -1.68 3.78
N GLU C 289 -54.95 -2.16 3.07
CA GLU C 289 -55.30 -3.57 3.14
C GLU C 289 -54.16 -4.46 2.64
N ALA C 290 -53.47 -4.04 1.57
CA ALA C 290 -52.37 -4.83 1.04
C ALA C 290 -51.21 -4.91 2.02
N GLU C 291 -50.88 -3.79 2.67
CA GLU C 291 -49.85 -3.82 3.70
C GLU C 291 -50.25 -4.75 4.85
N LYS C 292 -51.51 -4.65 5.29
CA LYS C 292 -51.99 -5.54 6.34
C LYS C 292 -51.79 -7.01 5.94
N ALA C 293 -52.18 -7.35 4.71
CA ALA C 293 -52.02 -8.73 4.25
C ALA C 293 -50.56 -9.14 4.20
N PHE C 294 -49.70 -8.27 3.65
CA PHE C 294 -48.28 -8.56 3.58
C PHE C 294 -47.73 -8.93 4.95
N PHE C 295 -48.02 -8.12 5.96
CA PHE C 295 -47.48 -8.37 7.29
C PHE C 295 -48.20 -9.51 8.02
N GLU C 296 -49.44 -9.82 7.64
CA GLU C 296 -50.14 -10.96 8.24
C GLU C 296 -49.76 -12.28 7.59
N ASN C 297 -49.07 -12.26 6.44
CA ASN C 297 -48.72 -13.48 5.72
C ASN C 297 -47.22 -13.77 5.72
N HIS C 298 -46.38 -12.79 6.02
CA HIS C 298 -44.94 -13.02 6.03
C HIS C 298 -44.54 -13.85 7.24
N LYS C 299 -43.58 -14.75 7.04
CA LYS C 299 -43.13 -15.62 8.12
C LYS C 299 -42.39 -14.86 9.20
N ALA C 300 -41.73 -13.75 8.84
CA ALA C 300 -40.90 -13.01 9.79
C ALA C 300 -41.70 -12.04 10.63
N TYR C 301 -42.91 -11.68 10.22
CA TYR C 301 -43.68 -10.64 10.89
C TYR C 301 -45.02 -11.11 11.43
N ARG C 302 -45.44 -12.35 11.16
CA ARG C 302 -46.73 -12.83 11.65
C ARG C 302 -46.83 -12.70 13.16
N ASN C 303 -45.90 -13.35 13.88
CA ASN C 303 -45.95 -13.37 15.34
C ASN C 303 -45.89 -11.98 15.96
N LYS C 304 -45.53 -10.95 15.19
CA LYS C 304 -45.50 -9.58 15.69
C LYS C 304 -46.19 -8.63 14.71
N SER C 305 -47.14 -9.14 13.92
CA SER C 305 -47.81 -8.31 12.92
C SER C 305 -48.54 -7.14 13.57
N ALA C 306 -48.97 -7.30 14.82
CA ALA C 306 -49.67 -6.21 15.50
C ALA C 306 -48.79 -4.98 15.67
N TYR C 307 -47.47 -5.14 15.63
CA TYR C 307 -46.54 -4.03 15.77
C TYR C 307 -46.00 -3.56 14.42
N CYS C 308 -46.71 -3.86 13.34
CA CYS C 308 -46.27 -3.54 11.99
C CYS C 308 -47.36 -2.79 11.25
N GLY C 309 -46.94 -1.93 10.33
CA GLY C 309 -47.85 -1.24 9.43
C GLY C 309 -48.10 0.20 9.85
N THR C 310 -48.83 0.89 8.98
CA THR C 310 -49.23 2.27 9.28
C THR C 310 -50.03 2.36 10.57
N PRO C 311 -50.94 1.43 10.89
CA PRO C 311 -51.68 1.56 12.16
C PRO C 311 -50.78 1.67 13.38
N TYR C 312 -49.66 0.95 13.42
CA TYR C 312 -48.82 0.99 14.61
C TYR C 312 -48.07 2.31 14.71
N LEU C 313 -47.63 2.86 13.58
CA LEU C 313 -47.04 4.20 13.59
C LEU C 313 -48.06 5.23 14.06
N ALA C 314 -49.30 5.11 13.58
CA ALA C 314 -50.36 6.00 14.04
C ALA C 314 -50.59 5.84 15.53
N ARG C 315 -50.49 4.61 16.03
CA ARG C 315 -50.66 4.39 17.47
C ARG C 315 -49.54 5.05 18.26
N LYS C 316 -48.31 4.95 17.76
CA LYS C 316 -47.19 5.63 18.43
C LYS C 316 -47.44 7.14 18.50
N LEU C 317 -47.81 7.75 17.36
CA LEU C 317 -48.05 9.18 17.36
C LEU C 317 -49.23 9.55 18.25
N ASN C 318 -50.30 8.75 18.22
CA ASN C 318 -51.47 9.02 19.04
C ASN C 318 -51.12 8.96 20.52
N LEU C 319 -50.34 7.95 20.92
CA LEU C 319 -49.93 7.85 22.31
C LEU C 319 -49.08 9.04 22.72
N ILE C 320 -48.17 9.47 21.85
CA ILE C 320 -47.33 10.63 22.17
C ILE C 320 -48.18 11.89 22.32
N LEU C 321 -49.16 12.08 21.41
CA LEU C 321 -49.99 13.27 21.47
C LEU C 321 -50.88 13.27 22.71
N MET C 322 -51.50 12.13 23.06
CA MET C 322 -52.31 12.08 24.27
C MET C 322 -51.44 12.33 25.50
N MET C 323 -50.21 11.80 25.49
CA MET C 323 -49.27 12.09 26.56
C MET C 323 -49.02 13.59 26.66
N HIS C 324 -48.78 14.23 25.52
CA HIS C 324 -48.52 15.66 25.52
C HIS C 324 -49.72 16.45 26.02
N ILE C 325 -50.92 15.91 25.79
CA ILE C 325 -52.14 16.56 26.29
C ILE C 325 -52.20 16.42 27.80
N LYS C 326 -52.01 15.19 28.31
CA LYS C 326 -52.09 14.95 29.75
C LYS C 326 -50.95 15.62 30.51
N GLN C 327 -49.89 16.05 29.81
CA GLN C 327 -48.79 16.75 30.48
C GLN C 327 -49.19 18.14 30.96
N THR C 328 -50.35 18.65 30.57
CA THR C 328 -50.82 19.98 30.96
C THR C 328 -51.76 19.92 32.16
N LEU C 329 -51.87 18.77 32.82
CA LEU C 329 -52.84 18.58 33.89
C LEU C 329 -52.38 19.06 35.27
N PRO C 330 -51.08 19.17 35.59
CA PRO C 330 -50.73 19.61 36.95
C PRO C 330 -51.14 21.04 37.20
N ASP C 331 -50.79 21.95 36.29
CA ASP C 331 -51.15 23.35 36.47
C ASP C 331 -52.66 23.53 36.46
N ILE C 332 -53.38 22.75 35.66
CA ILE C 332 -54.84 22.86 35.60
C ILE C 332 -55.46 22.39 36.93
N LYS C 333 -55.00 21.26 37.45
CA LYS C 333 -55.53 20.76 38.71
C LYS C 333 -55.23 21.74 39.85
N GLN C 334 -54.00 22.24 39.91
CA GLN C 334 -53.64 23.20 40.96
C GLN C 334 -54.47 24.47 40.84
N ARG C 335 -54.63 25.00 39.63
CA ARG C 335 -55.39 26.23 39.46
C ARG C 335 -56.85 26.05 39.83
N ILE C 336 -57.46 24.94 39.40
CA ILE C 336 -58.87 24.71 39.74
C ILE C 336 -59.03 24.55 41.24
N SER C 337 -58.12 23.81 41.89
CA SER C 337 -58.23 23.62 43.34
C SER C 337 -58.12 24.96 44.06
N SER C 338 -57.11 25.77 43.71
CA SER C 338 -56.92 27.05 44.38
C SER C 338 -58.10 27.98 44.14
N SER C 339 -58.56 28.08 42.89
CA SER C 339 -59.68 28.97 42.58
C SER C 339 -60.95 28.53 43.31
N LEU C 340 -61.22 27.23 43.34
CA LEU C 340 -62.40 26.73 44.03
C LEU C 340 -62.32 27.00 45.54
N GLN C 341 -61.16 26.76 46.15
CA GLN C 341 -60.99 27.03 47.56
C GLN C 341 -61.19 28.52 47.85
N LYS C 342 -60.62 29.39 47.02
CA LYS C 342 -60.76 30.83 47.23
C LYS C 342 -62.22 31.25 47.14
N TYR C 343 -62.93 30.80 46.10
CA TYR C 343 -64.32 31.18 45.93
C TYR C 343 -65.17 30.63 47.07
N GLN C 344 -64.85 29.43 47.56
CA GLN C 344 -65.61 28.86 48.68
C GLN C 344 -65.36 29.64 49.96
N GLN C 345 -64.12 30.07 50.20
CA GLN C 345 -63.85 30.93 51.34
C GLN C 345 -64.63 32.23 51.25
N GLU C 346 -64.64 32.84 50.07
CA GLU C 346 -65.41 34.06 49.86
C GLU C 346 -66.89 33.83 50.17
N LEU C 347 -67.47 32.75 49.62
CA LEU C 347 -68.87 32.44 49.89
C LEU C 347 -69.11 32.23 51.37
N GLU C 348 -68.17 31.60 52.07
CA GLU C 348 -68.31 31.43 53.50
C GLU C 348 -68.32 32.76 54.22
N ALA C 349 -67.62 33.76 53.67
CA ALA C 349 -67.65 35.09 54.27
C ALA C 349 -68.99 35.78 54.06
N LEU C 350 -69.69 35.46 52.97
CA LEU C 350 -70.96 36.10 52.64
C LEU C 350 -72.17 35.24 52.96
N GLY C 351 -71.98 34.14 53.68
CA GLY C 351 -73.09 33.30 54.04
C GLY C 351 -73.82 33.85 55.25
N PRO C 352 -75.16 33.73 55.26
CA PRO C 352 -75.93 34.25 56.40
C PRO C 352 -75.66 33.48 57.69
N ASP C 364 -76.98 44.57 49.38
CA ASP C 364 -77.35 45.12 48.07
C ASP C 364 -76.42 44.61 46.99
N TYR C 365 -75.12 44.59 47.27
CA TYR C 365 -74.13 44.02 46.38
C TYR C 365 -73.68 42.64 46.81
N THR C 366 -73.72 42.34 48.12
CA THR C 366 -73.43 40.98 48.57
C THR C 366 -74.31 39.97 47.84
N VAL C 367 -75.56 40.32 47.58
CA VAL C 367 -76.48 39.40 46.92
C VAL C 367 -76.00 39.06 45.51
N ARG C 368 -75.25 39.96 44.88
CA ARG C 368 -74.73 39.71 43.54
C ARG C 368 -73.42 38.93 43.57
N ARG C 369 -72.49 39.31 44.46
CA ARG C 369 -71.25 38.57 44.61
C ARG C 369 -71.53 37.13 45.01
N ARG C 370 -72.56 36.91 45.83
CA ARG C 370 -72.92 35.55 46.22
C ARG C 370 -73.33 34.73 45.01
N LYS C 371 -74.14 35.30 44.11
CA LYS C 371 -74.55 34.57 42.92
C LYS C 371 -73.35 34.28 42.01
N GLU C 372 -72.49 35.28 41.81
CA GLU C 372 -71.30 35.07 40.98
C GLU C 372 -70.44 33.96 41.55
N CYS C 373 -70.22 33.97 42.87
CA CYS C 373 -69.37 32.97 43.50
C CYS C 373 -70.00 31.58 43.44
N GLN C 374 -71.32 31.48 43.64
CA GLN C 374 -71.96 30.18 43.55
C GLN C 374 -71.86 29.63 42.13
N GLN C 375 -72.06 30.48 41.12
CA GLN C 375 -71.90 30.03 39.74
C GLN C 375 -70.48 29.56 39.48
N MET C 376 -69.49 30.31 39.98
CA MET C 376 -68.10 29.93 39.77
C MET C 376 -67.76 28.64 40.50
N VAL C 377 -68.31 28.44 41.70
CA VAL C 377 -68.06 27.20 42.43
C VAL C 377 -68.64 26.01 41.67
N GLU C 378 -69.90 26.12 41.24
CA GLU C 378 -70.51 25.02 40.49
C GLU C 378 -69.73 24.72 39.22
N SER C 379 -69.34 25.76 38.47
CA SER C 379 -68.63 25.54 37.22
C SER C 379 -67.25 24.95 37.45
N LEU C 380 -66.53 25.43 38.46
CA LEU C 380 -65.21 24.91 38.76
C LEU C 380 -65.29 23.45 39.22
N GLN C 381 -66.33 23.09 39.98
CA GLN C 381 -66.49 21.70 40.38
C GLN C 381 -66.82 20.82 39.19
N ARG C 382 -67.66 21.32 38.26
CA ARG C 382 -67.92 20.56 37.04
C ARG C 382 -66.64 20.35 36.24
N ALA C 383 -65.78 21.38 36.18
CA ALA C 383 -64.52 21.25 35.45
C ALA C 383 -63.59 20.26 36.14
N ALA C 384 -63.50 20.32 37.46
CA ALA C 384 -62.70 19.35 38.20
C ALA C 384 -63.22 17.92 37.98
N GLU C 385 -64.54 17.77 37.87
CA GLU C 385 -65.11 16.47 37.53
C GLU C 385 -64.63 16.01 36.15
N ILE C 386 -64.63 16.92 35.19
CA ILE C 386 -64.13 16.56 33.85
C ILE C 386 -62.67 16.14 33.93
N VAL C 387 -61.87 16.85 34.72
CA VAL C 387 -60.45 16.51 34.85
C VAL C 387 -60.31 15.12 35.45
N SER C 388 -60.99 14.87 36.57
CA SER C 388 -60.88 13.58 37.24
C SER C 388 -61.33 12.44 36.31
N GLN C 389 -62.45 12.63 35.62
CA GLN C 389 -62.96 11.60 34.72
C GLN C 389 -61.89 11.20 33.71
N VAL C 390 -61.29 12.19 33.04
CA VAL C 390 -60.23 11.93 32.08
C VAL C 390 -59.08 11.20 32.78
N LEU D 12 -10.06 -18.12 -13.46
CA LEU D 12 -9.27 -16.90 -13.60
C LEU D 12 -9.01 -16.58 -15.06
N ALA D 13 -8.76 -17.61 -15.86
CA ALA D 13 -8.64 -17.44 -17.30
C ALA D 13 -10.03 -17.26 -17.88
N GLN D 14 -10.30 -16.08 -18.43
CA GLN D 14 -11.62 -15.76 -18.95
C GLN D 14 -11.48 -14.85 -20.17
N PRO D 15 -12.06 -15.20 -21.30
CA PRO D 15 -11.94 -14.34 -22.48
C PRO D 15 -12.83 -13.11 -22.40
N GLY D 16 -12.33 -12.03 -23.00
CA GLY D 16 -13.10 -10.80 -23.09
C GLY D 16 -13.08 -9.93 -21.86
N GLY D 17 -12.02 -9.97 -21.07
CA GLY D 17 -11.93 -9.20 -19.84
C GLY D 17 -10.50 -8.86 -19.49
N ILE D 18 -10.22 -8.78 -18.18
CA ILE D 18 -8.89 -8.43 -17.69
C ILE D 18 -7.93 -9.60 -17.70
N SER D 19 -8.44 -10.82 -17.82
CA SER D 19 -7.61 -12.03 -17.94
C SER D 19 -7.64 -12.59 -19.35
N ASP D 20 -7.88 -11.73 -20.34
CA ASP D 20 -7.97 -12.19 -21.73
C ASP D 20 -6.65 -12.82 -22.16
N PRO D 21 -6.66 -14.04 -22.70
CA PRO D 21 -5.39 -14.64 -23.15
C PRO D 21 -4.64 -13.80 -24.15
N ASN D 22 -5.32 -13.16 -25.10
CA ASN D 22 -4.63 -12.29 -26.06
C ASN D 22 -3.91 -11.16 -25.35
N LEU D 23 -4.56 -10.54 -24.36
CA LEU D 23 -3.95 -9.42 -23.65
C LEU D 23 -2.72 -9.86 -22.87
N ILE D 24 -2.83 -10.98 -22.16
CA ILE D 24 -1.69 -11.48 -21.39
C ILE D 24 -0.55 -11.87 -22.32
N LYS D 25 -0.84 -12.56 -23.41
CA LYS D 25 0.19 -12.91 -24.38
C LYS D 25 0.87 -11.66 -24.91
N LEU D 26 0.08 -10.64 -25.26
CA LEU D 26 0.65 -9.41 -25.78
C LEU D 26 1.57 -8.74 -24.76
N VAL D 27 1.08 -8.61 -23.52
CA VAL D 27 1.86 -7.94 -22.48
C VAL D 27 3.14 -8.71 -22.20
N ASN D 28 3.06 -10.04 -22.11
CA ASN D 28 4.25 -10.84 -21.87
C ASN D 28 5.24 -10.69 -23.02
N LYS D 29 4.76 -10.71 -24.26
CA LYS D 29 5.64 -10.49 -25.39
C LYS D 29 6.36 -9.15 -25.26
N LEU D 30 5.59 -8.09 -25.00
CA LEU D 30 6.19 -6.76 -24.92
C LEU D 30 7.20 -6.67 -23.78
N GLN D 31 6.88 -7.26 -22.63
CA GLN D 31 7.80 -7.25 -21.49
C GLN D 31 9.08 -7.99 -21.84
N ASP D 32 8.96 -9.17 -22.43
CA ASP D 32 10.15 -9.94 -22.81
C ASP D 32 10.99 -9.18 -23.83
N VAL D 33 10.35 -8.43 -24.73
CA VAL D 33 11.10 -7.69 -25.74
C VAL D 33 11.77 -6.47 -25.11
N PHE D 34 11.17 -5.90 -24.07
CA PHE D 34 11.80 -4.75 -23.42
C PHE D 34 13.04 -5.18 -22.65
N THR D 35 12.97 -6.31 -21.94
CA THR D 35 14.07 -6.76 -21.09
C THR D 35 15.26 -7.27 -21.89
N THR D 36 15.14 -7.38 -23.21
CA THR D 36 16.24 -7.81 -24.06
C THR D 36 16.73 -6.72 -24.99
N VAL D 37 16.19 -5.51 -24.87
CA VAL D 37 16.62 -4.37 -25.68
C VAL D 37 17.16 -3.22 -24.83
N GLY D 38 17.02 -3.29 -23.51
CA GLY D 38 17.47 -2.23 -22.63
C GLY D 38 16.54 -1.05 -22.58
N VAL D 39 15.24 -1.25 -22.83
CA VAL D 39 14.27 -0.17 -22.86
C VAL D 39 13.41 -0.25 -21.61
N ASN D 40 13.19 0.89 -20.96
CA ASN D 40 12.29 0.94 -19.82
C ASN D 40 10.91 0.46 -20.22
N ASN D 41 10.26 -0.29 -19.33
CA ASN D 41 8.90 -0.74 -19.54
C ASN D 41 7.94 0.37 -19.11
N PRO D 42 7.30 1.08 -20.05
CA PRO D 42 6.41 2.18 -19.67
C PRO D 42 4.97 1.76 -19.40
N ILE D 43 4.64 0.49 -19.57
CA ILE D 43 3.31 -0.02 -19.25
C ILE D 43 3.09 0.17 -17.75
N ASP D 44 2.32 1.18 -17.38
CA ASP D 44 1.94 1.44 -16.00
C ASP D 44 0.43 1.27 -15.93
N LEU D 45 -0.02 0.03 -15.75
CA LEU D 45 -1.45 -0.23 -15.74
C LEU D 45 -2.05 0.35 -14.46
N PRO D 46 -3.26 0.91 -14.53
CA PRO D 46 -3.88 1.45 -13.32
C PRO D 46 -4.39 0.36 -12.41
N GLN D 47 -4.56 0.71 -11.14
CA GLN D 47 -5.21 -0.17 -10.18
C GLN D 47 -6.72 0.06 -10.22
N ILE D 48 -7.48 -1.01 -9.99
CA ILE D 48 -8.94 -0.94 -10.03
C ILE D 48 -9.46 -0.92 -8.60
N VAL D 49 -10.22 0.13 -8.28
CA VAL D 49 -10.73 0.33 -6.92
C VAL D 49 -12.23 0.47 -6.99
N VAL D 50 -12.94 -0.27 -6.13
CA VAL D 50 -14.39 -0.22 -6.03
C VAL D 50 -14.75 0.73 -4.88
N VAL D 51 -15.70 1.63 -5.11
CA VAL D 51 -16.13 2.60 -4.10
C VAL D 51 -17.64 2.78 -4.15
N GLY D 52 -18.26 2.91 -2.99
CA GLY D 52 -19.68 3.07 -2.89
C GLY D 52 -20.14 3.00 -1.46
N SER D 53 -21.47 3.03 -1.29
CA SER D 53 -22.06 2.95 0.04
C SER D 53 -21.93 1.53 0.58
N GLN D 54 -22.21 1.39 1.88
CA GLN D 54 -22.12 0.09 2.52
C GLN D 54 -23.12 -0.88 1.91
N SER D 55 -22.69 -2.13 1.75
CA SER D 55 -23.53 -3.21 1.21
C SER D 55 -24.04 -2.91 -0.19
N SER D 56 -23.34 -2.04 -0.92
CA SER D 56 -23.75 -1.72 -2.29
C SER D 56 -23.42 -2.83 -3.28
N GLY D 57 -22.63 -3.82 -2.87
CA GLY D 57 -22.25 -4.92 -3.73
C GLY D 57 -20.87 -4.79 -4.33
N LYS D 58 -19.91 -4.23 -3.59
CA LYS D 58 -18.58 -3.99 -4.13
C LYS D 58 -17.76 -5.27 -4.23
N SER D 59 -17.71 -6.06 -3.16
CA SER D 59 -16.94 -7.31 -3.18
C SER D 59 -17.46 -8.25 -4.26
N SER D 60 -18.78 -8.29 -4.44
CA SER D 60 -19.36 -9.11 -5.50
C SER D 60 -18.82 -8.69 -6.86
N VAL D 61 -18.85 -7.39 -7.14
CA VAL D 61 -18.37 -6.88 -8.43
C VAL D 61 -16.89 -7.22 -8.63
N LEU D 62 -16.08 -6.99 -7.60
CA LEU D 62 -14.65 -7.21 -7.73
C LEU D 62 -14.32 -8.68 -7.95
N GLU D 63 -14.95 -9.58 -7.18
CA GLU D 63 -14.69 -11.01 -7.38
C GLU D 63 -15.22 -11.48 -8.74
N ASN D 64 -16.32 -10.89 -9.20
CA ASN D 64 -16.81 -11.20 -10.54
C ASN D 64 -15.80 -10.77 -11.59
N ILE D 65 -15.12 -9.65 -11.36
CA ILE D 65 -14.06 -9.21 -12.27
C ILE D 65 -12.90 -10.20 -12.27
N VAL D 66 -12.48 -10.66 -11.08
CA VAL D 66 -11.38 -11.62 -11.04
C VAL D 66 -11.83 -12.97 -11.61
N GLY D 67 -13.04 -13.41 -11.29
CA GLY D 67 -13.62 -14.61 -11.86
C GLY D 67 -13.72 -15.79 -10.92
N ARG D 68 -13.16 -15.73 -9.71
CA ARG D 68 -13.26 -16.81 -8.74
C ARG D 68 -13.66 -16.24 -7.38
N ASP D 69 -14.42 -17.02 -6.63
CA ASP D 69 -14.86 -16.60 -5.30
C ASP D 69 -13.70 -16.60 -4.31
N PHE D 70 -13.49 -15.47 -3.64
CA PHE D 70 -12.49 -15.40 -2.59
C PHE D 70 -12.71 -14.22 -1.65
N LEU D 71 -13.73 -13.40 -1.92
CA LEU D 71 -13.99 -12.23 -1.07
C LEU D 71 -15.17 -12.51 -0.15
N PRO D 72 -15.07 -12.15 1.13
CA PRO D 72 -16.25 -12.24 2.01
C PRO D 72 -17.34 -11.26 1.59
N ARG D 73 -18.55 -11.78 1.47
CA ARG D 73 -19.72 -11.01 1.05
C ARG D 73 -20.85 -11.22 2.03
N GLY D 74 -21.74 -10.26 2.13
CA GLY D 74 -22.90 -10.40 2.97
C GLY D 74 -23.45 -9.06 3.41
N GLN D 75 -24.64 -9.13 4.01
CA GLN D 75 -25.32 -7.93 4.49
C GLN D 75 -24.60 -7.35 5.70
N GLY D 76 -25.05 -6.17 6.13
CA GLY D 76 -24.33 -5.47 7.16
C GLY D 76 -22.93 -5.13 6.66
N ILE D 77 -22.06 -4.78 7.60
CA ILE D 77 -20.67 -4.45 7.26
C ILE D 77 -19.85 -5.74 7.30
N VAL D 78 -19.33 -6.13 6.14
CA VAL D 78 -18.47 -7.30 6.01
C VAL D 78 -17.02 -6.90 5.76
N THR D 79 -16.76 -6.16 4.69
CA THR D 79 -15.43 -5.63 4.43
C THR D 79 -15.16 -4.49 5.39
N ARG D 80 -14.16 -4.67 6.27
CA ARG D 80 -13.80 -3.66 7.26
C ARG D 80 -12.33 -3.28 7.19
N ARG D 81 -11.60 -3.80 6.22
CA ARG D 81 -10.21 -3.43 5.99
C ARG D 81 -9.97 -3.45 4.49
N PRO D 82 -9.14 -2.55 3.97
CA PRO D 82 -8.80 -2.63 2.55
C PRO D 82 -8.13 -3.96 2.23
N LEU D 83 -8.55 -4.57 1.13
CA LEU D 83 -7.88 -5.74 0.58
C LEU D 83 -7.22 -5.31 -0.73
N VAL D 84 -5.89 -5.23 -0.71
CA VAL D 84 -5.11 -4.86 -1.88
C VAL D 84 -4.62 -6.16 -2.52
N LEU D 85 -5.34 -6.61 -3.55
CA LEU D 85 -4.98 -7.79 -4.30
C LEU D 85 -4.06 -7.41 -5.45
N GLN D 86 -2.92 -8.09 -5.55
CA GLN D 86 -1.98 -7.85 -6.65
C GLN D 86 -1.90 -9.15 -7.45
N LEU D 87 -2.56 -9.16 -8.60
CA LEU D 87 -2.46 -10.27 -9.55
C LEU D 87 -1.10 -10.23 -10.23
N ILE D 88 -0.44 -11.40 -10.29
CA ILE D 88 0.91 -11.54 -10.81
C ILE D 88 0.94 -12.72 -11.80
N ASN D 89 1.47 -12.45 -12.99
CA ASN D 89 1.57 -13.48 -14.03
C ASN D 89 2.71 -14.45 -13.75
N ARG D 90 2.43 -15.74 -13.87
CA ARG D 90 3.43 -16.79 -13.64
C ARG D 90 3.16 -17.98 -14.55
N LYS D 109 -12.49 -26.74 -5.35
CA LYS D 109 -13.38 -27.33 -6.34
C LYS D 109 -12.81 -27.19 -7.75
N ALA D 110 -11.93 -26.21 -7.93
CA ALA D 110 -11.27 -25.99 -9.21
C ALA D 110 -9.89 -25.38 -8.95
N ALA D 111 -9.08 -26.08 -8.16
CA ALA D 111 -7.76 -25.60 -7.76
C ALA D 111 -6.70 -26.25 -8.62
N ASN D 112 -5.95 -25.43 -9.35
CA ASN D 112 -4.83 -25.90 -10.17
C ASN D 112 -3.52 -25.72 -9.42
N LEU D 113 -2.50 -26.46 -9.87
CA LEU D 113 -1.16 -26.28 -9.36
C LEU D 113 -0.47 -25.06 -9.97
N ASP D 114 -1.15 -24.35 -10.87
CA ASP D 114 -0.61 -23.14 -11.49
C ASP D 114 -1.18 -21.86 -10.91
N GLU D 115 -2.16 -21.95 -10.01
CA GLU D 115 -2.83 -20.78 -9.47
C GLU D 115 -2.91 -20.92 -7.95
N TRP D 116 -2.52 -19.87 -7.23
CA TRP D 116 -2.61 -19.91 -5.78
C TRP D 116 -2.50 -18.48 -5.24
N GLY D 117 -2.75 -18.34 -3.94
CA GLY D 117 -2.68 -17.06 -3.28
C GLY D 117 -1.67 -17.09 -2.15
N GLU D 118 -1.09 -15.95 -1.86
CA GLU D 118 -0.11 -15.79 -0.79
C GLU D 118 -0.34 -14.47 -0.09
N PHE D 119 -0.42 -14.50 1.24
CA PHE D 119 -0.57 -13.29 2.02
C PHE D 119 0.79 -12.81 2.51
N LEU D 120 0.95 -11.49 2.58
CA LEU D 120 2.22 -10.93 3.03
C LEU D 120 2.42 -11.16 4.53
N HIS D 121 1.34 -11.12 5.32
CA HIS D 121 1.46 -11.37 6.74
C HIS D 121 1.63 -12.85 7.05
N LEU D 122 1.41 -13.72 6.06
CA LEU D 122 1.68 -15.16 6.17
C LEU D 122 2.66 -15.53 5.06
N PRO D 123 3.93 -15.13 5.16
CA PRO D 123 4.87 -15.43 4.08
C PRO D 123 5.21 -16.91 4.03
N GLY D 124 5.34 -17.42 2.80
CA GLY D 124 5.69 -18.80 2.56
C GLY D 124 4.50 -19.74 2.41
N GLN D 125 3.38 -19.43 3.06
CA GLN D 125 2.20 -20.28 2.96
C GLN D 125 1.48 -19.99 1.65
N LYS D 126 1.09 -21.05 0.94
CA LYS D 126 0.41 -20.92 -0.33
C LYS D 126 -1.02 -21.43 -0.21
N PHE D 127 -1.96 -20.68 -0.80
CA PHE D 127 -3.38 -20.98 -0.73
C PHE D 127 -3.85 -21.37 -2.13
N TYR D 128 -3.97 -22.68 -2.36
CA TYR D 128 -4.54 -23.17 -3.62
C TYR D 128 -6.06 -23.18 -3.59
N ASP D 129 -6.65 -23.24 -2.39
CA ASP D 129 -8.10 -23.23 -2.22
C ASP D 129 -8.54 -21.79 -1.97
N PHE D 130 -9.29 -21.24 -2.93
CA PHE D 130 -9.71 -19.85 -2.81
C PHE D 130 -10.73 -19.66 -1.71
N ASN D 131 -11.50 -20.71 -1.39
CA ASN D 131 -12.35 -20.67 -0.21
C ASN D 131 -11.51 -20.46 1.05
N LYS D 132 -10.33 -21.07 1.10
CA LYS D 132 -9.42 -20.84 2.22
C LYS D 132 -8.89 -19.41 2.20
N ILE D 133 -8.75 -18.80 1.01
CA ILE D 133 -8.37 -17.39 0.93
C ILE D 133 -9.46 -16.52 1.56
N ARG D 134 -10.72 -16.81 1.22
CA ARG D 134 -11.84 -16.10 1.83
C ARG D 134 -11.81 -16.24 3.35
N ASP D 135 -11.63 -17.48 3.82
CA ASP D 135 -11.58 -17.73 5.26
C ASP D 135 -10.45 -16.97 5.93
N GLU D 136 -9.27 -16.90 5.28
CA GLU D 136 -8.14 -16.20 5.88
C GLU D 136 -8.35 -14.70 5.89
N ILE D 137 -9.00 -14.16 4.86
CA ILE D 137 -9.39 -12.75 4.89
C ILE D 137 -10.26 -12.47 6.09
N ASN D 138 -11.29 -13.30 6.29
CA ASN D 138 -12.15 -13.15 7.45
C ASN D 138 -11.36 -13.25 8.75
N ARG D 139 -10.47 -14.23 8.84
CA ARG D 139 -9.71 -14.45 10.07
C ARG D 139 -8.83 -13.26 10.39
N GLU D 140 -8.12 -12.73 9.40
CA GLU D 140 -7.23 -11.59 9.64
C GLU D 140 -8.05 -10.34 10.00
N THR D 141 -9.17 -10.14 9.32
CA THR D 141 -10.04 -9.02 9.66
C THR D 141 -10.46 -9.09 11.12
N GLU D 142 -10.97 -10.26 11.56
CA GLU D 142 -11.37 -10.39 12.95
C GLU D 142 -10.19 -10.27 13.90
N ALA D 143 -9.01 -10.73 13.46
CA ALA D 143 -7.84 -10.68 14.33
C ALA D 143 -7.37 -9.26 14.58
N LYS D 144 -7.75 -8.32 13.72
CA LYS D 144 -7.34 -6.93 13.93
C LYS D 144 -8.46 -5.96 14.29
N VAL D 145 -9.72 -6.28 13.97
CA VAL D 145 -10.82 -5.38 14.29
C VAL D 145 -11.97 -6.12 14.96
N GLY D 146 -11.68 -7.21 15.64
CA GLY D 146 -12.69 -7.93 16.38
C GLY D 146 -13.87 -8.35 15.51
N ARG D 147 -14.99 -8.64 16.17
CA ARG D 147 -16.21 -9.09 15.50
C ARG D 147 -17.41 -8.26 15.95
N ASN D 148 -17.22 -6.96 16.10
CA ASN D 148 -18.26 -6.04 16.53
C ASN D 148 -18.21 -4.76 15.72
N ALA D 149 -18.11 -4.91 14.39
CA ALA D 149 -18.18 -3.80 13.44
C ALA D 149 -16.93 -2.93 13.42
N GLY D 150 -15.87 -3.34 14.12
CA GLY D 150 -14.64 -2.57 14.10
C GLY D 150 -14.06 -2.45 12.70
N ILE D 151 -13.26 -1.41 12.51
CA ILE D 151 -12.67 -1.06 11.22
C ILE D 151 -11.23 -0.64 11.42
N SER D 152 -10.43 -0.81 10.37
CA SER D 152 -9.04 -0.37 10.41
C SER D 152 -8.59 -0.03 8.99
N PRO D 153 -7.74 0.99 8.81
CA PRO D 153 -7.20 1.26 7.48
C PRO D 153 -6.02 0.39 7.10
N ALA D 154 -5.51 -0.41 8.03
CA ALA D 154 -4.38 -1.30 7.76
C ALA D 154 -4.78 -2.32 6.70
N PRO D 155 -4.14 -2.33 5.53
CA PRO D 155 -4.61 -3.19 4.43
C PRO D 155 -4.19 -4.64 4.60
N ILE D 156 -4.98 -5.51 3.97
CA ILE D 156 -4.62 -6.91 3.78
C ILE D 156 -3.97 -7.05 2.41
N ASN D 157 -2.70 -7.42 2.39
CA ASN D 157 -1.95 -7.55 1.15
C ASN D 157 -1.95 -9.00 0.69
N LEU D 158 -2.51 -9.25 -0.48
CA LEU D 158 -2.65 -10.58 -1.05
C LEU D 158 -2.11 -10.57 -2.47
N ARG D 159 -1.28 -11.55 -2.79
CA ARG D 159 -0.78 -11.74 -4.15
C ARG D 159 -1.30 -13.07 -4.67
N ILE D 160 -1.91 -13.05 -5.84
CA ILE D 160 -2.43 -14.26 -6.47
C ILE D 160 -1.60 -14.53 -7.72
N TYR D 161 -0.92 -15.67 -7.74
CA TYR D 161 -0.12 -16.08 -8.88
C TYR D 161 -0.94 -17.00 -9.77
N SER D 162 -0.89 -16.73 -11.07
CA SER D 162 -1.55 -17.53 -12.10
C SER D 162 -0.94 -17.19 -13.44
N PRO D 163 -0.76 -18.14 -14.35
CA PRO D 163 -0.27 -17.80 -15.69
C PRO D 163 -1.29 -17.11 -16.56
N HIS D 164 -2.53 -16.94 -16.08
CA HIS D 164 -3.62 -16.43 -16.90
C HIS D 164 -4.14 -15.08 -16.43
N VAL D 165 -3.33 -14.33 -15.68
CA VAL D 165 -3.73 -13.03 -15.18
C VAL D 165 -2.68 -12.00 -15.63
N LEU D 166 -2.97 -10.74 -15.35
CA LEU D 166 -2.06 -9.64 -15.62
C LEU D 166 -1.37 -9.21 -14.34
N ASN D 167 -0.37 -8.33 -14.48
CA ASN D 167 0.28 -7.70 -13.33
C ASN D 167 -0.57 -6.50 -12.93
N LEU D 168 -1.63 -6.77 -12.20
CA LEU D 168 -2.65 -5.76 -11.93
C LEU D 168 -2.92 -5.66 -10.44
N THR D 169 -3.51 -4.54 -10.03
CA THR D 169 -3.81 -4.28 -8.63
C THR D 169 -5.29 -3.93 -8.50
N LEU D 170 -6.03 -4.75 -7.77
CA LEU D 170 -7.40 -4.46 -7.40
C LEU D 170 -7.46 -4.12 -5.91
N VAL D 171 -8.46 -3.34 -5.52
CA VAL D 171 -8.58 -2.91 -4.13
C VAL D 171 -10.05 -3.00 -3.74
N ASP D 172 -10.36 -3.82 -2.75
CA ASP D 172 -11.70 -3.84 -2.16
C ASP D 172 -11.67 -3.03 -0.87
N LEU D 173 -12.73 -2.28 -0.64
CA LEU D 173 -12.79 -1.33 0.46
C LEU D 173 -14.12 -1.44 1.17
N PRO D 174 -14.18 -1.02 2.44
CA PRO D 174 -15.48 -0.89 3.11
C PRO D 174 -16.32 0.19 2.45
N GLY D 175 -17.64 0.07 2.62
CA GLY D 175 -18.57 1.04 2.07
C GLY D 175 -18.80 2.18 3.05
N LEU D 176 -18.96 3.38 2.49
CA LEU D 176 -19.18 4.55 3.32
C LEU D 176 -20.52 4.46 4.06
N THR D 177 -20.51 4.88 5.32
CA THR D 177 -21.69 4.86 6.17
C THR D 177 -21.88 6.24 6.77
N ARG D 178 -22.97 6.39 7.51
CA ARG D 178 -23.33 7.66 8.15
C ARG D 178 -23.53 7.54 9.64
N VAL D 179 -24.04 6.42 10.14
CA VAL D 179 -24.30 6.21 11.56
C VAL D 179 -23.39 5.09 12.03
N PRO D 180 -22.69 5.25 13.16
CA PRO D 180 -21.79 4.19 13.62
C PRO D 180 -22.54 3.03 14.27
N VAL D 181 -21.92 1.86 14.19
CA VAL D 181 -22.49 0.63 14.76
C VAL D 181 -21.39 -0.08 15.54
N GLY D 182 -21.78 -0.71 16.64
CA GLY D 182 -20.81 -1.47 17.42
C GLY D 182 -19.67 -0.60 17.91
N ASP D 183 -18.45 -1.10 17.74
CA ASP D 183 -17.26 -0.40 18.20
C ASP D 183 -16.94 0.84 17.36
N GLN D 184 -17.72 1.12 16.32
CA GLN D 184 -17.35 2.19 15.42
C GLN D 184 -17.35 3.53 16.15
N PRO D 185 -16.37 4.41 15.88
CA PRO D 185 -16.36 5.72 16.55
C PRO D 185 -17.41 6.68 15.99
N ARG D 186 -17.50 7.89 16.57
CA ARG D 186 -18.50 8.85 16.13
C ARG D 186 -18.20 9.39 14.73
N ASP D 187 -16.92 9.53 14.37
CA ASP D 187 -16.51 10.04 13.06
C ASP D 187 -16.18 8.92 12.10
N ILE D 188 -16.99 7.85 12.09
CA ILE D 188 -16.72 6.70 11.24
C ILE D 188 -16.81 7.08 9.76
N GLU D 189 -17.75 7.96 9.42
CA GLU D 189 -17.92 8.35 8.03
C GLU D 189 -16.66 8.99 7.47
N ARG D 190 -16.06 9.91 8.22
CA ARG D 190 -14.84 10.56 7.76
C ARG D 190 -13.71 9.55 7.61
N GLN D 191 -13.62 8.59 8.54
CA GLN D 191 -12.55 7.59 8.48
C GLN D 191 -12.67 6.74 7.22
N ILE D 192 -13.88 6.24 6.94
CA ILE D 192 -14.07 5.43 5.74
C ILE D 192 -13.82 6.26 4.49
N ARG D 193 -14.29 7.51 4.49
CA ARG D 193 -14.14 8.37 3.32
C ARG D 193 -12.66 8.62 3.01
N ASP D 194 -11.87 8.93 4.03
CA ASP D 194 -10.44 9.13 3.81
C ASP D 194 -9.77 7.82 3.41
N MET D 195 -10.15 6.71 4.04
CA MET D 195 -9.60 5.42 3.65
C MET D 195 -9.78 5.17 2.15
N ILE D 196 -10.93 5.55 1.62
CA ILE D 196 -11.20 5.36 0.19
C ILE D 196 -10.43 6.36 -0.65
N LEU D 197 -10.45 7.63 -0.25
CA LEU D 197 -9.79 8.68 -1.00
C LEU D 197 -8.31 8.37 -1.18
N LYS D 198 -7.68 7.79 -0.15
CA LYS D 198 -6.27 7.46 -0.30
C LYS D 198 -6.03 6.57 -1.51
N TYR D 199 -7.02 5.76 -1.88
CA TYR D 199 -6.85 4.83 -2.99
C TYR D 199 -7.37 5.34 -4.32
N ILE D 200 -8.36 6.25 -4.34
CA ILE D 200 -8.92 6.69 -5.63
C ILE D 200 -8.48 8.07 -6.09
N GLN D 201 -7.80 8.86 -5.27
CA GLN D 201 -7.46 10.21 -5.70
C GLN D 201 -6.30 10.26 -6.69
N LYS D 202 -5.42 9.25 -6.70
CA LYS D 202 -4.31 9.23 -7.63
C LYS D 202 -4.82 9.03 -9.06
N PRO D 203 -4.15 9.60 -10.06
CA PRO D 203 -4.67 9.52 -11.44
C PRO D 203 -4.64 8.11 -12.03
N ASN D 204 -3.81 7.22 -11.53
CA ASN D 204 -3.68 5.89 -12.12
C ASN D 204 -4.54 4.89 -11.35
N ALA D 205 -5.84 5.17 -11.32
CA ALA D 205 -6.80 4.32 -10.64
C ALA D 205 -8.14 4.41 -11.36
N ILE D 206 -8.69 3.25 -11.73
CA ILE D 206 -10.01 3.16 -12.31
C ILE D 206 -11.02 3.01 -11.17
N ILE D 207 -11.97 3.94 -11.10
CA ILE D 207 -12.93 4.00 -10.01
C ILE D 207 -14.22 3.34 -10.46
N LEU D 208 -14.54 2.19 -9.88
CA LEU D 208 -15.85 1.55 -10.05
C LEU D 208 -16.79 2.11 -9.00
N ALA D 209 -17.62 3.07 -9.39
CA ALA D 209 -18.62 3.66 -8.50
C ALA D 209 -19.84 2.76 -8.49
N VAL D 210 -20.02 2.01 -7.40
CA VAL D 210 -21.07 1.00 -7.30
C VAL D 210 -22.28 1.61 -6.61
N THR D 211 -23.41 1.63 -7.30
CA THR D 211 -24.66 2.13 -6.75
C THR D 211 -25.72 1.04 -6.85
N ALA D 212 -26.49 0.86 -5.78
CA ALA D 212 -27.64 -0.04 -5.85
C ALA D 212 -28.71 0.58 -6.73
N ALA D 213 -29.33 -0.25 -7.56
CA ALA D 213 -30.35 0.23 -8.48
C ALA D 213 -31.69 0.48 -7.78
N ASN D 214 -31.90 -0.12 -6.61
CA ASN D 214 -33.10 0.14 -5.82
C ASN D 214 -32.98 1.41 -4.98
N VAL D 215 -32.02 2.28 -5.30
CA VAL D 215 -31.85 3.57 -4.64
C VAL D 215 -31.78 4.64 -5.71
N ASP D 216 -32.39 5.78 -5.44
CA ASP D 216 -32.30 6.90 -6.37
C ASP D 216 -30.83 7.25 -6.57
N LEU D 217 -30.46 7.51 -7.82
CA LEU D 217 -29.05 7.72 -8.15
C LEU D 217 -28.48 8.95 -7.44
N ALA D 218 -29.32 9.95 -7.15
CA ALA D 218 -28.84 11.18 -6.54
C ALA D 218 -28.30 10.95 -5.12
N ASN D 219 -28.51 9.77 -4.54
CA ASN D 219 -27.98 9.45 -3.23
C ASN D 219 -26.67 8.69 -3.29
N SER D 220 -26.13 8.45 -4.47
CA SER D 220 -24.97 7.57 -4.60
C SER D 220 -23.74 8.20 -3.94
N ASP D 221 -23.22 7.55 -2.90
CA ASP D 221 -21.97 7.99 -2.30
C ASP D 221 -20.80 7.73 -3.25
N GLY D 222 -20.84 6.62 -3.97
CA GLY D 222 -19.76 6.30 -4.89
C GLY D 222 -19.57 7.37 -5.95
N LEU D 223 -20.67 7.79 -6.58
CA LEU D 223 -20.58 8.84 -7.59
C LEU D 223 -20.14 10.16 -6.98
N LYS D 224 -20.64 10.49 -5.80
CA LYS D 224 -20.19 11.72 -5.13
C LYS D 224 -18.68 11.71 -4.98
N LEU D 225 -18.13 10.64 -4.42
CA LEU D 225 -16.69 10.55 -4.17
C LEU D 225 -15.90 10.57 -5.49
N ALA D 226 -16.35 9.78 -6.46
CA ALA D 226 -15.66 9.74 -7.75
C ALA D 226 -15.64 11.11 -8.41
N ARG D 227 -16.78 11.80 -8.44
CA ARG D 227 -16.83 13.13 -9.01
C ARG D 227 -15.96 14.08 -8.20
N GLU D 228 -15.79 13.81 -6.90
CA GLU D 228 -14.91 14.63 -6.08
C GLU D 228 -13.47 14.50 -6.54
N VAL D 229 -13.05 13.29 -6.90
CA VAL D 229 -11.65 13.08 -7.31
C VAL D 229 -11.51 13.14 -8.83
N ASP D 230 -12.53 12.71 -9.57
CA ASP D 230 -12.48 12.66 -11.03
C ASP D 230 -13.63 13.46 -11.62
N PRO D 231 -13.57 14.80 -11.57
CA PRO D 231 -14.66 15.59 -12.15
C PRO D 231 -14.79 15.42 -13.65
N GLU D 232 -13.68 15.28 -14.37
CA GLU D 232 -13.77 15.12 -15.81
C GLU D 232 -14.23 13.73 -16.22
N GLY D 233 -14.38 12.81 -15.27
CA GLY D 233 -14.93 11.49 -15.55
C GLY D 233 -14.13 10.67 -16.54
N GLN D 234 -12.82 10.86 -16.61
CA GLN D 234 -12.01 10.06 -17.53
C GLN D 234 -11.67 8.69 -16.98
N ARG D 235 -12.00 8.39 -15.72
CA ARG D 235 -11.63 7.10 -15.15
C ARG D 235 -12.66 6.57 -14.16
N THR D 236 -13.94 6.89 -14.36
CA THR D 236 -15.01 6.42 -13.51
C THR D 236 -15.97 5.56 -14.32
N ILE D 237 -16.22 4.36 -13.84
CA ILE D 237 -17.21 3.45 -14.42
C ILE D 237 -18.32 3.29 -13.40
N GLY D 238 -19.55 3.62 -13.80
CA GLY D 238 -20.69 3.42 -12.93
C GLY D 238 -21.18 1.99 -13.04
N VAL D 239 -21.41 1.35 -11.89
CA VAL D 239 -21.88 -0.02 -11.84
C VAL D 239 -23.16 -0.04 -11.05
N LEU D 240 -24.26 -0.41 -11.70
CA LEU D 240 -25.59 -0.39 -11.10
C LEU D 240 -25.93 -1.82 -10.69
N THR D 241 -25.92 -2.07 -9.39
CA THR D 241 -26.17 -3.39 -8.83
C THR D 241 -27.63 -3.52 -8.37
N LYS D 242 -27.98 -4.73 -7.97
CA LYS D 242 -29.29 -5.02 -7.39
C LYS D 242 -30.43 -4.66 -8.33
N VAL D 243 -30.21 -4.80 -9.64
CA VAL D 243 -31.25 -4.51 -10.61
C VAL D 243 -32.41 -5.50 -10.52
N ASP D 244 -32.18 -6.70 -9.97
CA ASP D 244 -33.23 -7.69 -9.80
C ASP D 244 -34.09 -7.42 -8.57
N LEU D 245 -33.81 -6.35 -7.81
CA LEU D 245 -34.56 -6.01 -6.61
C LEU D 245 -35.33 -4.70 -6.76
N MET D 246 -35.49 -4.21 -7.98
CA MET D 246 -36.12 -2.91 -8.19
C MET D 246 -37.64 -3.03 -8.06
N ASP D 247 -38.26 -1.94 -7.62
CA ASP D 247 -39.72 -1.89 -7.52
C ASP D 247 -40.34 -2.24 -8.86
N GLU D 248 -41.41 -3.02 -8.83
CA GLU D 248 -42.07 -3.43 -10.06
C GLU D 248 -42.50 -2.21 -10.85
N GLY D 249 -42.21 -2.23 -12.15
CA GLY D 249 -42.53 -1.12 -13.02
C GLY D 249 -41.41 -0.12 -13.22
N THR D 250 -40.31 -0.23 -12.49
CA THR D 250 -39.18 0.68 -12.64
C THR D 250 -37.99 -0.04 -13.26
N ASP D 251 -37.13 0.75 -13.90
CA ASP D 251 -35.93 0.23 -14.54
C ASP D 251 -34.89 1.33 -14.60
N VAL D 252 -33.68 0.97 -15.02
CA VAL D 252 -32.56 1.90 -15.08
C VAL D 252 -32.23 2.27 -16.51
N VAL D 253 -33.22 2.18 -17.41
CA VAL D 253 -32.97 2.45 -18.81
C VAL D 253 -32.53 3.90 -19.01
N ASP D 254 -33.10 4.81 -18.24
CA ASP D 254 -32.75 6.22 -18.36
C ASP D 254 -31.31 6.46 -17.92
N ILE D 255 -30.86 5.74 -16.89
CA ILE D 255 -29.52 5.93 -16.36
C ILE D 255 -28.46 5.45 -17.33
N LEU D 256 -28.65 4.25 -17.89
CA LEU D 256 -27.64 3.70 -18.80
C LEU D 256 -27.42 4.63 -20.00
N ALA D 257 -28.48 5.24 -20.51
CA ALA D 257 -28.39 6.14 -21.64
C ALA D 257 -27.81 7.50 -21.29
N GLY D 258 -27.54 7.77 -20.01
CA GLY D 258 -26.97 9.04 -19.63
C GLY D 258 -27.97 10.17 -19.55
N ARG D 259 -29.20 9.87 -19.14
CA ARG D 259 -30.27 10.86 -19.11
C ARG D 259 -30.46 11.49 -17.73
N ILE D 260 -29.80 10.97 -16.70
CA ILE D 260 -29.95 11.48 -15.34
C ILE D 260 -28.65 12.14 -14.92
N ILE D 261 -27.61 11.34 -14.79
CA ILE D 261 -26.27 11.84 -14.45
C ILE D 261 -25.31 11.25 -15.47
N PRO D 262 -24.95 11.98 -16.53
CA PRO D 262 -24.15 11.37 -17.59
C PRO D 262 -22.76 11.00 -17.10
N LEU D 263 -22.26 9.89 -17.62
CA LEU D 263 -20.90 9.45 -17.35
C LEU D 263 -20.22 9.18 -18.68
N ARG D 264 -19.06 9.80 -18.88
CA ARG D 264 -18.30 9.57 -20.11
C ARG D 264 -18.18 8.09 -20.42
N LEU D 265 -17.74 7.31 -19.44
CA LEU D 265 -17.58 5.87 -19.63
C LEU D 265 -18.87 5.10 -19.44
N GLY D 266 -19.97 5.78 -19.13
CA GLY D 266 -21.28 5.15 -19.11
C GLY D 266 -21.52 4.34 -17.85
N TYR D 267 -22.63 3.62 -17.86
CA TYR D 267 -23.05 2.78 -16.76
C TYR D 267 -23.15 1.33 -17.22
N VAL D 268 -22.99 0.42 -16.26
CA VAL D 268 -23.09 -1.02 -16.52
C VAL D 268 -24.01 -1.62 -15.46
N PRO D 269 -25.16 -2.20 -15.83
CA PRO D 269 -25.97 -2.90 -14.84
C PRO D 269 -25.46 -4.31 -14.59
N VAL D 270 -25.65 -4.78 -13.37
CA VAL D 270 -25.16 -6.08 -12.96
C VAL D 270 -26.16 -6.69 -11.99
N VAL D 271 -26.22 -8.02 -11.96
CA VAL D 271 -27.04 -8.77 -11.01
C VAL D 271 -26.14 -9.84 -10.40
N ASN D 272 -25.68 -9.59 -9.18
CA ASN D 272 -24.84 -10.53 -8.46
C ASN D 272 -25.71 -11.43 -7.59
N ARG D 273 -25.08 -12.32 -6.83
CA ARG D 273 -25.82 -13.27 -6.01
C ARG D 273 -26.46 -12.57 -4.81
N GLY D 274 -27.75 -12.82 -4.60
CA GLY D 274 -28.45 -12.29 -3.47
C GLY D 274 -28.00 -12.94 -2.17
N GLN D 275 -28.65 -12.54 -1.07
CA GLN D 275 -28.26 -13.05 0.24
C GLN D 275 -28.64 -14.52 0.41
N ARG D 276 -29.81 -14.91 -0.07
CA ARG D 276 -30.18 -16.32 -0.06
C ARG D 276 -29.18 -17.14 -0.86
N ASP D 277 -28.78 -16.61 -2.02
CA ASP D 277 -27.79 -17.30 -2.85
C ASP D 277 -26.45 -17.40 -2.14
N ILE D 278 -26.06 -16.35 -1.42
CA ILE D 278 -24.81 -16.39 -0.66
C ILE D 278 -24.88 -17.47 0.41
N ASP D 279 -25.98 -17.53 1.14
CA ASP D 279 -26.11 -18.51 2.21
C ASP D 279 -26.02 -19.93 1.67
N ASN D 280 -26.58 -20.16 0.48
CA ASN D 280 -26.53 -21.47 -0.15
C ASN D 280 -25.23 -21.72 -0.91
N LYS D 281 -24.28 -20.79 -0.85
CA LYS D 281 -22.97 -20.94 -1.51
C LYS D 281 -23.15 -21.24 -3.00
N LYS D 282 -24.02 -20.47 -3.64
CA LYS D 282 -24.26 -20.64 -5.06
C LYS D 282 -22.99 -20.37 -5.86
N PRO D 283 -22.62 -21.24 -6.80
CA PRO D 283 -21.39 -21.01 -7.58
C PRO D 283 -21.50 -19.81 -8.50
N ILE D 284 -20.34 -19.35 -8.96
CA ILE D 284 -20.28 -18.17 -9.82
C ILE D 284 -20.89 -18.46 -11.19
N THR D 285 -20.71 -19.69 -11.68
CA THR D 285 -21.19 -20.03 -13.02
C THR D 285 -22.71 -19.94 -13.08
N ALA D 286 -23.40 -20.48 -12.07
CA ALA D 286 -24.85 -20.38 -12.02
C ALA D 286 -25.29 -18.93 -11.94
N ALA D 287 -24.56 -18.12 -11.17
CA ALA D 287 -24.91 -16.70 -11.03
C ALA D 287 -24.78 -15.97 -12.36
N LEU D 288 -23.70 -16.26 -13.11
CA LEU D 288 -23.49 -15.60 -14.39
C LEU D 288 -24.53 -16.05 -15.42
N GLU D 289 -24.85 -17.35 -15.44
CA GLU D 289 -25.92 -17.83 -16.33
C GLU D 289 -27.25 -17.17 -15.97
N ALA D 290 -27.52 -17.01 -14.68
CA ALA D 290 -28.76 -16.36 -14.26
C ALA D 290 -28.78 -14.90 -14.66
N GLU D 291 -27.66 -14.20 -14.53
CA GLU D 291 -27.58 -12.80 -14.97
C GLU D 291 -27.82 -12.69 -16.47
N LYS D 292 -27.16 -13.54 -17.27
CA LYS D 292 -27.36 -13.53 -18.71
C LYS D 292 -28.84 -13.74 -19.06
N ALA D 293 -29.47 -14.74 -18.44
CA ALA D 293 -30.88 -15.00 -18.70
C ALA D 293 -31.74 -13.82 -18.27
N PHE D 294 -31.47 -13.26 -17.09
CA PHE D 294 -32.22 -12.12 -16.60
C PHE D 294 -32.21 -10.98 -17.61
N PHE D 295 -31.03 -10.61 -18.11
CA PHE D 295 -30.96 -9.49 -19.03
C PHE D 295 -31.44 -9.84 -20.44
N GLU D 296 -31.42 -11.11 -20.82
CA GLU D 296 -31.98 -11.50 -22.11
C GLU D 296 -33.50 -11.69 -22.06
N ASN D 297 -34.10 -11.77 -20.87
CA ASN D 297 -35.52 -12.05 -20.74
C ASN D 297 -36.35 -10.90 -20.17
N HIS D 298 -35.73 -9.80 -19.72
CA HIS D 298 -36.48 -8.69 -19.15
C HIS D 298 -36.81 -7.67 -20.22
N LYS D 299 -38.10 -7.33 -20.33
CA LYS D 299 -38.59 -6.52 -21.44
C LYS D 299 -37.80 -5.22 -21.61
N ALA D 300 -37.24 -4.70 -20.52
CA ALA D 300 -36.57 -3.41 -20.58
C ALA D 300 -35.12 -3.50 -21.04
N TYR D 301 -34.52 -4.69 -20.99
CA TYR D 301 -33.10 -4.85 -21.30
C TYR D 301 -32.82 -5.79 -22.46
N ARG D 302 -33.83 -6.46 -23.03
CA ARG D 302 -33.58 -7.38 -24.13
C ARG D 302 -32.79 -6.69 -25.25
N ASN D 303 -33.35 -5.60 -25.79
CA ASN D 303 -32.77 -4.93 -26.93
C ASN D 303 -31.34 -4.45 -26.71
N LYS D 304 -30.87 -4.43 -25.45
CA LYS D 304 -29.50 -4.01 -25.15
C LYS D 304 -28.83 -4.99 -24.21
N SER D 305 -29.21 -6.28 -24.28
CA SER D 305 -28.64 -7.26 -23.37
C SER D 305 -27.14 -7.35 -23.51
N ALA D 306 -26.61 -7.09 -24.71
CA ALA D 306 -25.17 -7.15 -24.92
C ALA D 306 -24.42 -6.10 -24.11
N TYR D 307 -25.11 -5.03 -23.69
CA TYR D 307 -24.49 -3.95 -22.92
C TYR D 307 -24.77 -4.08 -21.43
N CYS D 308 -25.16 -5.28 -20.98
CA CYS D 308 -25.51 -5.51 -19.58
C CYS D 308 -24.74 -6.73 -19.07
N GLY D 309 -24.45 -6.70 -17.77
CA GLY D 309 -23.83 -7.82 -17.09
C GLY D 309 -22.35 -7.62 -16.85
N THR D 310 -21.78 -8.56 -16.09
CA THR D 310 -20.34 -8.51 -15.81
C THR D 310 -19.48 -8.57 -17.07
N PRO D 311 -19.80 -9.38 -18.09
CA PRO D 311 -18.95 -9.39 -19.28
C PRO D 311 -18.75 -8.03 -19.92
N TYR D 312 -19.78 -7.19 -19.94
CA TYR D 312 -19.64 -5.88 -20.59
C TYR D 312 -18.77 -4.95 -19.76
N LEU D 313 -18.90 -5.02 -18.43
CA LEU D 313 -18.00 -4.27 -17.56
C LEU D 313 -16.56 -4.71 -17.78
N ALA D 314 -16.35 -6.04 -17.91
CA ALA D 314 -15.02 -6.56 -18.20
C ALA D 314 -14.51 -6.04 -19.54
N ARG D 315 -15.38 -5.94 -20.53
CA ARG D 315 -14.97 -5.42 -21.83
C ARG D 315 -14.54 -3.95 -21.72
N LYS D 316 -15.29 -3.16 -20.94
CA LYS D 316 -14.90 -1.77 -20.70
C LYS D 316 -13.53 -1.69 -20.05
N LEU D 317 -13.31 -2.49 -19.00
CA LEU D 317 -12.03 -2.47 -18.29
C LEU D 317 -10.89 -2.91 -19.21
N ASN D 318 -11.12 -3.94 -20.02
CA ASN D 318 -10.11 -4.39 -20.97
C ASN D 318 -9.77 -3.30 -21.97
N LEU D 319 -10.79 -2.58 -22.46
CA LEU D 319 -10.54 -1.49 -23.40
C LEU D 319 -9.70 -0.41 -22.74
N ILE D 320 -9.97 -0.10 -21.47
CA ILE D 320 -9.16 0.90 -20.78
C ILE D 320 -7.71 0.44 -20.66
N LEU D 321 -7.51 -0.84 -20.34
CA LEU D 321 -6.15 -1.36 -20.22
C LEU D 321 -5.42 -1.31 -21.56
N MET D 322 -6.11 -1.66 -22.65
CA MET D 322 -5.48 -1.58 -23.95
C MET D 322 -5.14 -0.14 -24.32
N MET D 323 -5.99 0.82 -23.93
CA MET D 323 -5.65 2.22 -24.12
C MET D 323 -4.34 2.56 -23.41
N HIS D 324 -4.23 2.16 -22.15
CA HIS D 324 -3.03 2.46 -21.39
C HIS D 324 -1.79 1.81 -21.99
N ILE D 325 -1.96 0.62 -22.58
CA ILE D 325 -0.82 -0.05 -23.19
C ILE D 325 -0.41 0.65 -24.49
N LYS D 326 -1.37 0.84 -25.39
CA LYS D 326 -1.07 1.42 -26.70
C LYS D 326 -0.69 2.89 -26.63
N GLN D 327 -1.00 3.59 -25.54
CA GLN D 327 -0.60 4.99 -25.42
C GLN D 327 0.91 5.15 -25.23
N THR D 328 1.63 4.10 -24.89
CA THR D 328 3.07 4.16 -24.65
C THR D 328 3.90 3.67 -25.84
N LEU D 329 3.29 3.41 -26.99
CA LEU D 329 4.04 2.82 -28.09
C LEU D 329 4.77 3.82 -28.98
N PRO D 330 4.36 5.09 -29.05
CA PRO D 330 5.10 6.04 -29.89
C PRO D 330 6.51 6.28 -29.37
N ASP D 331 6.63 6.58 -28.07
CA ASP D 331 7.95 6.78 -27.49
C ASP D 331 8.78 5.50 -27.56
N ILE D 332 8.13 4.34 -27.43
CA ILE D 332 8.85 3.08 -27.54
C ILE D 332 9.39 2.90 -28.97
N LYS D 333 8.58 3.22 -29.98
CA LYS D 333 9.05 3.13 -31.36
C LYS D 333 10.24 4.05 -31.57
N GLN D 334 10.15 5.29 -31.07
CA GLN D 334 11.26 6.22 -31.22
C GLN D 334 12.51 5.69 -30.53
N ARG D 335 12.35 5.13 -29.32
CA ARG D 335 13.50 4.59 -28.59
C ARG D 335 14.13 3.42 -29.33
N ILE D 336 13.31 2.51 -29.87
CA ILE D 336 13.85 1.39 -30.61
C ILE D 336 14.60 1.88 -31.84
N SER D 337 14.05 2.88 -32.53
CA SER D 337 14.73 3.44 -33.69
C SER D 337 16.09 4.00 -33.30
N SER D 338 16.13 4.78 -32.20
CA SER D 338 17.40 5.36 -31.75
C SER D 338 18.40 4.28 -31.36
N SER D 339 17.95 3.26 -30.63
CA SER D 339 18.85 2.18 -30.23
C SER D 339 19.43 1.47 -31.44
N LEU D 340 18.60 1.22 -32.46
CA LEU D 340 19.10 0.58 -33.67
C LEU D 340 20.10 1.47 -34.37
N GLN D 341 19.81 2.77 -34.47
CA GLN D 341 20.73 3.71 -35.09
C GLN D 341 22.08 3.72 -34.37
N LYS D 342 22.07 3.69 -33.04
CA LYS D 342 23.33 3.74 -32.30
C LYS D 342 24.21 2.54 -32.62
N TYR D 343 23.67 1.34 -32.53
CA TYR D 343 24.45 0.13 -32.83
C TYR D 343 24.77 0.08 -34.33
N GLU D 372 28.51 -10.24 -30.45
CA GLU D 372 27.57 -9.64 -29.51
C GLU D 372 26.76 -8.54 -30.17
N CYS D 373 27.44 -7.68 -30.94
CA CYS D 373 26.76 -6.55 -31.57
C CYS D 373 25.77 -7.03 -32.63
N GLN D 374 26.18 -8.02 -33.43
CA GLN D 374 25.28 -8.58 -34.44
C GLN D 374 24.08 -9.24 -33.79
N GLN D 375 24.30 -9.91 -32.66
CA GLN D 375 23.19 -10.49 -31.92
C GLN D 375 22.21 -9.40 -31.48
N MET D 376 22.73 -8.26 -31.02
CA MET D 376 21.84 -7.17 -30.61
C MET D 376 21.07 -6.60 -31.79
N VAL D 377 21.71 -6.50 -32.96
CA VAL D 377 21.01 -6.03 -34.15
C VAL D 377 19.88 -6.99 -34.52
N GLU D 378 20.20 -8.28 -34.55
CA GLU D 378 19.19 -9.29 -34.85
C GLU D 378 18.04 -9.23 -33.85
N SER D 379 18.37 -9.04 -32.56
CA SER D 379 17.33 -8.99 -31.54
C SER D 379 16.43 -7.77 -31.71
N LEU D 380 17.02 -6.62 -32.05
CA LEU D 380 16.22 -5.43 -32.28
C LEU D 380 15.32 -5.61 -33.51
N GLN D 381 15.83 -6.27 -34.55
CA GLN D 381 15.01 -6.52 -35.73
C GLN D 381 13.87 -7.46 -35.41
N ARG D 382 14.12 -8.51 -34.62
CA ARG D 382 13.06 -9.39 -34.17
C ARG D 382 12.04 -8.62 -33.34
N ALA D 383 12.51 -7.67 -32.53
CA ALA D 383 11.62 -6.90 -31.68
C ALA D 383 10.66 -6.04 -32.51
N ALA D 384 11.17 -5.41 -33.56
CA ALA D 384 10.33 -4.61 -34.45
C ALA D 384 9.21 -5.47 -35.04
#